data_4P3K
# 
_entry.id   4P3K 
# 
_audit_conform.dict_name       mmcif_pdbx.dic 
_audit_conform.dict_version    5.383 
_audit_conform.dict_location   http://mmcif.pdb.org/dictionaries/ascii/mmcif_pdbx.dic 
# 
loop_
_database_2.database_id 
_database_2.database_code 
_database_2.pdbx_database_accession 
_database_2.pdbx_DOI 
PDB   4P3K         pdb_00004p3k 10.2210/pdb4p3k/pdb 
WWPDB D_1000200633 ?            ?                   
# 
loop_
_pdbx_audit_revision_history.ordinal 
_pdbx_audit_revision_history.data_content_type 
_pdbx_audit_revision_history.major_revision 
_pdbx_audit_revision_history.minor_revision 
_pdbx_audit_revision_history.revision_date 
1 'Structure model' 1 0 2014-12-17 
2 'Structure model' 1 1 2014-12-31 
3 'Structure model' 1 2 2015-01-14 
4 'Structure model' 1 3 2015-02-04 
5 'Structure model' 1 4 2023-12-27 
# 
_pdbx_audit_revision_details.ordinal             1 
_pdbx_audit_revision_details.revision_ordinal    1 
_pdbx_audit_revision_details.data_content_type   'Structure model' 
_pdbx_audit_revision_details.provider            repository 
_pdbx_audit_revision_details.type                'Initial release' 
_pdbx_audit_revision_details.description         ? 
_pdbx_audit_revision_details.details             ? 
# 
loop_
_pdbx_audit_revision_group.ordinal 
_pdbx_audit_revision_group.revision_ordinal 
_pdbx_audit_revision_group.data_content_type 
_pdbx_audit_revision_group.group 
1 2 'Structure model' 'Database references'  
2 3 'Structure model' 'Database references'  
3 4 'Structure model' 'Derived calculations' 
4 5 'Structure model' 'Data collection'      
5 5 'Structure model' 'Database references'  
6 5 'Structure model' 'Derived calculations' 
7 5 'Structure model' 'Source and taxonomy'  
# 
loop_
_pdbx_audit_revision_category.ordinal 
_pdbx_audit_revision_category.revision_ordinal 
_pdbx_audit_revision_category.data_content_type 
_pdbx_audit_revision_category.category 
1 5 'Structure model' chem_comp_atom        
2 5 'Structure model' chem_comp_bond        
3 5 'Structure model' citation              
4 5 'Structure model' database_2            
5 5 'Structure model' diffrn_source         
6 5 'Structure model' entity_src_gen        
7 5 'Structure model' pdbx_struct_oper_list 
# 
loop_
_pdbx_audit_revision_item.ordinal 
_pdbx_audit_revision_item.revision_ordinal 
_pdbx_audit_revision_item.data_content_type 
_pdbx_audit_revision_item.item 
1 5 'Structure model' '_citation.journal_id_CSD'                  
2 5 'Structure model' '_database_2.pdbx_DOI'                      
3 5 'Structure model' '_database_2.pdbx_database_accession'       
4 5 'Structure model' '_diffrn_source.pdbx_synchrotron_site'      
5 5 'Structure model' '_entity_src_gen.pdbx_alt_source_flag'      
6 5 'Structure model' '_pdbx_struct_oper_list.symmetry_operation' 
# 
_pdbx_database_status.status_code                     REL 
_pdbx_database_status.status_code_sf                  REL 
_pdbx_database_status.status_code_mr                  . 
_pdbx_database_status.entry_id                        4P3K 
_pdbx_database_status.recvd_initial_deposition_date   2014-03-08 
_pdbx_database_status.SG_entry                        N 
_pdbx_database_status.deposit_site                    RCSB 
_pdbx_database_status.process_site                    RCSB 
_pdbx_database_status.status_code_cs                  . 
_pdbx_database_status.methods_development_category    . 
_pdbx_database_status.pdb_format_compatible           Y 
_pdbx_database_status.status_code_nmr_data            ? 
# 
loop_
_audit_author.name 
_audit_author.pdbx_ordinal 
'Perica, T.'      1 
'Kondo, Y.'       2 
'Tiwari, S.'      3 
'McLaughlin, S.'  4 
'Steward, A.'     5 
'Reuter, N.'      6 
'Clarke, J.'      7 
'Teichmann, S.A.' 8 
# 
_citation.abstract                  . 
_citation.abstract_id_CAS           . 
_citation.book_id_ISBN              . 
_citation.book_publisher            ? 
_citation.book_publisher_city       . 
_citation.book_title                . 
_citation.coordinate_linkage        . 
_citation.country                   US 
_citation.database_id_Medline       . 
_citation.details                   . 
_citation.id                        primary 
_citation.journal_abbrev            Science 
_citation.journal_id_ASTM           SCIEAS 
_citation.journal_id_CSD            0038 
_citation.journal_id_ISSN           1095-9203 
_citation.journal_full              . 
_citation.journal_issue             . 
_citation.journal_volume            346 
_citation.language                  . 
_citation.page_first                1254346 
_citation.page_last                 1254346 
_citation.title                     'Evolution of oligomeric state through allosteric pathways that mimic ligand binding.' 
_citation.year                      2014 
_citation.database_id_CSD           . 
_citation.pdbx_database_id_DOI      10.1126/science.1254346 
_citation.pdbx_database_id_PubMed   25525255 
_citation.unpublished_flag          . 
# 
loop_
_citation_author.citation_id 
_citation_author.name 
_citation_author.ordinal 
_citation_author.identifier_ORCID 
primary 'Perica, T.'       1  ? 
primary 'Kondo, Y.'        2  ? 
primary 'Tiwari, S.P.'     3  ? 
primary 'McLaughlin, S.H.' 4  ? 
primary 'Kemplen, K.R.'    5  ? 
primary 'Zhang, X.'        6  ? 
primary 'Steward, A.'      7  ? 
primary 'Reuter, N.'       8  ? 
primary 'Clarke, J.'       9  ? 
primary 'Teichmann, S.A.'  10 ? 
# 
loop_
_entity.id 
_entity.type 
_entity.src_method 
_entity.pdbx_description 
_entity.formula_weight 
_entity.pdbx_number_of_molecules 
_entity.pdbx_ec 
_entity.pdbx_mutation 
_entity.pdbx_fragment 
_entity.details 
1 polymer     man 'Ancestral PyrR protein (Plum)' 20082.109 1   ? ? ? ? 
2 non-polymer syn 'SULFATE ION'                   96.063    2   ? ? ? ? 
3 non-polymer syn 'SODIUM ION'                    22.990    1   ? ? ? ? 
4 non-polymer syn 'PENTAETHYLENE GLYCOL'          238.278   1   ? ? ? ? 
5 water       nat water                           18.015    137 ? ? ? ? 
# 
_entity_poly.entity_id                      1 
_entity_poly.type                           'polypeptide(L)' 
_entity_poly.nstd_linkage                   no 
_entity_poly.nstd_monomer                   no 
_entity_poly.pdbx_seq_one_letter_code       
;GSQEKAVVLDEQAIRRALTRIAHEIIERNKGVDNCVLVGIKTRGIYLAKRLAERIEQIEGKPVPVGEIDITLYRDDLTVT
SNKEPLVKGTDIPVDITDKKVILVDDVLYTGRTVRAGMDALMDLGRPSQIQLAVLVDRGHRELPIRADYVGKNVPTSKSE
RIVVQLSEVDGQDRVSIYEK
;
_entity_poly.pdbx_seq_one_letter_code_can   
;GSQEKAVVLDEQAIRRALTRIAHEIIERNKGVDNCVLVGIKTRGIYLAKRLAERIEQIEGKPVPVGEIDITLYRDDLTVT
SNKEPLVKGTDIPVDITDKKVILVDDVLYTGRTVRAGMDALMDLGRPSQIQLAVLVDRGHRELPIRADYVGKNVPTSKSE
RIVVQLSEVDGQDRVSIYEK
;
_entity_poly.pdbx_strand_id                 A 
_entity_poly.pdbx_target_identifier         ? 
# 
loop_
_pdbx_entity_nonpoly.entity_id 
_pdbx_entity_nonpoly.name 
_pdbx_entity_nonpoly.comp_id 
2 'SULFATE ION'          SO4 
3 'SODIUM ION'           NA  
4 'PENTAETHYLENE GLYCOL' 1PE 
5 water                  HOH 
# 
loop_
_entity_poly_seq.entity_id 
_entity_poly_seq.num 
_entity_poly_seq.mon_id 
_entity_poly_seq.hetero 
1 1   GLY n 
1 2   SER n 
1 3   GLN n 
1 4   GLU n 
1 5   LYS n 
1 6   ALA n 
1 7   VAL n 
1 8   VAL n 
1 9   LEU n 
1 10  ASP n 
1 11  GLU n 
1 12  GLN n 
1 13  ALA n 
1 14  ILE n 
1 15  ARG n 
1 16  ARG n 
1 17  ALA n 
1 18  LEU n 
1 19  THR n 
1 20  ARG n 
1 21  ILE n 
1 22  ALA n 
1 23  HIS n 
1 24  GLU n 
1 25  ILE n 
1 26  ILE n 
1 27  GLU n 
1 28  ARG n 
1 29  ASN n 
1 30  LYS n 
1 31  GLY n 
1 32  VAL n 
1 33  ASP n 
1 34  ASN n 
1 35  CYS n 
1 36  VAL n 
1 37  LEU n 
1 38  VAL n 
1 39  GLY n 
1 40  ILE n 
1 41  LYS n 
1 42  THR n 
1 43  ARG n 
1 44  GLY n 
1 45  ILE n 
1 46  TYR n 
1 47  LEU n 
1 48  ALA n 
1 49  LYS n 
1 50  ARG n 
1 51  LEU n 
1 52  ALA n 
1 53  GLU n 
1 54  ARG n 
1 55  ILE n 
1 56  GLU n 
1 57  GLN n 
1 58  ILE n 
1 59  GLU n 
1 60  GLY n 
1 61  LYS n 
1 62  PRO n 
1 63  VAL n 
1 64  PRO n 
1 65  VAL n 
1 66  GLY n 
1 67  GLU n 
1 68  ILE n 
1 69  ASP n 
1 70  ILE n 
1 71  THR n 
1 72  LEU n 
1 73  TYR n 
1 74  ARG n 
1 75  ASP n 
1 76  ASP n 
1 77  LEU n 
1 78  THR n 
1 79  VAL n 
1 80  THR n 
1 81  SER n 
1 82  ASN n 
1 83  LYS n 
1 84  GLU n 
1 85  PRO n 
1 86  LEU n 
1 87  VAL n 
1 88  LYS n 
1 89  GLY n 
1 90  THR n 
1 91  ASP n 
1 92  ILE n 
1 93  PRO n 
1 94  VAL n 
1 95  ASP n 
1 96  ILE n 
1 97  THR n 
1 98  ASP n 
1 99  LYS n 
1 100 LYS n 
1 101 VAL n 
1 102 ILE n 
1 103 LEU n 
1 104 VAL n 
1 105 ASP n 
1 106 ASP n 
1 107 VAL n 
1 108 LEU n 
1 109 TYR n 
1 110 THR n 
1 111 GLY n 
1 112 ARG n 
1 113 THR n 
1 114 VAL n 
1 115 ARG n 
1 116 ALA n 
1 117 GLY n 
1 118 MET n 
1 119 ASP n 
1 120 ALA n 
1 121 LEU n 
1 122 MET n 
1 123 ASP n 
1 124 LEU n 
1 125 GLY n 
1 126 ARG n 
1 127 PRO n 
1 128 SER n 
1 129 GLN n 
1 130 ILE n 
1 131 GLN n 
1 132 LEU n 
1 133 ALA n 
1 134 VAL n 
1 135 LEU n 
1 136 VAL n 
1 137 ASP n 
1 138 ARG n 
1 139 GLY n 
1 140 HIS n 
1 141 ARG n 
1 142 GLU n 
1 143 LEU n 
1 144 PRO n 
1 145 ILE n 
1 146 ARG n 
1 147 ALA n 
1 148 ASP n 
1 149 TYR n 
1 150 VAL n 
1 151 GLY n 
1 152 LYS n 
1 153 ASN n 
1 154 VAL n 
1 155 PRO n 
1 156 THR n 
1 157 SER n 
1 158 LYS n 
1 159 SER n 
1 160 GLU n 
1 161 ARG n 
1 162 ILE n 
1 163 VAL n 
1 164 VAL n 
1 165 GLN n 
1 166 LEU n 
1 167 SER n 
1 168 GLU n 
1 169 VAL n 
1 170 ASP n 
1 171 GLY n 
1 172 GLN n 
1 173 ASP n 
1 174 ARG n 
1 175 VAL n 
1 176 SER n 
1 177 ILE n 
1 178 TYR n 
1 179 GLU n 
1 180 LYS n 
# 
_entity_src_gen.entity_id                          1 
_entity_src_gen.pdbx_src_id                        1 
_entity_src_gen.pdbx_alt_source_flag               sample 
_entity_src_gen.pdbx_seq_type                      'Biological sequence' 
_entity_src_gen.pdbx_beg_seq_num                   1 
_entity_src_gen.pdbx_end_seq_num                   180 
_entity_src_gen.gene_src_common_name               ? 
_entity_src_gen.gene_src_genus                     ? 
_entity_src_gen.pdbx_gene_src_gene                 ? 
_entity_src_gen.gene_src_species                   ? 
_entity_src_gen.gene_src_strain                    ? 
_entity_src_gen.gene_src_tissue                    ? 
_entity_src_gen.gene_src_tissue_fraction           ? 
_entity_src_gen.gene_src_details                   ? 
_entity_src_gen.pdbx_gene_src_fragment             ? 
_entity_src_gen.pdbx_gene_src_scientific_name      'synthetic construct' 
_entity_src_gen.pdbx_gene_src_ncbi_taxonomy_id     32630 
_entity_src_gen.pdbx_gene_src_variant              ? 
_entity_src_gen.pdbx_gene_src_cell_line            ? 
_entity_src_gen.pdbx_gene_src_atcc                 ? 
_entity_src_gen.pdbx_gene_src_organ                ? 
_entity_src_gen.pdbx_gene_src_organelle            ? 
_entity_src_gen.pdbx_gene_src_cell                 ? 
_entity_src_gen.pdbx_gene_src_cellular_location    ? 
_entity_src_gen.host_org_common_name               ? 
_entity_src_gen.pdbx_host_org_scientific_name      Bacteria 
_entity_src_gen.pdbx_host_org_ncbi_taxonomy_id     2 
_entity_src_gen.host_org_genus                     ? 
_entity_src_gen.pdbx_host_org_gene                 ? 
_entity_src_gen.pdbx_host_org_organ                ? 
_entity_src_gen.host_org_species                   ? 
_entity_src_gen.pdbx_host_org_tissue               ? 
_entity_src_gen.pdbx_host_org_tissue_fraction      ? 
_entity_src_gen.pdbx_host_org_strain               ? 
_entity_src_gen.pdbx_host_org_variant              ? 
_entity_src_gen.pdbx_host_org_cell_line            ? 
_entity_src_gen.pdbx_host_org_atcc                 ? 
_entity_src_gen.pdbx_host_org_culture_collection   ? 
_entity_src_gen.pdbx_host_org_cell                 ? 
_entity_src_gen.pdbx_host_org_organelle            ? 
_entity_src_gen.pdbx_host_org_cellular_location    ? 
_entity_src_gen.pdbx_host_org_vector_type          ? 
_entity_src_gen.pdbx_host_org_vector               ? 
_entity_src_gen.host_org_details                   ? 
_entity_src_gen.expression_system_id               ? 
_entity_src_gen.plasmid_name                       ? 
_entity_src_gen.plasmid_details                    ? 
_entity_src_gen.pdbx_description                   ? 
# 
loop_
_chem_comp.id 
_chem_comp.type 
_chem_comp.mon_nstd_flag 
_chem_comp.name 
_chem_comp.pdbx_synonyms 
_chem_comp.formula 
_chem_comp.formula_weight 
1PE non-polymer         . 'PENTAETHYLENE GLYCOL' PEG400 'C10 H22 O6'     238.278 
ALA 'L-peptide linking' y ALANINE                ?      'C3 H7 N O2'     89.093  
ARG 'L-peptide linking' y ARGININE               ?      'C6 H15 N4 O2 1' 175.209 
ASN 'L-peptide linking' y ASPARAGINE             ?      'C4 H8 N2 O3'    132.118 
ASP 'L-peptide linking' y 'ASPARTIC ACID'        ?      'C4 H7 N O4'     133.103 
CYS 'L-peptide linking' y CYSTEINE               ?      'C3 H7 N O2 S'   121.158 
GLN 'L-peptide linking' y GLUTAMINE              ?      'C5 H10 N2 O3'   146.144 
GLU 'L-peptide linking' y 'GLUTAMIC ACID'        ?      'C5 H9 N O4'     147.129 
GLY 'peptide linking'   y GLYCINE                ?      'C2 H5 N O2'     75.067  
HIS 'L-peptide linking' y HISTIDINE              ?      'C6 H10 N3 O2 1' 156.162 
HOH non-polymer         . WATER                  ?      'H2 O'           18.015  
ILE 'L-peptide linking' y ISOLEUCINE             ?      'C6 H13 N O2'    131.173 
LEU 'L-peptide linking' y LEUCINE                ?      'C6 H13 N O2'    131.173 
LYS 'L-peptide linking' y LYSINE                 ?      'C6 H15 N2 O2 1' 147.195 
MET 'L-peptide linking' y METHIONINE             ?      'C5 H11 N O2 S'  149.211 
NA  non-polymer         . 'SODIUM ION'           ?      'Na 1'           22.990  
PRO 'L-peptide linking' y PROLINE                ?      'C5 H9 N O2'     115.130 
SER 'L-peptide linking' y SERINE                 ?      'C3 H7 N O3'     105.093 
SO4 non-polymer         . 'SULFATE ION'          ?      'O4 S -2'        96.063  
THR 'L-peptide linking' y THREONINE              ?      'C4 H9 N O3'     119.119 
TYR 'L-peptide linking' y TYROSINE               ?      'C9 H11 N O3'    181.189 
VAL 'L-peptide linking' y VALINE                 ?      'C5 H11 N O2'    117.146 
# 
loop_
_pdbx_poly_seq_scheme.asym_id 
_pdbx_poly_seq_scheme.entity_id 
_pdbx_poly_seq_scheme.seq_id 
_pdbx_poly_seq_scheme.mon_id 
_pdbx_poly_seq_scheme.ndb_seq_num 
_pdbx_poly_seq_scheme.pdb_seq_num 
_pdbx_poly_seq_scheme.auth_seq_num 
_pdbx_poly_seq_scheme.pdb_mon_id 
_pdbx_poly_seq_scheme.auth_mon_id 
_pdbx_poly_seq_scheme.pdb_strand_id 
_pdbx_poly_seq_scheme.pdb_ins_code 
_pdbx_poly_seq_scheme.hetero 
A 1 1   GLY 1   1   ?   ?   ?   A . n 
A 1 2   SER 2   2   ?   ?   ?   A . n 
A 1 3   GLN 3   3   3   GLN GLN A . n 
A 1 4   GLU 4   4   4   GLU GLU A . n 
A 1 5   LYS 5   5   5   LYS LYS A . n 
A 1 6   ALA 6   6   6   ALA ALA A . n 
A 1 7   VAL 7   7   7   VAL VAL A . n 
A 1 8   VAL 8   8   8   VAL VAL A . n 
A 1 9   LEU 9   9   9   LEU LEU A . n 
A 1 10  ASP 10  10  10  ASP ASP A . n 
A 1 11  GLU 11  11  11  GLU GLU A . n 
A 1 12  GLN 12  12  12  GLN GLN A . n 
A 1 13  ALA 13  13  13  ALA ALA A . n 
A 1 14  ILE 14  14  14  ILE ILE A . n 
A 1 15  ARG 15  15  15  ARG ARG A . n 
A 1 16  ARG 16  16  16  ARG ARG A . n 
A 1 17  ALA 17  17  17  ALA ALA A . n 
A 1 18  LEU 18  18  18  LEU LEU A . n 
A 1 19  THR 19  19  19  THR THR A . n 
A 1 20  ARG 20  20  20  ARG ARG A . n 
A 1 21  ILE 21  21  21  ILE ILE A . n 
A 1 22  ALA 22  22  22  ALA ALA A . n 
A 1 23  HIS 23  23  23  HIS HIS A . n 
A 1 24  GLU 24  24  24  GLU GLU A . n 
A 1 25  ILE 25  25  25  ILE ILE A . n 
A 1 26  ILE 26  26  26  ILE ILE A . n 
A 1 27  GLU 27  27  27  GLU GLU A . n 
A 1 28  ARG 28  28  28  ARG ARG A . n 
A 1 29  ASN 29  29  29  ASN ASN A . n 
A 1 30  LYS 30  30  30  LYS LYS A . n 
A 1 31  GLY 31  31  31  GLY GLY A . n 
A 1 32  VAL 32  32  32  VAL VAL A . n 
A 1 33  ASP 33  33  33  ASP ASP A . n 
A 1 34  ASN 34  34  34  ASN ASN A . n 
A 1 35  CYS 35  35  35  CYS CYS A . n 
A 1 36  VAL 36  36  36  VAL VAL A . n 
A 1 37  LEU 37  37  37  LEU LEU A . n 
A 1 38  VAL 38  38  38  VAL VAL A . n 
A 1 39  GLY 39  39  39  GLY GLY A . n 
A 1 40  ILE 40  40  40  ILE ILE A . n 
A 1 41  LYS 41  41  41  LYS LYS A . n 
A 1 42  THR 42  42  42  THR THR A . n 
A 1 43  ARG 43  43  43  ARG ARG A . n 
A 1 44  GLY 44  44  44  GLY GLY A . n 
A 1 45  ILE 45  45  45  ILE ILE A . n 
A 1 46  TYR 46  46  46  TYR TYR A . n 
A 1 47  LEU 47  47  47  LEU LEU A . n 
A 1 48  ALA 48  48  48  ALA ALA A . n 
A 1 49  LYS 49  49  49  LYS LYS A . n 
A 1 50  ARG 50  50  50  ARG ARG A . n 
A 1 51  LEU 51  51  51  LEU LEU A . n 
A 1 52  ALA 52  52  52  ALA ALA A . n 
A 1 53  GLU 53  53  53  GLU GLU A . n 
A 1 54  ARG 54  54  54  ARG ARG A . n 
A 1 55  ILE 55  55  55  ILE ILE A . n 
A 1 56  GLU 56  56  56  GLU GLU A . n 
A 1 57  GLN 57  57  57  GLN GLN A . n 
A 1 58  ILE 58  58  58  ILE ILE A . n 
A 1 59  GLU 59  59  59  GLU GLU A . n 
A 1 60  GLY 60  60  60  GLY GLY A . n 
A 1 61  LYS 61  61  61  LYS LYS A . n 
A 1 62  PRO 62  62  62  PRO PRO A . n 
A 1 63  VAL 63  63  63  VAL VAL A . n 
A 1 64  PRO 64  64  64  PRO PRO A . n 
A 1 65  VAL 65  65  65  VAL VAL A . n 
A 1 66  GLY 66  66  66  GLY GLY A . n 
A 1 67  GLU 67  67  67  GLU GLU A . n 
A 1 68  ILE 68  68  68  ILE ILE A . n 
A 1 69  ASP 69  69  69  ASP ASP A . n 
A 1 70  ILE 70  70  70  ILE ILE A . n 
A 1 71  THR 71  71  71  THR THR A . n 
A 1 72  LEU 72  72  72  LEU LEU A . n 
A 1 73  TYR 73  73  73  TYR TYR A . n 
A 1 74  ARG 74  74  74  ARG ARG A . n 
A 1 75  ASP 75  75  75  ASP ASP A . n 
A 1 76  ASP 76  76  76  ASP ASP A . n 
A 1 77  LEU 77  77  77  LEU LEU A . n 
A 1 78  THR 78  78  78  THR THR A . n 
A 1 79  VAL 79  79  79  VAL VAL A . n 
A 1 80  THR 80  80  80  THR THR A . n 
A 1 81  SER 81  81  81  SER SER A . n 
A 1 82  ASN 82  82  82  ASN ASN A . n 
A 1 83  LYS 83  83  83  LYS LYS A . n 
A 1 84  GLU 84  84  84  GLU GLU A . n 
A 1 85  PRO 85  85  85  PRO PRO A . n 
A 1 86  LEU 86  86  86  LEU LEU A . n 
A 1 87  VAL 87  87  87  VAL VAL A . n 
A 1 88  LYS 88  88  88  LYS LYS A . n 
A 1 89  GLY 89  89  89  GLY GLY A . n 
A 1 90  THR 90  90  90  THR THR A . n 
A 1 91  ASP 91  91  91  ASP ASP A . n 
A 1 92  ILE 92  92  92  ILE ILE A . n 
A 1 93  PRO 93  93  93  PRO PRO A . n 
A 1 94  VAL 94  94  94  VAL VAL A . n 
A 1 95  ASP 95  95  95  ASP ASP A . n 
A 1 96  ILE 96  96  96  ILE ILE A . n 
A 1 97  THR 97  97  97  THR THR A . n 
A 1 98  ASP 98  98  98  ASP ASP A . n 
A 1 99  LYS 99  99  99  LYS LYS A . n 
A 1 100 LYS 100 100 100 LYS LYS A . n 
A 1 101 VAL 101 101 101 VAL VAL A . n 
A 1 102 ILE 102 102 102 ILE ILE A . n 
A 1 103 LEU 103 103 103 LEU LEU A . n 
A 1 104 VAL 104 104 104 VAL VAL A . n 
A 1 105 ASP 105 105 105 ASP ASP A . n 
A 1 106 ASP 106 106 106 ASP ASP A . n 
A 1 107 VAL 107 107 107 VAL VAL A . n 
A 1 108 LEU 108 108 108 LEU LEU A . n 
A 1 109 TYR 109 109 109 TYR TYR A . n 
A 1 110 THR 110 110 110 THR THR A . n 
A 1 111 GLY 111 111 111 GLY GLY A . n 
A 1 112 ARG 112 112 112 ARG ARG A . n 
A 1 113 THR 113 113 113 THR THR A . n 
A 1 114 VAL 114 114 114 VAL VAL A . n 
A 1 115 ARG 115 115 115 ARG ARG A . n 
A 1 116 ALA 116 116 116 ALA ALA A . n 
A 1 117 GLY 117 117 117 GLY GLY A . n 
A 1 118 MET 118 118 118 MET MET A . n 
A 1 119 ASP 119 119 119 ASP ASP A . n 
A 1 120 ALA 120 120 120 ALA ALA A . n 
A 1 121 LEU 121 121 121 LEU LEU A . n 
A 1 122 MET 122 122 122 MET MET A . n 
A 1 123 ASP 123 123 123 ASP ASP A . n 
A 1 124 LEU 124 124 124 LEU LEU A . n 
A 1 125 GLY 125 125 125 GLY GLY A . n 
A 1 126 ARG 126 126 126 ARG ARG A . n 
A 1 127 PRO 127 127 127 PRO PRO A . n 
A 1 128 SER 128 128 128 SER SER A . n 
A 1 129 GLN 129 129 129 GLN GLN A . n 
A 1 130 ILE 130 130 130 ILE ILE A . n 
A 1 131 GLN 131 131 131 GLN GLN A . n 
A 1 132 LEU 132 132 132 LEU LEU A . n 
A 1 133 ALA 133 133 133 ALA ALA A . n 
A 1 134 VAL 134 134 134 VAL VAL A . n 
A 1 135 LEU 135 135 135 LEU LEU A . n 
A 1 136 VAL 136 136 136 VAL VAL A . n 
A 1 137 ASP 137 137 137 ASP ASP A . n 
A 1 138 ARG 138 138 138 ARG ARG A . n 
A 1 139 GLY 139 139 139 GLY GLY A . n 
A 1 140 HIS 140 140 140 HIS HIS A . n 
A 1 141 ARG 141 141 141 ARG ARG A . n 
A 1 142 GLU 142 142 142 GLU GLU A . n 
A 1 143 LEU 143 143 143 LEU LEU A . n 
A 1 144 PRO 144 144 144 PRO PRO A . n 
A 1 145 ILE 145 145 145 ILE ILE A . n 
A 1 146 ARG 146 146 146 ARG ARG A . n 
A 1 147 ALA 147 147 147 ALA ALA A . n 
A 1 148 ASP 148 148 148 ASP ASP A . n 
A 1 149 TYR 149 149 149 TYR TYR A . n 
A 1 150 VAL 150 150 150 VAL VAL A . n 
A 1 151 GLY 151 151 151 GLY GLY A . n 
A 1 152 LYS 152 152 152 LYS LYS A . n 
A 1 153 ASN 153 153 153 ASN ASN A . n 
A 1 154 VAL 154 154 154 VAL VAL A . n 
A 1 155 PRO 155 155 155 PRO PRO A . n 
A 1 156 THR 156 156 156 THR THR A . n 
A 1 157 SER 157 157 157 SER SER A . n 
A 1 158 LYS 158 158 158 LYS LYS A . n 
A 1 159 SER 159 159 159 SER SER A . n 
A 1 160 GLU 160 160 160 GLU GLU A . n 
A 1 161 ARG 161 161 161 ARG ARG A . n 
A 1 162 ILE 162 162 162 ILE ILE A . n 
A 1 163 VAL 163 163 163 VAL VAL A . n 
A 1 164 VAL 164 164 164 VAL VAL A . n 
A 1 165 GLN 165 165 165 GLN GLN A . n 
A 1 166 LEU 166 166 166 LEU LEU A . n 
A 1 167 SER 167 167 167 SER SER A . n 
A 1 168 GLU 168 168 168 GLU GLU A . n 
A 1 169 VAL 169 169 169 VAL VAL A . n 
A 1 170 ASP 170 170 170 ASP ASP A . n 
A 1 171 GLY 171 171 171 GLY GLY A . n 
A 1 172 GLN 172 172 172 GLN GLN A . n 
A 1 173 ASP 173 173 173 ASP ASP A . n 
A 1 174 ARG 174 174 174 ARG ARG A . n 
A 1 175 VAL 175 175 175 VAL VAL A . n 
A 1 176 SER 176 176 176 SER SER A . n 
A 1 177 ILE 177 177 177 ILE ILE A . n 
A 1 178 TYR 178 178 178 TYR TYR A . n 
A 1 179 GLU 179 179 179 GLU GLU A . n 
A 1 180 LYS 180 180 180 LYS LYS A . n 
# 
loop_
_pdbx_nonpoly_scheme.asym_id 
_pdbx_nonpoly_scheme.entity_id 
_pdbx_nonpoly_scheme.mon_id 
_pdbx_nonpoly_scheme.ndb_seq_num 
_pdbx_nonpoly_scheme.pdb_seq_num 
_pdbx_nonpoly_scheme.auth_seq_num 
_pdbx_nonpoly_scheme.pdb_mon_id 
_pdbx_nonpoly_scheme.auth_mon_id 
_pdbx_nonpoly_scheme.pdb_strand_id 
_pdbx_nonpoly_scheme.pdb_ins_code 
B 2 SO4 1   201 1   SO4 SO4 A . 
C 2 SO4 1   202 2   SO4 SO4 A . 
D 3 NA  1   203 1   NA  NA  A . 
E 4 1PE 1   204 1   1PE 1PE A . 
F 5 HOH 1   301 33  HOH HOH A . 
F 5 HOH 2   302 100 HOH HOH A . 
F 5 HOH 3   303 95  HOH HOH A . 
F 5 HOH 4   304 158 HOH HOH A . 
F 5 HOH 5   305 36  HOH HOH A . 
F 5 HOH 6   306 87  HOH HOH A . 
F 5 HOH 7   307 22  HOH HOH A . 
F 5 HOH 8   308 160 HOH HOH A . 
F 5 HOH 9   309 143 HOH HOH A . 
F 5 HOH 10  310 128 HOH HOH A . 
F 5 HOH 11  311 69  HOH HOH A . 
F 5 HOH 12  312 17  HOH HOH A . 
F 5 HOH 13  313 57  HOH HOH A . 
F 5 HOH 14  314 63  HOH HOH A . 
F 5 HOH 15  315 114 HOH HOH A . 
F 5 HOH 16  316 68  HOH HOH A . 
F 5 HOH 17  317 75  HOH HOH A . 
F 5 HOH 18  318 88  HOH HOH A . 
F 5 HOH 19  319 116 HOH HOH A . 
F 5 HOH 20  320 6   HOH HOH A . 
F 5 HOH 21  321 129 HOH HOH A . 
F 5 HOH 22  322 52  HOH HOH A . 
F 5 HOH 23  323 55  HOH HOH A . 
F 5 HOH 24  324 49  HOH HOH A . 
F 5 HOH 25  325 29  HOH HOH A . 
F 5 HOH 26  326 16  HOH HOH A . 
F 5 HOH 27  327 53  HOH HOH A . 
F 5 HOH 28  328 51  HOH HOH A . 
F 5 HOH 29  329 27  HOH HOH A . 
F 5 HOH 30  330 8   HOH HOH A . 
F 5 HOH 31  331 66  HOH HOH A . 
F 5 HOH 32  332 144 HOH HOH A . 
F 5 HOH 33  333 41  HOH HOH A . 
F 5 HOH 34  334 45  HOH HOH A . 
F 5 HOH 35  335 9   HOH HOH A . 
F 5 HOH 36  336 86  HOH HOH A . 
F 5 HOH 37  337 28  HOH HOH A . 
F 5 HOH 38  338 38  HOH HOH A . 
F 5 HOH 39  339 72  HOH HOH A . 
F 5 HOH 40  340 37  HOH HOH A . 
F 5 HOH 41  341 61  HOH HOH A . 
F 5 HOH 42  342 90  HOH HOH A . 
F 5 HOH 43  343 13  HOH HOH A . 
F 5 HOH 44  344 3   HOH HOH A . 
F 5 HOH 45  345 124 HOH HOH A . 
F 5 HOH 46  346 123 HOH HOH A . 
F 5 HOH 47  347 10  HOH HOH A . 
F 5 HOH 48  348 26  HOH HOH A . 
F 5 HOH 49  349 91  HOH HOH A . 
F 5 HOH 50  350 47  HOH HOH A . 
F 5 HOH 51  351 81  HOH HOH A . 
F 5 HOH 52  352 50  HOH HOH A . 
F 5 HOH 53  353 5   HOH HOH A . 
F 5 HOH 54  354 112 HOH HOH A . 
F 5 HOH 55  355 135 HOH HOH A . 
F 5 HOH 56  356 19  HOH HOH A . 
F 5 HOH 57  357 103 HOH HOH A . 
F 5 HOH 58  358 93  HOH HOH A . 
F 5 HOH 59  359 96  HOH HOH A . 
F 5 HOH 60  360 48  HOH HOH A . 
F 5 HOH 61  361 89  HOH HOH A . 
F 5 HOH 62  362 137 HOH HOH A . 
F 5 HOH 63  363 134 HOH HOH A . 
F 5 HOH 64  364 32  HOH HOH A . 
F 5 HOH 65  365 118 HOH HOH A . 
F 5 HOH 66  366 65  HOH HOH A . 
F 5 HOH 67  367 62  HOH HOH A . 
F 5 HOH 68  368 145 HOH HOH A . 
F 5 HOH 69  369 113 HOH HOH A . 
F 5 HOH 70  370 4   HOH HOH A . 
F 5 HOH 71  371 7   HOH HOH A . 
F 5 HOH 72  372 11  HOH HOH A . 
F 5 HOH 73  373 12  HOH HOH A . 
F 5 HOH 74  374 14  HOH HOH A . 
F 5 HOH 75  375 18  HOH HOH A . 
F 5 HOH 76  376 20  HOH HOH A . 
F 5 HOH 77  377 21  HOH HOH A . 
F 5 HOH 78  378 23  HOH HOH A . 
F 5 HOH 79  379 24  HOH HOH A . 
F 5 HOH 80  380 25  HOH HOH A . 
F 5 HOH 81  381 30  HOH HOH A . 
F 5 HOH 82  382 31  HOH HOH A . 
F 5 HOH 83  383 34  HOH HOH A . 
F 5 HOH 84  384 35  HOH HOH A . 
F 5 HOH 85  385 39  HOH HOH A . 
F 5 HOH 86  386 40  HOH HOH A . 
F 5 HOH 87  387 42  HOH HOH A . 
F 5 HOH 88  388 43  HOH HOH A . 
F 5 HOH 89  389 44  HOH HOH A . 
F 5 HOH 90  390 46  HOH HOH A . 
F 5 HOH 91  391 54  HOH HOH A . 
F 5 HOH 92  392 56  HOH HOH A . 
F 5 HOH 93  393 58  HOH HOH A . 
F 5 HOH 94  394 59  HOH HOH A . 
F 5 HOH 95  395 60  HOH HOH A . 
F 5 HOH 96  396 64  HOH HOH A . 
F 5 HOH 97  397 67  HOH HOH A . 
F 5 HOH 98  398 70  HOH HOH A . 
F 5 HOH 99  399 71  HOH HOH A . 
F 5 HOH 100 400 73  HOH HOH A . 
F 5 HOH 101 401 74  HOH HOH A . 
F 5 HOH 102 402 77  HOH HOH A . 
F 5 HOH 103 403 78  HOH HOH A . 
F 5 HOH 104 404 79  HOH HOH A . 
F 5 HOH 105 405 80  HOH HOH A . 
F 5 HOH 106 406 82  HOH HOH A . 
F 5 HOH 107 407 83  HOH HOH A . 
F 5 HOH 108 408 84  HOH HOH A . 
F 5 HOH 109 409 85  HOH HOH A . 
F 5 HOH 110 410 92  HOH HOH A . 
F 5 HOH 111 411 94  HOH HOH A . 
F 5 HOH 112 412 97  HOH HOH A . 
F 5 HOH 113 413 98  HOH HOH A . 
F 5 HOH 114 414 102 HOH HOH A . 
F 5 HOH 115 415 104 HOH HOH A . 
F 5 HOH 116 416 106 HOH HOH A . 
F 5 HOH 117 417 107 HOH HOH A . 
F 5 HOH 118 418 108 HOH HOH A . 
F 5 HOH 119 419 111 HOH HOH A . 
F 5 HOH 120 420 115 HOH HOH A . 
F 5 HOH 121 421 117 HOH HOH A . 
F 5 HOH 122 422 119 HOH HOH A . 
F 5 HOH 123 423 121 HOH HOH A . 
F 5 HOH 124 424 122 HOH HOH A . 
F 5 HOH 125 425 126 HOH HOH A . 
F 5 HOH 126 426 127 HOH HOH A . 
F 5 HOH 127 427 131 HOH HOH A . 
F 5 HOH 128 428 132 HOH HOH A . 
F 5 HOH 129 429 136 HOH HOH A . 
F 5 HOH 130 430 140 HOH HOH A . 
F 5 HOH 131 431 142 HOH HOH A . 
F 5 HOH 132 432 146 HOH HOH A . 
F 5 HOH 133 433 150 HOH HOH A . 
F 5 HOH 134 434 157 HOH HOH A . 
F 5 HOH 135 435 159 HOH HOH A . 
F 5 HOH 136 436 161 HOH HOH A . 
F 5 HOH 137 437 162 HOH HOH A . 
# 
_software.citation_id            ? 
_software.classification         refinement 
_software.compiler_name          . 
_software.compiler_version       . 
_software.contact_author         . 
_software.contact_author_email   . 
_software.date                   . 
_software.description            . 
_software.dependencies           . 
_software.hardware               . 
_software.language               . 
_software.location               . 
_software.mods                   . 
_software.name                   REFMAC 
_software.os                     . 
_software.os_version             . 
_software.type                   . 
_software.version                5.8.0069 
_software.pdbx_ordinal           1 
# 
_cell.entry_id           4P3K 
_cell.length_a           75.960 
_cell.length_b           57.240 
_cell.length_c           54.000 
_cell.angle_alpha        90.00 
_cell.angle_beta         127.47 
_cell.angle_gamma        90.00 
_cell.Z_PDB              4 
_cell.pdbx_unique_axis   ? 
# 
_symmetry.entry_id                         4P3K 
_symmetry.cell_setting                     . 
_symmetry.Int_Tables_number                5 
_symmetry.space_group_name_Hall            . 
_symmetry.space_group_name_H-M             'C 1 2 1' 
_symmetry.pdbx_full_space_group_name_H-M   . 
# 
_exptl.absorpt_coefficient_mu     . 
_exptl.absorpt_correction_T_max   . 
_exptl.absorpt_correction_T_min   . 
_exptl.absorpt_correction_type    . 
_exptl.absorpt_process_details    . 
_exptl.entry_id                   4P3K 
_exptl.crystals_number            . 
_exptl.details                    . 
_exptl.method                     'X-RAY DIFFRACTION' 
_exptl.method_details             . 
# 
_exptl_crystal.colour                      . 
_exptl_crystal.density_diffrn              . 
_exptl_crystal.density_Matthews            2.32 
_exptl_crystal.density_method              . 
_exptl_crystal.density_percent_sol         46.98 
_exptl_crystal.description                 . 
_exptl_crystal.F_000                       . 
_exptl_crystal.id                          1 
_exptl_crystal.preparation                 . 
_exptl_crystal.size_max                    . 
_exptl_crystal.size_mid                    . 
_exptl_crystal.size_min                    . 
_exptl_crystal.size_rad                    . 
_exptl_crystal.colour_lustre               . 
_exptl_crystal.colour_modifier             . 
_exptl_crystal.colour_primary              . 
_exptl_crystal.density_meas                . 
_exptl_crystal.density_meas_esd            . 
_exptl_crystal.density_meas_gt             . 
_exptl_crystal.density_meas_lt             . 
_exptl_crystal.density_meas_temp           . 
_exptl_crystal.density_meas_temp_esd       . 
_exptl_crystal.density_meas_temp_gt        . 
_exptl_crystal.density_meas_temp_lt        . 
_exptl_crystal.pdbx_crystal_image_url      . 
_exptl_crystal.pdbx_crystal_image_format   . 
_exptl_crystal.pdbx_mosaicity              . 
_exptl_crystal.pdbx_mosaicity_esd          . 
# 
_exptl_crystal_grow.apparatus       . 
_exptl_crystal_grow.atmosphere      . 
_exptl_crystal_grow.crystal_id      1 
_exptl_crystal_grow.details         . 
_exptl_crystal_grow.method          'VAPOR DIFFUSION, SITTING DROP' 
_exptl_crystal_grow.method_ref      . 
_exptl_crystal_grow.pH              7.0 
_exptl_crystal_grow.pressure        . 
_exptl_crystal_grow.pressure_esd    . 
_exptl_crystal_grow.seeding         . 
_exptl_crystal_grow.seeding_ref     . 
_exptl_crystal_grow.temp            293 
_exptl_crystal_grow.temp_details    . 
_exptl_crystal_grow.temp_esd        . 
_exptl_crystal_grow.time            . 
_exptl_crystal_grow.pdbx_details    '40% PEG-300, 0.1M Tris pH 7.0, 5% PEG-1000' 
_exptl_crystal_grow.pdbx_pH_range   . 
# 
_diffrn.ambient_environment    . 
_diffrn.ambient_temp           100 
_diffrn.ambient_temp_details   . 
_diffrn.ambient_temp_esd       . 
_diffrn.crystal_id             1 
_diffrn.crystal_support        . 
_diffrn.crystal_treatment      . 
_diffrn.details                . 
_diffrn.id                     1 
_diffrn.ambient_pressure       . 
_diffrn.ambient_pressure_esd   . 
_diffrn.ambient_pressure_gt    . 
_diffrn.ambient_pressure_lt    . 
_diffrn.ambient_temp_gt        . 
_diffrn.ambient_temp_lt        . 
# 
_diffrn_detector.details                      . 
_diffrn_detector.detector                     PIXEL 
_diffrn_detector.diffrn_id                    1 
_diffrn_detector.type                         'DECTRIS PILATUS 2M' 
_diffrn_detector.area_resol_mean              . 
_diffrn_detector.dtime                        . 
_diffrn_detector.pdbx_frames_total            . 
_diffrn_detector.pdbx_collection_time_total   . 
_diffrn_detector.pdbx_collection_date         2013-05-07 
# 
_diffrn_radiation.collimation                      . 
_diffrn_radiation.diffrn_id                        1 
_diffrn_radiation.filter_edge                      . 
_diffrn_radiation.inhomogeneity                    . 
_diffrn_radiation.monochromator                    . 
_diffrn_radiation.polarisn_norm                    . 
_diffrn_radiation.polarisn_ratio                   . 
_diffrn_radiation.probe                            . 
_diffrn_radiation.type                             . 
_diffrn_radiation.xray_symbol                      . 
_diffrn_radiation.wavelength_id                    1 
_diffrn_radiation.pdbx_monochromatic_or_laue_m_l   . 
_diffrn_radiation.pdbx_wavelength_list             . 
_diffrn_radiation.pdbx_wavelength                  . 
_diffrn_radiation.pdbx_diffrn_protocol             'SINGLE WAVELENGTH' 
_diffrn_radiation.pdbx_analyzer                    . 
_diffrn_radiation.pdbx_scattering_type             x-ray 
# 
_diffrn_radiation_wavelength.id           1 
_diffrn_radiation_wavelength.wavelength   0.92 
_diffrn_radiation_wavelength.wt           1.0 
# 
_diffrn_source.current                     . 
_diffrn_source.details                     . 
_diffrn_source.diffrn_id                   1 
_diffrn_source.power                       . 
_diffrn_source.size                        . 
_diffrn_source.source                      SYNCHROTRON 
_diffrn_source.target                      . 
_diffrn_source.type                        'DIAMOND BEAMLINE I04-1' 
_diffrn_source.voltage                     . 
_diffrn_source.take-off_angle              . 
_diffrn_source.pdbx_wavelength_list        0.92 
_diffrn_source.pdbx_wavelength             . 
_diffrn_source.pdbx_synchrotron_beamline   I04-1 
_diffrn_source.pdbx_synchrotron_site       Diamond 
# 
_reflns.B_iso_Wilson_estimate            . 
_reflns.entry_id                         4P3K 
_reflns.data_reduction_details           . 
_reflns.data_reduction_method            . 
_reflns.d_resolution_high                1.70 
_reflns.d_resolution_low                 42.86 
_reflns.details                          . 
_reflns.limit_h_max                      . 
_reflns.limit_h_min                      . 
_reflns.limit_k_max                      . 
_reflns.limit_k_min                      . 
_reflns.limit_l_max                      . 
_reflns.limit_l_min                      . 
_reflns.number_all                       . 
_reflns.number_obs                       20089 
_reflns.observed_criterion               . 
_reflns.observed_criterion_F_max         . 
_reflns.observed_criterion_F_min         . 
_reflns.observed_criterion_I_max         . 
_reflns.observed_criterion_I_min         . 
_reflns.observed_criterion_sigma_F       . 
_reflns.observed_criterion_sigma_I       . 
_reflns.percent_possible_obs             99.0 
_reflns.R_free_details                   . 
_reflns.Rmerge_F_all                     . 
_reflns.Rmerge_F_obs                     . 
_reflns.Friedel_coverage                 . 
_reflns.number_gt                        . 
_reflns.threshold_expression             . 
_reflns.pdbx_redundancy                  6.7 
_reflns.pdbx_Rmerge_I_obs                . 
_reflns.pdbx_Rmerge_I_all                . 
_reflns.pdbx_Rsym_value                  . 
_reflns.pdbx_netI_over_av_sigmaI         . 
_reflns.pdbx_netI_over_sigmaI            11.5 
_reflns.pdbx_res_netI_over_av_sigmaI_2   . 
_reflns.pdbx_res_netI_over_sigmaI_2      . 
_reflns.pdbx_chi_squared                 . 
_reflns.pdbx_scaling_rejects             . 
_reflns.pdbx_d_res_high_opt              . 
_reflns.pdbx_d_res_low_opt               . 
_reflns.pdbx_d_res_opt_method            . 
_reflns.phase_calculation_details        . 
_reflns.pdbx_Rrim_I_all                  . 
_reflns.pdbx_Rpim_I_all                  . 
_reflns.pdbx_d_opt                       . 
_reflns.pdbx_number_measured_all         . 
_reflns.pdbx_diffrn_id                   1 
_reflns.pdbx_ordinal                     1 
# 
_refine.aniso_B[1][1]                            1.29 
_refine.aniso_B[1][2]                            0.00 
_refine.aniso_B[1][3]                            0.42 
_refine.aniso_B[2][2]                            -1.11 
_refine.aniso_B[2][3]                            0.00 
_refine.aniso_B[3][3]                            -0.38 
_refine.B_iso_max                                . 
_refine.B_iso_mean                               28.516 
_refine.B_iso_min                                . 
_refine.correlation_coeff_Fo_to_Fc               0.967 
_refine.correlation_coeff_Fo_to_Fc_free          0.942 
_refine.details                                  'HYDROGENS HAVE BEEN ADDED IN THE RIDING POSITIONS' 
_refine.diff_density_max                         . 
_refine.diff_density_max_esd                     . 
_refine.diff_density_min                         . 
_refine.diff_density_min_esd                     . 
_refine.diff_density_rms                         . 
_refine.diff_density_rms_esd                     . 
_refine.entry_id                                 4P3K 
_refine.pdbx_refine_id                           'X-RAY DIFFRACTION' 
_refine.ls_abs_structure_details                 . 
_refine.ls_abs_structure_Flack                   . 
_refine.ls_abs_structure_Flack_esd               . 
_refine.ls_abs_structure_Rogers                  . 
_refine.ls_abs_structure_Rogers_esd              . 
_refine.ls_d_res_high                            1.70 
_refine.ls_d_res_low                             42.86 
_refine.ls_extinction_coef                       . 
_refine.ls_extinction_coef_esd                   . 
_refine.ls_extinction_expression                 . 
_refine.ls_extinction_method                     . 
_refine.ls_goodness_of_fit_all                   . 
_refine.ls_goodness_of_fit_all_esd               . 
_refine.ls_goodness_of_fit_obs                   . 
_refine.ls_goodness_of_fit_obs_esd               . 
_refine.ls_hydrogen_treatment                    . 
_refine.ls_matrix_type                           . 
_refine.ls_number_constraints                    . 
_refine.ls_number_parameters                     . 
_refine.ls_number_reflns_all                     . 
_refine.ls_number_reflns_obs                     19065 
_refine.ls_number_reflns_R_free                  1023 
_refine.ls_number_reflns_R_work                  . 
_refine.ls_number_restraints                     . 
_refine.ls_percent_reflns_obs                    98.91 
_refine.ls_percent_reflns_R_free                 5.1 
_refine.ls_R_factor_all                          . 
_refine.ls_R_factor_obs                          0.16669 
_refine.ls_R_factor_R_free                       0.21240 
_refine.ls_R_factor_R_free_error                 . 
_refine.ls_R_factor_R_free_error_details         . 
_refine.ls_R_factor_R_work                       0.16425 
_refine.ls_R_Fsqd_factor_obs                     . 
_refine.ls_R_I_factor_obs                        . 
_refine.ls_redundancy_reflns_all                 . 
_refine.ls_redundancy_reflns_obs                 . 
_refine.ls_restrained_S_all                      . 
_refine.ls_restrained_S_obs                      . 
_refine.ls_shift_over_esd_max                    . 
_refine.ls_shift_over_esd_mean                   . 
_refine.ls_structure_factor_coef                 . 
_refine.ls_weighting_details                     . 
_refine.ls_weighting_scheme                      . 
_refine.ls_wR_factor_all                         . 
_refine.ls_wR_factor_obs                         . 
_refine.ls_wR_factor_R_free                      . 
_refine.ls_wR_factor_R_work                      . 
_refine.occupancy_max                            . 
_refine.occupancy_min                            . 
_refine.overall_SU_B                             2.199 
_refine.overall_SU_ML                            0.071 
_refine.overall_SU_R_Cruickshank_DPI             . 
_refine.overall_SU_R_free                        . 
_refine.overall_FOM_free_R_set                   . 
_refine.overall_FOM_work_R_set                   . 
_refine.solvent_model_details                    MASK 
_refine.solvent_model_param_bsol                 . 
_refine.solvent_model_param_ksol                 . 
_refine.ls_R_factor_gt                           . 
_refine.ls_goodness_of_fit_gt                    . 
_refine.ls_goodness_of_fit_ref                   . 
_refine.ls_shift_over_su_max                     . 
_refine.ls_shift_over_su_max_lt                  . 
_refine.ls_shift_over_su_mean                    . 
_refine.ls_shift_over_su_mean_lt                 . 
_refine.pdbx_ls_sigma_I                          . 
_refine.pdbx_ls_sigma_F                          . 
_refine.pdbx_ls_sigma_Fsqd                       . 
_refine.pdbx_data_cutoff_high_absF               . 
_refine.pdbx_data_cutoff_high_rms_absF           . 
_refine.pdbx_data_cutoff_low_absF                . 
_refine.pdbx_isotropic_thermal_model             . 
_refine.pdbx_ls_cross_valid_method               THROUGHOUT 
_refine.pdbx_method_to_determine_struct          'MOLECULAR REPLACEMENT' 
_refine.pdbx_starting_model                      . 
_refine.pdbx_stereochemistry_target_values       'MAXIMUM LIKELIHOOD' 
_refine.pdbx_R_Free_selection_details            RANDOM 
_refine.pdbx_stereochem_target_val_spec_case     . 
_refine.pdbx_overall_ESU_R                       0.100 
_refine.pdbx_overall_ESU_R_Free                  0.106 
_refine.pdbx_solvent_vdw_probe_radii             1.20 
_refine.pdbx_solvent_ion_probe_radii             0.80 
_refine.pdbx_solvent_shrinkage_radii             0.80 
_refine.pdbx_real_space_R                        . 
_refine.pdbx_density_correlation                 . 
_refine.pdbx_pd_number_of_powder_patterns        . 
_refine.pdbx_pd_number_of_points                 . 
_refine.pdbx_pd_meas_number_of_points            . 
_refine.pdbx_pd_proc_ls_prof_R_factor            . 
_refine.pdbx_pd_proc_ls_prof_wR_factor           . 
_refine.pdbx_pd_Marquardt_correlation_coeff      . 
_refine.pdbx_pd_Fsqrd_R_factor                   . 
_refine.pdbx_pd_ls_matrix_band_width             . 
_refine.pdbx_overall_phase_error                 . 
_refine.pdbx_overall_SU_R_free_Cruickshank_DPI   . 
_refine.pdbx_overall_SU_R_free_Blow_DPI          . 
_refine.pdbx_overall_SU_R_Blow_DPI               . 
_refine.pdbx_TLS_residual_ADP_flag               . 
_refine.pdbx_diffrn_id                           1 
# 
_refine_hist.pdbx_refine_id                   'X-RAY DIFFRACTION' 
_refine_hist.cycle_id                         1 
_refine_hist.pdbx_number_atoms_protein        1397 
_refine_hist.pdbx_number_atoms_nucleic_acid   0 
_refine_hist.pdbx_number_atoms_ligand         27 
_refine_hist.number_atoms_solvent             137 
_refine_hist.number_atoms_total               1561 
_refine_hist.d_res_high                       1.70 
_refine_hist.d_res_low                        42.86 
# 
loop_
_refine_ls_restr.pdbx_refine_id 
_refine_ls_restr.criterion 
_refine_ls_restr.dev_ideal 
_refine_ls_restr.dev_ideal_target 
_refine_ls_restr.number 
_refine_ls_restr.rejects 
_refine_ls_restr.type 
_refine_ls_restr.weight 
_refine_ls_restr.pdbx_restraint_function 
'X-RAY DIFFRACTION' . 0.019  0.019  1433 . r_bond_refined_d             . . 
'X-RAY DIFFRACTION' . 0.001  0.020  1467 . r_bond_other_d               . . 
'X-RAY DIFFRACTION' . 1.940  2.008  1932 . r_angle_refined_deg          . . 
'X-RAY DIFFRACTION' . 0.928  3.000  3371 . r_angle_other_deg            . . 
'X-RAY DIFFRACTION' . 6.569  5.000  177  . r_dihedral_angle_1_deg       . . 
'X-RAY DIFFRACTION' . 35.448 23.810 63   . r_dihedral_angle_2_deg       . . 
'X-RAY DIFFRACTION' . 14.912 15.000 274  . r_dihedral_angle_3_deg       . . 
'X-RAY DIFFRACTION' . 18.465 15.000 16   . r_dihedral_angle_4_deg       . . 
'X-RAY DIFFRACTION' . 0.132  0.200  233  . r_chiral_restr               . . 
'X-RAY DIFFRACTION' . 0.010  0.021  1560 . r_gen_planes_refined         . . 
'X-RAY DIFFRACTION' . 0.001  0.020  284  . r_gen_planes_other           . . 
'X-RAY DIFFRACTION' . .      .      .    . r_nbd_refined                . . 
'X-RAY DIFFRACTION' . .      .      .    . r_nbd_other                  . . 
'X-RAY DIFFRACTION' . .      .      .    . r_nbtor_refined              . . 
'X-RAY DIFFRACTION' . .      .      .    . r_nbtor_other                . . 
'X-RAY DIFFRACTION' . .      .      .    . r_xyhbond_nbd_refined        . . 
'X-RAY DIFFRACTION' . .      .      .    . r_xyhbond_nbd_other          . . 
'X-RAY DIFFRACTION' . .      .      .    . r_metal_ion_refined          . . 
'X-RAY DIFFRACTION' . .      .      .    . r_metal_ion_other            . . 
'X-RAY DIFFRACTION' . .      .      .    . r_symmetry_vdw_refined       . . 
'X-RAY DIFFRACTION' . .      .      .    . r_symmetry_vdw_other         . . 
'X-RAY DIFFRACTION' . .      .      .    . r_symmetry_hbond_refined     . . 
'X-RAY DIFFRACTION' . .      .      .    . r_symmetry_hbond_other       . . 
'X-RAY DIFFRACTION' . .      .      .    . r_symmetry_metal_ion_refined . . 
'X-RAY DIFFRACTION' . .      .      .    . r_symmetry_metal_ion_other   . . 
'X-RAY DIFFRACTION' . 2.966  2.284  711  . r_mcbond_it                  . . 
'X-RAY DIFFRACTION' . 2.955  2.276  710  . r_mcbond_other               . . 
'X-RAY DIFFRACTION' . 4.581  3.399  887  . r_mcangle_it                 . . 
'X-RAY DIFFRACTION' . 4.579  3.406  888  . r_mcangle_other              . . 
'X-RAY DIFFRACTION' . 4.648  3.132  721  . r_scbond_it                  . . 
'X-RAY DIFFRACTION' . 4.647  3.133  721  . r_scbond_other               . . 
'X-RAY DIFFRACTION' . .      .      .    . r_scangle_it                 . . 
'X-RAY DIFFRACTION' . 7.382  4.393  1046 . r_scangle_other              . . 
'X-RAY DIFFRACTION' . 9.742  23.449 5877 . r_long_range_B_refined       . . 
'X-RAY DIFFRACTION' . 9.742  23.450 5877 . r_long_range_B_other         . . 
'X-RAY DIFFRACTION' . .      .      .    . r_rigid_bond_restr           . . 
'X-RAY DIFFRACTION' . .      .      .    . r_sphericity_free            . . 
'X-RAY DIFFRACTION' . .      .      .    . r_sphericity_bonded          . . 
# 
_refine_ls_shell.pdbx_refine_id                   'X-RAY DIFFRACTION' 
_refine_ls_shell.d_res_high                       1.700 
_refine_ls_shell.d_res_low                        1.744 
_refine_ls_shell.number_reflns_all                . 
_refine_ls_shell.number_reflns_obs                . 
_refine_ls_shell.number_reflns_R_free             68 
_refine_ls_shell.number_reflns_R_work             1421 
_refine_ls_shell.percent_reflns_obs               99.47 
_refine_ls_shell.percent_reflns_R_free            . 
_refine_ls_shell.R_factor_all                     . 
_refine_ls_shell.R_factor_obs                     . 
_refine_ls_shell.R_factor_R_free                  0.233 
_refine_ls_shell.R_factor_R_free_error            . 
_refine_ls_shell.R_factor_R_work                  0.241 
_refine_ls_shell.redundancy_reflns_all            . 
_refine_ls_shell.redundancy_reflns_obs            . 
_refine_ls_shell.wR_factor_all                    . 
_refine_ls_shell.wR_factor_obs                    . 
_refine_ls_shell.wR_factor_R_free                 . 
_refine_ls_shell.wR_factor_R_work                 . 
_refine_ls_shell.pdbx_total_number_of_bins_used   20 
_refine_ls_shell.pdbx_phase_error                 . 
# 
_struct.entry_id                     4P3K 
_struct.title                        'Structure of ancestral PyrR protein (PLUMPyrR)' 
_struct.pdbx_model_details           . 
_struct.pdbx_formula_weight          . 
_struct.pdbx_formula_weight_method   . 
_struct.pdbx_model_type_details      . 
_struct.pdbx_CASP_flag               . 
# 
_struct_keywords.entry_id        4P3K 
_struct_keywords.text            'RNA binding proteins, reconstructed amino acid sequence, UNKNOWN FUNCTION' 
_struct_keywords.pdbx_keywords   'UNKNOWN FUNCTION' 
# 
loop_
_struct_asym.id 
_struct_asym.pdbx_blank_PDB_chainid_flag 
_struct_asym.pdbx_modified 
_struct_asym.entity_id 
_struct_asym.details 
A N N 1 ? 
B N N 2 ? 
C N N 2 ? 
D N N 3 ? 
E N N 4 ? 
F N N 5 ? 
# 
_struct_ref.id                         1 
_struct_ref.db_name                    PDB 
_struct_ref.db_code                    4P3K 
_struct_ref.pdbx_db_accession          4P3K 
_struct_ref.entity_id                  1 
_struct_ref.pdbx_seq_one_letter_code   ? 
_struct_ref.pdbx_align_begin           ? 
_struct_ref.pdbx_db_isoform            ? 
# 
_struct_ref_seq.align_id                      1 
_struct_ref_seq.ref_id                        1 
_struct_ref_seq.pdbx_PDB_id_code              4P3K 
_struct_ref_seq.pdbx_strand_id                A 
_struct_ref_seq.seq_align_beg                 1 
_struct_ref_seq.pdbx_seq_align_beg_ins_code   ? 
_struct_ref_seq.seq_align_end                 180 
_struct_ref_seq.pdbx_seq_align_end_ins_code   ? 
_struct_ref_seq.pdbx_db_accession             4P3K 
_struct_ref_seq.db_align_beg                  1 
_struct_ref_seq.pdbx_db_align_beg_ins_code    ? 
_struct_ref_seq.db_align_end                  180 
_struct_ref_seq.pdbx_db_align_end_ins_code    ? 
_struct_ref_seq.pdbx_auth_seq_align_beg       1 
_struct_ref_seq.pdbx_auth_seq_align_end       180 
# 
_pdbx_struct_assembly.id                   1 
_pdbx_struct_assembly.details              author_and_software_defined_assembly 
_pdbx_struct_assembly.method_details       PISA 
_pdbx_struct_assembly.oligomeric_details   monomeric 
_pdbx_struct_assembly.oligomeric_count     1 
# 
_pdbx_struct_assembly_gen.assembly_id       1 
_pdbx_struct_assembly_gen.oper_expression   1 
_pdbx_struct_assembly_gen.asym_id_list      A,B,C,D,E,F 
# 
_pdbx_struct_oper_list.id                   1 
_pdbx_struct_oper_list.type                 'identity operation' 
_pdbx_struct_oper_list.name                 1_555 
_pdbx_struct_oper_list.symmetry_operation   x,y,z 
_pdbx_struct_oper_list.matrix[1][1]         1.0000000000 
_pdbx_struct_oper_list.matrix[1][2]         0.0000000000 
_pdbx_struct_oper_list.matrix[1][3]         0.0000000000 
_pdbx_struct_oper_list.vector[1]            0.0000000000 
_pdbx_struct_oper_list.matrix[2][1]         0.0000000000 
_pdbx_struct_oper_list.matrix[2][2]         1.0000000000 
_pdbx_struct_oper_list.matrix[2][3]         0.0000000000 
_pdbx_struct_oper_list.vector[2]            0.0000000000 
_pdbx_struct_oper_list.matrix[3][1]         0.0000000000 
_pdbx_struct_oper_list.matrix[3][2]         0.0000000000 
_pdbx_struct_oper_list.matrix[3][3]         1.0000000000 
_pdbx_struct_oper_list.vector[3]            0.0000000000 
# 
loop_
_struct_conf.conf_type_id 
_struct_conf.id 
_struct_conf.pdbx_PDB_helix_id 
_struct_conf.beg_label_comp_id 
_struct_conf.beg_label_asym_id 
_struct_conf.beg_label_seq_id 
_struct_conf.pdbx_beg_PDB_ins_code 
_struct_conf.end_label_comp_id 
_struct_conf.end_label_asym_id 
_struct_conf.end_label_seq_id 
_struct_conf.pdbx_end_PDB_ins_code 
_struct_conf.beg_auth_comp_id 
_struct_conf.beg_auth_asym_id 
_struct_conf.beg_auth_seq_id 
_struct_conf.end_auth_comp_id 
_struct_conf.end_auth_asym_id 
_struct_conf.end_auth_seq_id 
_struct_conf.pdbx_PDB_helix_class 
_struct_conf.details 
_struct_conf.pdbx_PDB_helix_length 
HELX_P HELX_P1 AA1 ASP A 10  ? ASN A 29  ? ASP A 10  ASN A 29  1 ? 20 
HELX_P HELX_P2 AA2 LYS A 41  ? GLY A 60  ? LYS A 41  GLY A 60  1 ? 20 
HELX_P HELX_P3 AA3 GLY A 111 ? GLY A 125 ? GLY A 111 GLY A 125 1 ? 15 
HELX_P HELX_P4 AA4 LEU A 166 ? GLY A 171 ? LEU A 166 GLY A 171 1 ? 6  
# 
_struct_conf_type.id          HELX_P 
_struct_conf_type.criteria    ? 
_struct_conf_type.reference   ? 
# 
_struct_conn.id                            metalc1 
_struct_conn.conn_type_id                  metalc 
_struct_conn.pdbx_leaving_atom_flag        ? 
_struct_conn.pdbx_PDB_id                   ? 
_struct_conn.ptnr1_label_asym_id           D 
_struct_conn.ptnr1_label_comp_id           NA 
_struct_conn.ptnr1_label_seq_id            . 
_struct_conn.ptnr1_label_atom_id           NA 
_struct_conn.pdbx_ptnr1_label_alt_id       ? 
_struct_conn.pdbx_ptnr1_PDB_ins_code       ? 
_struct_conn.pdbx_ptnr1_standard_comp_id   ? 
_struct_conn.ptnr1_symmetry                1_555 
_struct_conn.ptnr2_label_asym_id           F 
_struct_conn.ptnr2_label_comp_id           HOH 
_struct_conn.ptnr2_label_seq_id            . 
_struct_conn.ptnr2_label_atom_id           O 
_struct_conn.pdbx_ptnr2_label_alt_id       ? 
_struct_conn.pdbx_ptnr2_PDB_ins_code       ? 
_struct_conn.ptnr1_auth_asym_id            A 
_struct_conn.ptnr1_auth_comp_id            NA 
_struct_conn.ptnr1_auth_seq_id             203 
_struct_conn.ptnr2_auth_asym_id            A 
_struct_conn.ptnr2_auth_comp_id            HOH 
_struct_conn.ptnr2_auth_seq_id             379 
_struct_conn.ptnr2_symmetry                1_555 
_struct_conn.pdbx_ptnr3_label_atom_id      ? 
_struct_conn.pdbx_ptnr3_label_seq_id       ? 
_struct_conn.pdbx_ptnr3_label_comp_id      ? 
_struct_conn.pdbx_ptnr3_label_asym_id      ? 
_struct_conn.pdbx_ptnr3_label_alt_id       ? 
_struct_conn.pdbx_ptnr3_PDB_ins_code       ? 
_struct_conn.details                       ? 
_struct_conn.pdbx_dist_value               2.836 
_struct_conn.pdbx_value_order              ? 
_struct_conn.pdbx_role                     ? 
# 
_struct_conn_type.id          metalc 
_struct_conn_type.criteria    ? 
_struct_conn_type.reference   ? 
# 
loop_
_struct_sheet.id 
_struct_sheet.type 
_struct_sheet.number_strands 
_struct_sheet.details 
AA1 ? 3 ? 
AA2 ? 6 ? 
# 
loop_
_struct_sheet_order.sheet_id 
_struct_sheet_order.range_id_1 
_struct_sheet_order.range_id_2 
_struct_sheet_order.offset 
_struct_sheet_order.sense 
AA1 1 2 ? anti-parallel 
AA1 2 3 ? anti-parallel 
AA2 1 2 ? anti-parallel 
AA2 2 3 ? parallel      
AA2 3 4 ? parallel      
AA2 4 5 ? parallel      
AA2 5 6 ? parallel      
# 
loop_
_struct_sheet_range.sheet_id 
_struct_sheet_range.id 
_struct_sheet_range.beg_label_comp_id 
_struct_sheet_range.beg_label_asym_id 
_struct_sheet_range.beg_label_seq_id 
_struct_sheet_range.pdbx_beg_PDB_ins_code 
_struct_sheet_range.end_label_comp_id 
_struct_sheet_range.end_label_asym_id 
_struct_sheet_range.end_label_seq_id 
_struct_sheet_range.pdbx_end_PDB_ins_code 
_struct_sheet_range.beg_auth_comp_id 
_struct_sheet_range.beg_auth_asym_id 
_struct_sheet_range.beg_auth_seq_id 
_struct_sheet_range.end_auth_comp_id 
_struct_sheet_range.end_auth_asym_id 
_struct_sheet_range.end_auth_seq_id 
AA1 1 LYS A 5   ? LEU A 9   ? LYS A 5   LEU A 9   
AA1 2 ARG A 174 ? GLU A 179 ? ARG A 174 GLU A 179 
AA1 3 GLU A 160 ? GLN A 165 ? GLU A 160 GLN A 165 
AA2 1 GLU A 84  ? ASP A 91  ? GLU A 84  ASP A 91  
AA2 2 VAL A 65  ? TYR A 73  ? VAL A 65  TYR A 73  
AA2 3 CYS A 35  ? ILE A 40  ? CYS A 35  ILE A 40  
AA2 4 LYS A 100 ? LEU A 108 ? LYS A 100 LEU A 108 
AA2 5 GLN A 129 ? ASP A 137 ? GLN A 129 ASP A 137 
AA2 6 TYR A 149 ? ASN A 153 ? TYR A 149 ASN A 153 
# 
loop_
_pdbx_struct_sheet_hbond.sheet_id 
_pdbx_struct_sheet_hbond.range_id_1 
_pdbx_struct_sheet_hbond.range_id_2 
_pdbx_struct_sheet_hbond.range_1_label_atom_id 
_pdbx_struct_sheet_hbond.range_1_label_comp_id 
_pdbx_struct_sheet_hbond.range_1_label_asym_id 
_pdbx_struct_sheet_hbond.range_1_label_seq_id 
_pdbx_struct_sheet_hbond.range_1_PDB_ins_code 
_pdbx_struct_sheet_hbond.range_1_auth_atom_id 
_pdbx_struct_sheet_hbond.range_1_auth_comp_id 
_pdbx_struct_sheet_hbond.range_1_auth_asym_id 
_pdbx_struct_sheet_hbond.range_1_auth_seq_id 
_pdbx_struct_sheet_hbond.range_2_label_atom_id 
_pdbx_struct_sheet_hbond.range_2_label_comp_id 
_pdbx_struct_sheet_hbond.range_2_label_asym_id 
_pdbx_struct_sheet_hbond.range_2_label_seq_id 
_pdbx_struct_sheet_hbond.range_2_PDB_ins_code 
_pdbx_struct_sheet_hbond.range_2_auth_atom_id 
_pdbx_struct_sheet_hbond.range_2_auth_comp_id 
_pdbx_struct_sheet_hbond.range_2_auth_asym_id 
_pdbx_struct_sheet_hbond.range_2_auth_seq_id 
AA1 1 2 N LEU A 9   ? N LEU A 9   O VAL A 175 ? O VAL A 175 
AA1 2 3 O ARG A 174 ? O ARG A 174 N GLN A 165 ? N GLN A 165 
AA2 1 2 O GLU A 84  ? O GLU A 84  N TYR A 73  ? N TYR A 73  
AA2 2 3 O GLY A 66  ? O GLY A 66  N LEU A 37  ? N LEU A 37  
AA2 3 4 N VAL A 36  ? N VAL A 36  O ILE A 102 ? O ILE A 102 
AA2 4 5 N LEU A 103 ? N LEU A 103 O ALA A 133 ? O ALA A 133 
AA2 5 6 N VAL A 134 ? N VAL A 134 O TYR A 149 ? O TYR A 149 
# 
loop_
_struct_site.id 
_struct_site.pdbx_evidence_code 
_struct_site.pdbx_auth_asym_id 
_struct_site.pdbx_auth_comp_id 
_struct_site.pdbx_auth_seq_id 
_struct_site.pdbx_auth_ins_code 
_struct_site.pdbx_num_residues 
_struct_site.details 
AC1 Software A SO4 201 ? 11 'binding site for residue SO4 A 201' 
AC2 Software A SO4 202 ? 8  'binding site for residue SO4 A 202' 
AC3 Software A NA  203 ? 2  'binding site for residue NA A 203'  
AC4 Software A 1PE 204 ? 8  'binding site for residue 1PE A 204' 
# 
loop_
_struct_site_gen.id 
_struct_site_gen.site_id 
_struct_site_gen.pdbx_num_res 
_struct_site_gen.label_comp_id 
_struct_site_gen.label_asym_id 
_struct_site_gen.label_seq_id 
_struct_site_gen.pdbx_auth_ins_code 
_struct_site_gen.auth_comp_id 
_struct_site_gen.auth_asym_id 
_struct_site_gen.auth_seq_id 
_struct_site_gen.label_atom_id 
_struct_site_gen.label_alt_id 
_struct_site_gen.symmetry 
_struct_site_gen.details 
1  AC1 11 ASP A 105 ? ASP A 105 . ? 1_555 ? 
2  AC1 11 VAL A 107 ? VAL A 107 . ? 1_555 ? 
3  AC1 11 LEU A 108 ? LEU A 108 . ? 1_555 ? 
4  AC1 11 TYR A 109 ? TYR A 109 . ? 1_555 ? 
5  AC1 11 THR A 110 ? THR A 110 . ? 1_555 ? 
6  AC1 11 GLY A 111 ? GLY A 111 . ? 1_555 ? 
7  AC1 11 ARG A 112 ? ARG A 112 . ? 1_555 ? 
8  AC1 11 THR A 113 ? THR A 113 . ? 1_555 ? 
9  AC1 11 VAL A 114 ? VAL A 114 . ? 1_555 ? 
10 AC1 11 HOH F .   ? HOH A 370 . ? 1_555 ? 
11 AC1 11 HOH F .   ? HOH A 371 . ? 1_555 ? 
12 AC2 8  ASP A 10  ? ASP A 10  . ? 1_555 ? 
13 AC2 8  GLU A 11  ? GLU A 11  . ? 1_555 ? 
14 AC2 8  ARG A 15  ? ARG A 15  . ? 2_755 ? 
15 AC2 8  ARG A 126 ? ARG A 126 . ? 3_455 ? 
16 AC2 8  ARG A 174 ? ARG A 174 . ? 1_555 ? 
17 AC2 8  HOH F .   ? HOH A 303 . ? 1_555 ? 
18 AC2 8  HOH F .   ? HOH A 322 . ? 3_455 ? 
19 AC2 8  HOH F .   ? HOH A 341 . ? 1_555 ? 
20 AC3 2  ASP A 106 ? ASP A 106 . ? 1_555 ? 
21 AC3 2  HOH F .   ? HOH A 379 . ? 1_555 ? 
22 AC4 8  ARG A 16  ? ARG A 16  . ? 4_745 ? 
23 AC4 8  ARG A 20  ? ARG A 20  . ? 4_745 ? 
24 AC4 8  PRO A 93  ? PRO A 93  . ? 1_555 ? 
25 AC4 8  ASP A 95  ? ASP A 95  . ? 1_555 ? 
26 AC4 8  LYS A 99  ? LYS A 99  . ? 1_555 ? 
27 AC4 8  HOH F .   ? HOH A 327 . ? 1_555 ? 
28 AC4 8  HOH F .   ? HOH A 334 . ? 1_555 ? 
29 AC4 8  HOH F .   ? HOH A 375 . ? 1_555 ? 
# 
loop_
_pdbx_validate_symm_contact.id 
_pdbx_validate_symm_contact.PDB_model_num 
_pdbx_validate_symm_contact.auth_atom_id_1 
_pdbx_validate_symm_contact.auth_asym_id_1 
_pdbx_validate_symm_contact.auth_comp_id_1 
_pdbx_validate_symm_contact.auth_seq_id_1 
_pdbx_validate_symm_contact.PDB_ins_code_1 
_pdbx_validate_symm_contact.label_alt_id_1 
_pdbx_validate_symm_contact.site_symmetry_1 
_pdbx_validate_symm_contact.auth_atom_id_2 
_pdbx_validate_symm_contact.auth_asym_id_2 
_pdbx_validate_symm_contact.auth_comp_id_2 
_pdbx_validate_symm_contact.auth_seq_id_2 
_pdbx_validate_symm_contact.PDB_ins_code_2 
_pdbx_validate_symm_contact.label_alt_id_2 
_pdbx_validate_symm_contact.site_symmetry_2 
_pdbx_validate_symm_contact.dist 
1 1 O   A HOH 355 ? ? 1_555 O   A HOH 355 ? ? 2_856 1.60 
2 1 OE1 A GLU 11  ? ? 1_555 OE1 A GLU 11  ? ? 2_755 1.91 
# 
loop_
_pdbx_validate_rmsd_angle.id 
_pdbx_validate_rmsd_angle.PDB_model_num 
_pdbx_validate_rmsd_angle.auth_atom_id_1 
_pdbx_validate_rmsd_angle.auth_asym_id_1 
_pdbx_validate_rmsd_angle.auth_comp_id_1 
_pdbx_validate_rmsd_angle.auth_seq_id_1 
_pdbx_validate_rmsd_angle.PDB_ins_code_1 
_pdbx_validate_rmsd_angle.label_alt_id_1 
_pdbx_validate_rmsd_angle.auth_atom_id_2 
_pdbx_validate_rmsd_angle.auth_asym_id_2 
_pdbx_validate_rmsd_angle.auth_comp_id_2 
_pdbx_validate_rmsd_angle.auth_seq_id_2 
_pdbx_validate_rmsd_angle.PDB_ins_code_2 
_pdbx_validate_rmsd_angle.label_alt_id_2 
_pdbx_validate_rmsd_angle.auth_atom_id_3 
_pdbx_validate_rmsd_angle.auth_asym_id_3 
_pdbx_validate_rmsd_angle.auth_comp_id_3 
_pdbx_validate_rmsd_angle.auth_seq_id_3 
_pdbx_validate_rmsd_angle.PDB_ins_code_3 
_pdbx_validate_rmsd_angle.label_alt_id_3 
_pdbx_validate_rmsd_angle.angle_value 
_pdbx_validate_rmsd_angle.angle_target_value 
_pdbx_validate_rmsd_angle.angle_deviation 
_pdbx_validate_rmsd_angle.angle_standard_deviation 
_pdbx_validate_rmsd_angle.linker_flag 
1 1 NE A ARG 54  ? ? CZ A ARG 54  ? ? NH1 A ARG 54  ? ? 123.34 120.30 3.04  0.50 N 
2 1 NE A ARG 141 ? ? CZ A ARG 141 ? ? NH2 A ARG 141 ? ? 116.14 120.30 -4.16 0.50 N 
# 
loop_
_pdbx_validate_torsion.id 
_pdbx_validate_torsion.PDB_model_num 
_pdbx_validate_torsion.auth_comp_id 
_pdbx_validate_torsion.auth_asym_id 
_pdbx_validate_torsion.auth_seq_id 
_pdbx_validate_torsion.PDB_ins_code 
_pdbx_validate_torsion.label_alt_id 
_pdbx_validate_torsion.phi 
_pdbx_validate_torsion.psi 
1 1 LYS A 41  ? ? 69.22   174.87 
2 1 THR A 80  ? ? -36.01  133.77 
3 1 TYR A 109 ? ? -122.73 -96.31 
# 
_pdbx_struct_special_symmetry.id              1 
_pdbx_struct_special_symmetry.PDB_model_num   1 
_pdbx_struct_special_symmetry.auth_asym_id    A 
_pdbx_struct_special_symmetry.auth_comp_id    HOH 
_pdbx_struct_special_symmetry.auth_seq_id     363 
_pdbx_struct_special_symmetry.PDB_ins_code    ? 
_pdbx_struct_special_symmetry.label_asym_id   F 
_pdbx_struct_special_symmetry.label_comp_id   HOH 
_pdbx_struct_special_symmetry.label_seq_id    . 
# 
loop_
_pdbx_unobs_or_zero_occ_residues.id 
_pdbx_unobs_or_zero_occ_residues.PDB_model_num 
_pdbx_unobs_or_zero_occ_residues.polymer_flag 
_pdbx_unobs_or_zero_occ_residues.occupancy_flag 
_pdbx_unobs_or_zero_occ_residues.auth_asym_id 
_pdbx_unobs_or_zero_occ_residues.auth_comp_id 
_pdbx_unobs_or_zero_occ_residues.auth_seq_id 
_pdbx_unobs_or_zero_occ_residues.PDB_ins_code 
_pdbx_unobs_or_zero_occ_residues.label_asym_id 
_pdbx_unobs_or_zero_occ_residues.label_comp_id 
_pdbx_unobs_or_zero_occ_residues.label_seq_id 
1 1 Y 1 A GLY 1 ? A GLY 1 
2 1 Y 1 A SER 2 ? A SER 2 
# 
loop_
_chem_comp_atom.comp_id 
_chem_comp_atom.atom_id 
_chem_comp_atom.type_symbol 
_chem_comp_atom.pdbx_aromatic_flag 
_chem_comp_atom.pdbx_stereo_config 
_chem_comp_atom.pdbx_ordinal 
1PE OH2  O  N N 1   
1PE C12  C  N N 2   
1PE C22  C  N N 3   
1PE OH3  O  N N 4   
1PE C13  C  N N 5   
1PE C23  C  N N 6   
1PE OH4  O  N N 7   
1PE C14  C  N N 8   
1PE C24  C  N N 9   
1PE OH5  O  N N 10  
1PE C15  C  N N 11  
1PE C25  C  N N 12  
1PE OH6  O  N N 13  
1PE C16  C  N N 14  
1PE C26  C  N N 15  
1PE OH7  O  N N 16  
1PE HO2  H  N N 17  
1PE H121 H  N N 18  
1PE H122 H  N N 19  
1PE H221 H  N N 20  
1PE H222 H  N N 21  
1PE H131 H  N N 22  
1PE H132 H  N N 23  
1PE H231 H  N N 24  
1PE H232 H  N N 25  
1PE H141 H  N N 26  
1PE H142 H  N N 27  
1PE H241 H  N N 28  
1PE H242 H  N N 29  
1PE H151 H  N N 30  
1PE H152 H  N N 31  
1PE H251 H  N N 32  
1PE H252 H  N N 33  
1PE H161 H  N N 34  
1PE H162 H  N N 35  
1PE H261 H  N N 36  
1PE H262 H  N N 37  
1PE HO7  H  N N 38  
ALA N    N  N N 39  
ALA CA   C  N S 40  
ALA C    C  N N 41  
ALA O    O  N N 42  
ALA CB   C  N N 43  
ALA OXT  O  N N 44  
ALA H    H  N N 45  
ALA H2   H  N N 46  
ALA HA   H  N N 47  
ALA HB1  H  N N 48  
ALA HB2  H  N N 49  
ALA HB3  H  N N 50  
ALA HXT  H  N N 51  
ARG N    N  N N 52  
ARG CA   C  N S 53  
ARG C    C  N N 54  
ARG O    O  N N 55  
ARG CB   C  N N 56  
ARG CG   C  N N 57  
ARG CD   C  N N 58  
ARG NE   N  N N 59  
ARG CZ   C  N N 60  
ARG NH1  N  N N 61  
ARG NH2  N  N N 62  
ARG OXT  O  N N 63  
ARG H    H  N N 64  
ARG H2   H  N N 65  
ARG HA   H  N N 66  
ARG HB2  H  N N 67  
ARG HB3  H  N N 68  
ARG HG2  H  N N 69  
ARG HG3  H  N N 70  
ARG HD2  H  N N 71  
ARG HD3  H  N N 72  
ARG HE   H  N N 73  
ARG HH11 H  N N 74  
ARG HH12 H  N N 75  
ARG HH21 H  N N 76  
ARG HH22 H  N N 77  
ARG HXT  H  N N 78  
ASN N    N  N N 79  
ASN CA   C  N S 80  
ASN C    C  N N 81  
ASN O    O  N N 82  
ASN CB   C  N N 83  
ASN CG   C  N N 84  
ASN OD1  O  N N 85  
ASN ND2  N  N N 86  
ASN OXT  O  N N 87  
ASN H    H  N N 88  
ASN H2   H  N N 89  
ASN HA   H  N N 90  
ASN HB2  H  N N 91  
ASN HB3  H  N N 92  
ASN HD21 H  N N 93  
ASN HD22 H  N N 94  
ASN HXT  H  N N 95  
ASP N    N  N N 96  
ASP CA   C  N S 97  
ASP C    C  N N 98  
ASP O    O  N N 99  
ASP CB   C  N N 100 
ASP CG   C  N N 101 
ASP OD1  O  N N 102 
ASP OD2  O  N N 103 
ASP OXT  O  N N 104 
ASP H    H  N N 105 
ASP H2   H  N N 106 
ASP HA   H  N N 107 
ASP HB2  H  N N 108 
ASP HB3  H  N N 109 
ASP HD2  H  N N 110 
ASP HXT  H  N N 111 
CYS N    N  N N 112 
CYS CA   C  N R 113 
CYS C    C  N N 114 
CYS O    O  N N 115 
CYS CB   C  N N 116 
CYS SG   S  N N 117 
CYS OXT  O  N N 118 
CYS H    H  N N 119 
CYS H2   H  N N 120 
CYS HA   H  N N 121 
CYS HB2  H  N N 122 
CYS HB3  H  N N 123 
CYS HG   H  N N 124 
CYS HXT  H  N N 125 
GLN N    N  N N 126 
GLN CA   C  N S 127 
GLN C    C  N N 128 
GLN O    O  N N 129 
GLN CB   C  N N 130 
GLN CG   C  N N 131 
GLN CD   C  N N 132 
GLN OE1  O  N N 133 
GLN NE2  N  N N 134 
GLN OXT  O  N N 135 
GLN H    H  N N 136 
GLN H2   H  N N 137 
GLN HA   H  N N 138 
GLN HB2  H  N N 139 
GLN HB3  H  N N 140 
GLN HG2  H  N N 141 
GLN HG3  H  N N 142 
GLN HE21 H  N N 143 
GLN HE22 H  N N 144 
GLN HXT  H  N N 145 
GLU N    N  N N 146 
GLU CA   C  N S 147 
GLU C    C  N N 148 
GLU O    O  N N 149 
GLU CB   C  N N 150 
GLU CG   C  N N 151 
GLU CD   C  N N 152 
GLU OE1  O  N N 153 
GLU OE2  O  N N 154 
GLU OXT  O  N N 155 
GLU H    H  N N 156 
GLU H2   H  N N 157 
GLU HA   H  N N 158 
GLU HB2  H  N N 159 
GLU HB3  H  N N 160 
GLU HG2  H  N N 161 
GLU HG3  H  N N 162 
GLU HE2  H  N N 163 
GLU HXT  H  N N 164 
GLY N    N  N N 165 
GLY CA   C  N N 166 
GLY C    C  N N 167 
GLY O    O  N N 168 
GLY OXT  O  N N 169 
GLY H    H  N N 170 
GLY H2   H  N N 171 
GLY HA2  H  N N 172 
GLY HA3  H  N N 173 
GLY HXT  H  N N 174 
HIS N    N  N N 175 
HIS CA   C  N S 176 
HIS C    C  N N 177 
HIS O    O  N N 178 
HIS CB   C  N N 179 
HIS CG   C  Y N 180 
HIS ND1  N  Y N 181 
HIS CD2  C  Y N 182 
HIS CE1  C  Y N 183 
HIS NE2  N  Y N 184 
HIS OXT  O  N N 185 
HIS H    H  N N 186 
HIS H2   H  N N 187 
HIS HA   H  N N 188 
HIS HB2  H  N N 189 
HIS HB3  H  N N 190 
HIS HD1  H  N N 191 
HIS HD2  H  N N 192 
HIS HE1  H  N N 193 
HIS HE2  H  N N 194 
HIS HXT  H  N N 195 
HOH O    O  N N 196 
HOH H1   H  N N 197 
HOH H2   H  N N 198 
ILE N    N  N N 199 
ILE CA   C  N S 200 
ILE C    C  N N 201 
ILE O    O  N N 202 
ILE CB   C  N S 203 
ILE CG1  C  N N 204 
ILE CG2  C  N N 205 
ILE CD1  C  N N 206 
ILE OXT  O  N N 207 
ILE H    H  N N 208 
ILE H2   H  N N 209 
ILE HA   H  N N 210 
ILE HB   H  N N 211 
ILE HG12 H  N N 212 
ILE HG13 H  N N 213 
ILE HG21 H  N N 214 
ILE HG22 H  N N 215 
ILE HG23 H  N N 216 
ILE HD11 H  N N 217 
ILE HD12 H  N N 218 
ILE HD13 H  N N 219 
ILE HXT  H  N N 220 
LEU N    N  N N 221 
LEU CA   C  N S 222 
LEU C    C  N N 223 
LEU O    O  N N 224 
LEU CB   C  N N 225 
LEU CG   C  N N 226 
LEU CD1  C  N N 227 
LEU CD2  C  N N 228 
LEU OXT  O  N N 229 
LEU H    H  N N 230 
LEU H2   H  N N 231 
LEU HA   H  N N 232 
LEU HB2  H  N N 233 
LEU HB3  H  N N 234 
LEU HG   H  N N 235 
LEU HD11 H  N N 236 
LEU HD12 H  N N 237 
LEU HD13 H  N N 238 
LEU HD21 H  N N 239 
LEU HD22 H  N N 240 
LEU HD23 H  N N 241 
LEU HXT  H  N N 242 
LYS N    N  N N 243 
LYS CA   C  N S 244 
LYS C    C  N N 245 
LYS O    O  N N 246 
LYS CB   C  N N 247 
LYS CG   C  N N 248 
LYS CD   C  N N 249 
LYS CE   C  N N 250 
LYS NZ   N  N N 251 
LYS OXT  O  N N 252 
LYS H    H  N N 253 
LYS H2   H  N N 254 
LYS HA   H  N N 255 
LYS HB2  H  N N 256 
LYS HB3  H  N N 257 
LYS HG2  H  N N 258 
LYS HG3  H  N N 259 
LYS HD2  H  N N 260 
LYS HD3  H  N N 261 
LYS HE2  H  N N 262 
LYS HE3  H  N N 263 
LYS HZ1  H  N N 264 
LYS HZ2  H  N N 265 
LYS HZ3  H  N N 266 
LYS HXT  H  N N 267 
MET N    N  N N 268 
MET CA   C  N S 269 
MET C    C  N N 270 
MET O    O  N N 271 
MET CB   C  N N 272 
MET CG   C  N N 273 
MET SD   S  N N 274 
MET CE   C  N N 275 
MET OXT  O  N N 276 
MET H    H  N N 277 
MET H2   H  N N 278 
MET HA   H  N N 279 
MET HB2  H  N N 280 
MET HB3  H  N N 281 
MET HG2  H  N N 282 
MET HG3  H  N N 283 
MET HE1  H  N N 284 
MET HE2  H  N N 285 
MET HE3  H  N N 286 
MET HXT  H  N N 287 
NA  NA   NA N N 288 
PRO N    N  N N 289 
PRO CA   C  N S 290 
PRO C    C  N N 291 
PRO O    O  N N 292 
PRO CB   C  N N 293 
PRO CG   C  N N 294 
PRO CD   C  N N 295 
PRO OXT  O  N N 296 
PRO H    H  N N 297 
PRO HA   H  N N 298 
PRO HB2  H  N N 299 
PRO HB3  H  N N 300 
PRO HG2  H  N N 301 
PRO HG3  H  N N 302 
PRO HD2  H  N N 303 
PRO HD3  H  N N 304 
PRO HXT  H  N N 305 
SER N    N  N N 306 
SER CA   C  N S 307 
SER C    C  N N 308 
SER O    O  N N 309 
SER CB   C  N N 310 
SER OG   O  N N 311 
SER OXT  O  N N 312 
SER H    H  N N 313 
SER H2   H  N N 314 
SER HA   H  N N 315 
SER HB2  H  N N 316 
SER HB3  H  N N 317 
SER HG   H  N N 318 
SER HXT  H  N N 319 
SO4 S    S  N N 320 
SO4 O1   O  N N 321 
SO4 O2   O  N N 322 
SO4 O3   O  N N 323 
SO4 O4   O  N N 324 
THR N    N  N N 325 
THR CA   C  N S 326 
THR C    C  N N 327 
THR O    O  N N 328 
THR CB   C  N R 329 
THR OG1  O  N N 330 
THR CG2  C  N N 331 
THR OXT  O  N N 332 
THR H    H  N N 333 
THR H2   H  N N 334 
THR HA   H  N N 335 
THR HB   H  N N 336 
THR HG1  H  N N 337 
THR HG21 H  N N 338 
THR HG22 H  N N 339 
THR HG23 H  N N 340 
THR HXT  H  N N 341 
TYR N    N  N N 342 
TYR CA   C  N S 343 
TYR C    C  N N 344 
TYR O    O  N N 345 
TYR CB   C  N N 346 
TYR CG   C  Y N 347 
TYR CD1  C  Y N 348 
TYR CD2  C  Y N 349 
TYR CE1  C  Y N 350 
TYR CE2  C  Y N 351 
TYR CZ   C  Y N 352 
TYR OH   O  N N 353 
TYR OXT  O  N N 354 
TYR H    H  N N 355 
TYR H2   H  N N 356 
TYR HA   H  N N 357 
TYR HB2  H  N N 358 
TYR HB3  H  N N 359 
TYR HD1  H  N N 360 
TYR HD2  H  N N 361 
TYR HE1  H  N N 362 
TYR HE2  H  N N 363 
TYR HH   H  N N 364 
TYR HXT  H  N N 365 
VAL N    N  N N 366 
VAL CA   C  N S 367 
VAL C    C  N N 368 
VAL O    O  N N 369 
VAL CB   C  N N 370 
VAL CG1  C  N N 371 
VAL CG2  C  N N 372 
VAL OXT  O  N N 373 
VAL H    H  N N 374 
VAL H2   H  N N 375 
VAL HA   H  N N 376 
VAL HB   H  N N 377 
VAL HG11 H  N N 378 
VAL HG12 H  N N 379 
VAL HG13 H  N N 380 
VAL HG21 H  N N 381 
VAL HG22 H  N N 382 
VAL HG23 H  N N 383 
VAL HXT  H  N N 384 
# 
loop_
_chem_comp_bond.comp_id 
_chem_comp_bond.atom_id_1 
_chem_comp_bond.atom_id_2 
_chem_comp_bond.value_order 
_chem_comp_bond.pdbx_aromatic_flag 
_chem_comp_bond.pdbx_stereo_config 
_chem_comp_bond.pdbx_ordinal 
1PE OH2 C12  sing N N 1   
1PE OH2 HO2  sing N N 2   
1PE C12 C22  sing N N 3   
1PE C12 H121 sing N N 4   
1PE C12 H122 sing N N 5   
1PE C22 OH3  sing N N 6   
1PE C22 H221 sing N N 7   
1PE C22 H222 sing N N 8   
1PE OH3 C23  sing N N 9   
1PE C13 C23  sing N N 10  
1PE C13 OH4  sing N N 11  
1PE C13 H131 sing N N 12  
1PE C13 H132 sing N N 13  
1PE C23 H231 sing N N 14  
1PE C23 H232 sing N N 15  
1PE OH4 C24  sing N N 16  
1PE C14 C24  sing N N 17  
1PE C14 OH5  sing N N 18  
1PE C14 H141 sing N N 19  
1PE C14 H142 sing N N 20  
1PE C24 H241 sing N N 21  
1PE C24 H242 sing N N 22  
1PE OH5 C25  sing N N 23  
1PE C15 C25  sing N N 24  
1PE C15 OH6  sing N N 25  
1PE C15 H151 sing N N 26  
1PE C15 H152 sing N N 27  
1PE C25 H251 sing N N 28  
1PE C25 H252 sing N N 29  
1PE OH6 C26  sing N N 30  
1PE C16 C26  sing N N 31  
1PE C16 OH7  sing N N 32  
1PE C16 H161 sing N N 33  
1PE C16 H162 sing N N 34  
1PE C26 H261 sing N N 35  
1PE C26 H262 sing N N 36  
1PE OH7 HO7  sing N N 37  
ALA N   CA   sing N N 38  
ALA N   H    sing N N 39  
ALA N   H2   sing N N 40  
ALA CA  C    sing N N 41  
ALA CA  CB   sing N N 42  
ALA CA  HA   sing N N 43  
ALA C   O    doub N N 44  
ALA C   OXT  sing N N 45  
ALA CB  HB1  sing N N 46  
ALA CB  HB2  sing N N 47  
ALA CB  HB3  sing N N 48  
ALA OXT HXT  sing N N 49  
ARG N   CA   sing N N 50  
ARG N   H    sing N N 51  
ARG N   H2   sing N N 52  
ARG CA  C    sing N N 53  
ARG CA  CB   sing N N 54  
ARG CA  HA   sing N N 55  
ARG C   O    doub N N 56  
ARG C   OXT  sing N N 57  
ARG CB  CG   sing N N 58  
ARG CB  HB2  sing N N 59  
ARG CB  HB3  sing N N 60  
ARG CG  CD   sing N N 61  
ARG CG  HG2  sing N N 62  
ARG CG  HG3  sing N N 63  
ARG CD  NE   sing N N 64  
ARG CD  HD2  sing N N 65  
ARG CD  HD3  sing N N 66  
ARG NE  CZ   sing N N 67  
ARG NE  HE   sing N N 68  
ARG CZ  NH1  sing N N 69  
ARG CZ  NH2  doub N N 70  
ARG NH1 HH11 sing N N 71  
ARG NH1 HH12 sing N N 72  
ARG NH2 HH21 sing N N 73  
ARG NH2 HH22 sing N N 74  
ARG OXT HXT  sing N N 75  
ASN N   CA   sing N N 76  
ASN N   H    sing N N 77  
ASN N   H2   sing N N 78  
ASN CA  C    sing N N 79  
ASN CA  CB   sing N N 80  
ASN CA  HA   sing N N 81  
ASN C   O    doub N N 82  
ASN C   OXT  sing N N 83  
ASN CB  CG   sing N N 84  
ASN CB  HB2  sing N N 85  
ASN CB  HB3  sing N N 86  
ASN CG  OD1  doub N N 87  
ASN CG  ND2  sing N N 88  
ASN ND2 HD21 sing N N 89  
ASN ND2 HD22 sing N N 90  
ASN OXT HXT  sing N N 91  
ASP N   CA   sing N N 92  
ASP N   H    sing N N 93  
ASP N   H2   sing N N 94  
ASP CA  C    sing N N 95  
ASP CA  CB   sing N N 96  
ASP CA  HA   sing N N 97  
ASP C   O    doub N N 98  
ASP C   OXT  sing N N 99  
ASP CB  CG   sing N N 100 
ASP CB  HB2  sing N N 101 
ASP CB  HB3  sing N N 102 
ASP CG  OD1  doub N N 103 
ASP CG  OD2  sing N N 104 
ASP OD2 HD2  sing N N 105 
ASP OXT HXT  sing N N 106 
CYS N   CA   sing N N 107 
CYS N   H    sing N N 108 
CYS N   H2   sing N N 109 
CYS CA  C    sing N N 110 
CYS CA  CB   sing N N 111 
CYS CA  HA   sing N N 112 
CYS C   O    doub N N 113 
CYS C   OXT  sing N N 114 
CYS CB  SG   sing N N 115 
CYS CB  HB2  sing N N 116 
CYS CB  HB3  sing N N 117 
CYS SG  HG   sing N N 118 
CYS OXT HXT  sing N N 119 
GLN N   CA   sing N N 120 
GLN N   H    sing N N 121 
GLN N   H2   sing N N 122 
GLN CA  C    sing N N 123 
GLN CA  CB   sing N N 124 
GLN CA  HA   sing N N 125 
GLN C   O    doub N N 126 
GLN C   OXT  sing N N 127 
GLN CB  CG   sing N N 128 
GLN CB  HB2  sing N N 129 
GLN CB  HB3  sing N N 130 
GLN CG  CD   sing N N 131 
GLN CG  HG2  sing N N 132 
GLN CG  HG3  sing N N 133 
GLN CD  OE1  doub N N 134 
GLN CD  NE2  sing N N 135 
GLN NE2 HE21 sing N N 136 
GLN NE2 HE22 sing N N 137 
GLN OXT HXT  sing N N 138 
GLU N   CA   sing N N 139 
GLU N   H    sing N N 140 
GLU N   H2   sing N N 141 
GLU CA  C    sing N N 142 
GLU CA  CB   sing N N 143 
GLU CA  HA   sing N N 144 
GLU C   O    doub N N 145 
GLU C   OXT  sing N N 146 
GLU CB  CG   sing N N 147 
GLU CB  HB2  sing N N 148 
GLU CB  HB3  sing N N 149 
GLU CG  CD   sing N N 150 
GLU CG  HG2  sing N N 151 
GLU CG  HG3  sing N N 152 
GLU CD  OE1  doub N N 153 
GLU CD  OE2  sing N N 154 
GLU OE2 HE2  sing N N 155 
GLU OXT HXT  sing N N 156 
GLY N   CA   sing N N 157 
GLY N   H    sing N N 158 
GLY N   H2   sing N N 159 
GLY CA  C    sing N N 160 
GLY CA  HA2  sing N N 161 
GLY CA  HA3  sing N N 162 
GLY C   O    doub N N 163 
GLY C   OXT  sing N N 164 
GLY OXT HXT  sing N N 165 
HIS N   CA   sing N N 166 
HIS N   H    sing N N 167 
HIS N   H2   sing N N 168 
HIS CA  C    sing N N 169 
HIS CA  CB   sing N N 170 
HIS CA  HA   sing N N 171 
HIS C   O    doub N N 172 
HIS C   OXT  sing N N 173 
HIS CB  CG   sing N N 174 
HIS CB  HB2  sing N N 175 
HIS CB  HB3  sing N N 176 
HIS CG  ND1  sing Y N 177 
HIS CG  CD2  doub Y N 178 
HIS ND1 CE1  doub Y N 179 
HIS ND1 HD1  sing N N 180 
HIS CD2 NE2  sing Y N 181 
HIS CD2 HD2  sing N N 182 
HIS CE1 NE2  sing Y N 183 
HIS CE1 HE1  sing N N 184 
HIS NE2 HE2  sing N N 185 
HIS OXT HXT  sing N N 186 
HOH O   H1   sing N N 187 
HOH O   H2   sing N N 188 
ILE N   CA   sing N N 189 
ILE N   H    sing N N 190 
ILE N   H2   sing N N 191 
ILE CA  C    sing N N 192 
ILE CA  CB   sing N N 193 
ILE CA  HA   sing N N 194 
ILE C   O    doub N N 195 
ILE C   OXT  sing N N 196 
ILE CB  CG1  sing N N 197 
ILE CB  CG2  sing N N 198 
ILE CB  HB   sing N N 199 
ILE CG1 CD1  sing N N 200 
ILE CG1 HG12 sing N N 201 
ILE CG1 HG13 sing N N 202 
ILE CG2 HG21 sing N N 203 
ILE CG2 HG22 sing N N 204 
ILE CG2 HG23 sing N N 205 
ILE CD1 HD11 sing N N 206 
ILE CD1 HD12 sing N N 207 
ILE CD1 HD13 sing N N 208 
ILE OXT HXT  sing N N 209 
LEU N   CA   sing N N 210 
LEU N   H    sing N N 211 
LEU N   H2   sing N N 212 
LEU CA  C    sing N N 213 
LEU CA  CB   sing N N 214 
LEU CA  HA   sing N N 215 
LEU C   O    doub N N 216 
LEU C   OXT  sing N N 217 
LEU CB  CG   sing N N 218 
LEU CB  HB2  sing N N 219 
LEU CB  HB3  sing N N 220 
LEU CG  CD1  sing N N 221 
LEU CG  CD2  sing N N 222 
LEU CG  HG   sing N N 223 
LEU CD1 HD11 sing N N 224 
LEU CD1 HD12 sing N N 225 
LEU CD1 HD13 sing N N 226 
LEU CD2 HD21 sing N N 227 
LEU CD2 HD22 sing N N 228 
LEU CD2 HD23 sing N N 229 
LEU OXT HXT  sing N N 230 
LYS N   CA   sing N N 231 
LYS N   H    sing N N 232 
LYS N   H2   sing N N 233 
LYS CA  C    sing N N 234 
LYS CA  CB   sing N N 235 
LYS CA  HA   sing N N 236 
LYS C   O    doub N N 237 
LYS C   OXT  sing N N 238 
LYS CB  CG   sing N N 239 
LYS CB  HB2  sing N N 240 
LYS CB  HB3  sing N N 241 
LYS CG  CD   sing N N 242 
LYS CG  HG2  sing N N 243 
LYS CG  HG3  sing N N 244 
LYS CD  CE   sing N N 245 
LYS CD  HD2  sing N N 246 
LYS CD  HD3  sing N N 247 
LYS CE  NZ   sing N N 248 
LYS CE  HE2  sing N N 249 
LYS CE  HE3  sing N N 250 
LYS NZ  HZ1  sing N N 251 
LYS NZ  HZ2  sing N N 252 
LYS NZ  HZ3  sing N N 253 
LYS OXT HXT  sing N N 254 
MET N   CA   sing N N 255 
MET N   H    sing N N 256 
MET N   H2   sing N N 257 
MET CA  C    sing N N 258 
MET CA  CB   sing N N 259 
MET CA  HA   sing N N 260 
MET C   O    doub N N 261 
MET C   OXT  sing N N 262 
MET CB  CG   sing N N 263 
MET CB  HB2  sing N N 264 
MET CB  HB3  sing N N 265 
MET CG  SD   sing N N 266 
MET CG  HG2  sing N N 267 
MET CG  HG3  sing N N 268 
MET SD  CE   sing N N 269 
MET CE  HE1  sing N N 270 
MET CE  HE2  sing N N 271 
MET CE  HE3  sing N N 272 
MET OXT HXT  sing N N 273 
PRO N   CA   sing N N 274 
PRO N   CD   sing N N 275 
PRO N   H    sing N N 276 
PRO CA  C    sing N N 277 
PRO CA  CB   sing N N 278 
PRO CA  HA   sing N N 279 
PRO C   O    doub N N 280 
PRO C   OXT  sing N N 281 
PRO CB  CG   sing N N 282 
PRO CB  HB2  sing N N 283 
PRO CB  HB3  sing N N 284 
PRO CG  CD   sing N N 285 
PRO CG  HG2  sing N N 286 
PRO CG  HG3  sing N N 287 
PRO CD  HD2  sing N N 288 
PRO CD  HD3  sing N N 289 
PRO OXT HXT  sing N N 290 
SER N   CA   sing N N 291 
SER N   H    sing N N 292 
SER N   H2   sing N N 293 
SER CA  C    sing N N 294 
SER CA  CB   sing N N 295 
SER CA  HA   sing N N 296 
SER C   O    doub N N 297 
SER C   OXT  sing N N 298 
SER CB  OG   sing N N 299 
SER CB  HB2  sing N N 300 
SER CB  HB3  sing N N 301 
SER OG  HG   sing N N 302 
SER OXT HXT  sing N N 303 
SO4 S   O1   doub N N 304 
SO4 S   O2   doub N N 305 
SO4 S   O3   sing N N 306 
SO4 S   O4   sing N N 307 
THR N   CA   sing N N 308 
THR N   H    sing N N 309 
THR N   H2   sing N N 310 
THR CA  C    sing N N 311 
THR CA  CB   sing N N 312 
THR CA  HA   sing N N 313 
THR C   O    doub N N 314 
THR C   OXT  sing N N 315 
THR CB  OG1  sing N N 316 
THR CB  CG2  sing N N 317 
THR CB  HB   sing N N 318 
THR OG1 HG1  sing N N 319 
THR CG2 HG21 sing N N 320 
THR CG2 HG22 sing N N 321 
THR CG2 HG23 sing N N 322 
THR OXT HXT  sing N N 323 
TYR N   CA   sing N N 324 
TYR N   H    sing N N 325 
TYR N   H2   sing N N 326 
TYR CA  C    sing N N 327 
TYR CA  CB   sing N N 328 
TYR CA  HA   sing N N 329 
TYR C   O    doub N N 330 
TYR C   OXT  sing N N 331 
TYR CB  CG   sing N N 332 
TYR CB  HB2  sing N N 333 
TYR CB  HB3  sing N N 334 
TYR CG  CD1  doub Y N 335 
TYR CG  CD2  sing Y N 336 
TYR CD1 CE1  sing Y N 337 
TYR CD1 HD1  sing N N 338 
TYR CD2 CE2  doub Y N 339 
TYR CD2 HD2  sing N N 340 
TYR CE1 CZ   doub Y N 341 
TYR CE1 HE1  sing N N 342 
TYR CE2 CZ   sing Y N 343 
TYR CE2 HE2  sing N N 344 
TYR CZ  OH   sing N N 345 
TYR OH  HH   sing N N 346 
TYR OXT HXT  sing N N 347 
VAL N   CA   sing N N 348 
VAL N   H    sing N N 349 
VAL N   H2   sing N N 350 
VAL CA  C    sing N N 351 
VAL CA  CB   sing N N 352 
VAL CA  HA   sing N N 353 
VAL C   O    doub N N 354 
VAL C   OXT  sing N N 355 
VAL CB  CG1  sing N N 356 
VAL CB  CG2  sing N N 357 
VAL CB  HB   sing N N 358 
VAL CG1 HG11 sing N N 359 
VAL CG1 HG12 sing N N 360 
VAL CG1 HG13 sing N N 361 
VAL CG2 HG21 sing N N 362 
VAL CG2 HG22 sing N N 363 
VAL CG2 HG23 sing N N 364 
VAL OXT HXT  sing N N 365 
# 
_atom_sites.entry_id                    4P3K 
_atom_sites.fract_transf_matrix[1][1]   0.01605830 
_atom_sites.fract_transf_matrix[1][2]   -0.00192560 
_atom_sites.fract_transf_matrix[1][3]   -0.00368358 
_atom_sites.fract_transf_matrix[2][1]   0.00267367 
_atom_sites.fract_transf_matrix[2][2]   -0.00747376 
_atom_sites.fract_transf_matrix[2][3]   0.01556262 
_atom_sites.fract_transf_matrix[3][1]   0.01006735 
_atom_sites.fract_transf_matrix[3][2]   -0.01824769 
_atom_sites.fract_transf_matrix[3][3]   -0.01049281 
_atom_sites.fract_transf_vector[1]      1.270590 
_atom_sites.fract_transf_vector[2]      -0.257477 
_atom_sites.fract_transf_vector[3]      0.270539 
# 
loop_
_atom_type.symbol 
C  
N  
NA 
O  
S  
# 
loop_
_atom_site.group_PDB 
_atom_site.id 
_atom_site.type_symbol 
_atom_site.label_atom_id 
_atom_site.label_alt_id 
_atom_site.label_comp_id 
_atom_site.label_asym_id 
_atom_site.label_entity_id 
_atom_site.label_seq_id 
_atom_site.pdbx_PDB_ins_code 
_atom_site.Cartn_x 
_atom_site.Cartn_y 
_atom_site.Cartn_z 
_atom_site.occupancy 
_atom_site.B_iso_or_equiv 
_atom_site.pdbx_formal_charge 
_atom_site.auth_seq_id 
_atom_site.auth_comp_id 
_atom_site.auth_asym_id 
_atom_site.auth_atom_id 
_atom_site.pdbx_PDB_model_num 
ATOM   1    N  N   . GLN A 1 3   ? -16.454 -22.739 6.801   1.00 109.52 ? 3   GLN A N   1 
ATOM   2    C  CA  . GLN A 1 3   ? -16.000 -21.647 5.881   1.00 104.40 ? 3   GLN A CA  1 
ATOM   3    C  C   . GLN A 1 3   ? -15.115 -22.184 4.748   1.00 92.53  ? 3   GLN A C   1 
ATOM   4    O  O   . GLN A 1 3   ? -14.620 -23.318 4.811   1.00 76.74  ? 3   GLN A O   1 
ATOM   5    C  CB  . GLN A 1 3   ? -15.228 -20.580 6.675   1.00 110.03 ? 3   GLN A CB  1 
ATOM   6    C  CG  . GLN A 1 3   ? -13.974 -21.128 7.354   1.00 108.94 ? 3   GLN A CG  1 
ATOM   7    C  CD  . GLN A 1 3   ? -13.295 -20.152 8.298   1.00 102.98 ? 3   GLN A CD  1 
ATOM   8    O  OE1 . GLN A 1 3   ? -13.799 -19.056 8.570   1.00 105.78 ? 3   GLN A OE1 1 
ATOM   9    N  NE2 . GLN A 1 3   ? -12.128 -20.549 8.790   1.00 91.79  ? 3   GLN A NE2 1 
ATOM   10   N  N   . GLU A 1 4   ? -14.947 -21.349 3.721   1.00 83.86  ? 4   GLU A N   1 
ATOM   11   C  CA  . GLU A 1 4   ? -13.939 -21.521 2.650   1.00 70.98  ? 4   GLU A CA  1 
ATOM   12   C  C   . GLU A 1 4   ? -12.809 -20.461 2.768   1.00 53.67  ? 4   GLU A C   1 
ATOM   13   O  O   . GLU A 1 4   ? -11.805 -20.499 2.072   1.00 41.87  ? 4   GLU A O   1 
ATOM   14   C  CB  . GLU A 1 4   ? -14.633 -21.358 1.308   1.00 77.87  ? 4   GLU A CB  1 
ATOM   15   C  CG  . GLU A 1 4   ? -15.911 -22.174 1.176   1.00 85.87  ? 4   GLU A CG  1 
ATOM   16   C  CD  . GLU A 1 4   ? -15.615 -23.631 0.917   1.00 90.14  ? 4   GLU A CD  1 
ATOM   17   O  OE1 . GLU A 1 4   ? -16.254 -24.497 1.570   1.00 93.26  ? 4   GLU A OE1 1 
ATOM   18   O  OE2 . GLU A 1 4   ? -14.723 -23.894 0.069   1.00 87.34  ? 4   GLU A OE2 1 
ATOM   19   N  N   . LYS A 1 5   ? -13.023 -19.506 3.652   1.00 46.60  ? 5   LYS A N   1 
ATOM   20   C  CA  . LYS A 1 5   ? -12.135 -18.360 3.814   1.00 43.18  ? 5   LYS A CA  1 
ATOM   21   C  C   . LYS A 1 5   ? -11.747 -18.324 5.280   1.00 35.04  ? 5   LYS A C   1 
ATOM   22   O  O   . LYS A 1 5   ? -12.328 -19.017 6.104   1.00 36.04  ? 5   LYS A O   1 
ATOM   23   C  CB  . LYS A 1 5   ? -12.854 -17.068 3.415   1.00 51.22  ? 5   LYS A CB  1 
ATOM   24   C  CG  . LYS A 1 5   ? -14.036 -16.689 4.282   1.00 66.19  ? 5   LYS A CG  1 
ATOM   25   C  CD  . LYS A 1 5   ? -15.091 -15.905 3.507   1.00 78.70  ? 5   LYS A CD  1 
ATOM   26   C  CE  . LYS A 1 5   ? -15.996 -16.793 2.649   1.00 83.15  ? 5   LYS A CE  1 
ATOM   27   N  NZ  . LYS A 1 5   ? -16.712 -16.073 1.549   1.00 89.53  ? 5   LYS A NZ  1 
ATOM   28   N  N   . ALA A 1 6   ? -10.698 -17.600 5.611   1.00 26.03  ? 6   ALA A N   1 
ATOM   29   C  CA  . ALA A 1 6   ? -10.382 -17.306 7.001   1.00 22.78  ? 6   ALA A CA  1 
ATOM   30   C  C   . ALA A 1 6   ? -10.113 -15.813 7.072   1.00 24.02  ? 6   ALA A C   1 
ATOM   31   O  O   . ALA A 1 6   ? -9.537  -15.238 6.110   1.00 22.59  ? 6   ALA A O   1 
ATOM   32   C  CB  . ALA A 1 6   ? -9.191  -18.093 7.450   1.00 24.52  ? 6   ALA A CB  1 
ATOM   33   N  N   . VAL A 1 7   ? -10.492 -15.207 8.198   1.00 21.43  ? 7   VAL A N   1 
ATOM   34   C  CA  . VAL A 1 7   ? -10.254 -13.790 8.437   1.00 22.04  ? 7   VAL A CA  1 
ATOM   35   C  C   . VAL A 1 7   ? -8.849  -13.601 9.013   1.00 22.41  ? 7   VAL A C   1 
ATOM   36   O  O   . VAL A 1 7   ? -8.494  -14.179 10.050  1.00 21.98  ? 7   VAL A O   1 
ATOM   37   C  CB  . VAL A 1 7   ? -11.339 -13.110 9.315   1.00 21.45  ? 7   VAL A CB  1 
ATOM   38   C  CG1 . VAL A 1 7   ? -11.005 -11.636 9.555   1.00 21.77  ? 7   VAL A CG1 1 
ATOM   39   C  CG2 . VAL A 1 7   ? -12.698 -13.252 8.679   1.00 23.37  ? 7   VAL A CG2 1 
ATOM   40   N  N   . VAL A 1 8   ? -8.019  -12.807 8.303   1.00 20.59  ? 8   VAL A N   1 
ATOM   41   C  CA  . VAL A 1 8   ? -6.665  -12.541 8.827   1.00 20.34  ? 8   VAL A CA  1 
ATOM   42   C  C   . VAL A 1 8   ? -6.488  -11.142 9.399   1.00 20.00  ? 8   VAL A C   1 
ATOM   43   O  O   . VAL A 1 8   ? -5.585  -10.959 10.178  1.00 22.43  ? 8   VAL A O   1 
ATOM   44   C  CB  . VAL A 1 8   ? -5.562  -12.833 7.776   1.00 22.02  ? 8   VAL A CB  1 
ATOM   45   C  CG1 . VAL A 1 8   ? -5.573  -14.322 7.452   1.00 22.75  ? 8   VAL A CG1 1 
ATOM   46   C  CG2 . VAL A 1 8   ? -5.778  -12.020 6.507   1.00 21.93  ? 8   VAL A CG2 1 
ATOM   47   N  N   . LEU A 1 9   ? -7.313  -10.197 9.024   1.00 19.52  ? 9   LEU A N   1 
ATOM   48   C  CA  . LEU A 1 9   ? -7.463  -8.941  9.756   1.00 19.95  ? 9   LEU A CA  1 
ATOM   49   C  C   . LEU A 1 9   ? -8.883  -8.551  9.796   1.00 22.89  ? 9   LEU A C   1 
ATOM   50   O  O   . LEU A 1 9   ? -9.535  -8.255  8.752   1.00 21.35  ? 9   LEU A O   1 
ATOM   51   C  CB  . LEU A 1 9   ? -6.673  -7.768  9.122   1.00 24.32  ? 9   LEU A CB  1 
ATOM   52   C  CG  . LEU A 1 9   ? -5.159  -7.701  9.185   1.00 25.12  ? 9   LEU A CG  1 
ATOM   53   C  CD1 . LEU A 1 9   ? -4.726  -6.465  8.384   1.00 26.96  ? 9   LEU A CD1 1 
ATOM   54   C  CD2 . LEU A 1 9   ? -4.647  -7.543  10.579  1.00 26.75  ? 9   LEU A CD2 1 
ATOM   55   N  N   . ASP A 1 10  ? -9.440  -8.536  11.024  1.00 22.32  ? 10  ASP A N   1 
ATOM   56   C  CA  . ASP A 1 10  ? -10.780 -7.991  11.197  1.00 23.39  ? 10  ASP A CA  1 
ATOM   57   C  C   . ASP A 1 10  ? -10.779 -6.456  11.274  1.00 23.04  ? 10  ASP A C   1 
ATOM   58   O  O   . ASP A 1 10  ? -9.720  -5.811  11.109  1.00 21.05  ? 10  ASP A O   1 
ATOM   59   C  CB  . ASP A 1 10  ? -11.484 -8.656  12.387  1.00 25.27  ? 10  ASP A CB  1 
ATOM   60   C  CG  . ASP A 1 10  ? -10.791 -8.422  13.723  1.00 23.11  ? 10  ASP A CG  1 
ATOM   61   O  OD1 . ASP A 1 10  ? -9.983  -7.484  13.876  1.00 22.27  ? 10  ASP A OD1 1 
ATOM   62   O  OD2 . ASP A 1 10  ? -11.055 -9.225  14.665  1.00 26.65  ? 10  ASP A OD2 1 
ATOM   63   N  N   . GLU A 1 11  ? -11.970 -5.888  11.370  1.00 25.03  ? 11  GLU A N   1 
ATOM   64   C  CA  . GLU A 1 11  ? -12.131 -4.452  11.391  1.00 30.56  ? 11  GLU A CA  1 
ATOM   65   C  C   . GLU A 1 11  ? -11.210 -3.776  12.423  1.00 26.18  ? 11  GLU A C   1 
ATOM   66   O  O   . GLU A 1 11  ? -10.504 -2.790  12.104  1.00 21.65  ? 11  GLU A O   1 
ATOM   67   C  CB  . GLU A 1 11  ? -13.592 -4.113  11.718  1.00 34.56  ? 11  GLU A CB  1 
ATOM   68   C  CG  . GLU A 1 11  ? -13.737 -2.869  12.580  1.00 43.92  ? 11  GLU A CG  1 
ATOM   69   C  CD  . GLU A 1 11  ? -13.364 -1.708  11.757  1.00 44.43  ? 11  GLU A CD  1 
ATOM   70   O  OE1 . GLU A 1 11  ? -13.193 -0.588  12.298  1.00 66.67  ? 11  GLU A OE1 1 
ATOM   71   O  OE2 . GLU A 1 11  ? -13.241 -1.965  10.540  1.00 48.48  ? 11  GLU A OE2 1 
ATOM   72   N  N   . GLN A 1 12  ? -11.200 -4.316  13.656  1.00 26.47  ? 12  GLN A N   1 
ATOM   73   C  CA  . GLN A 1 12  ? -10.394 -3.697  14.760  1.00 28.64  ? 12  GLN A CA  1 
ATOM   74   C  C   . GLN A 1 12  ? -8.896  -3.830  14.473  1.00 25.34  ? 12  GLN A C   1 
ATOM   75   O  O   . GLN A 1 12  ? -8.134  -2.905  14.759  1.00 23.36  ? 12  GLN A O   1 
ATOM   76   C  CB  . GLN A 1 12  ? -10.598 -4.369  16.121  1.00 35.18  ? 12  GLN A CB  1 
ATOM   77   C  CG  . GLN A 1 12  ? -11.911 -4.104  16.823  1.00 44.36  ? 12  GLN A CG  1 
ATOM   78   C  CD  . GLN A 1 12  ? -12.125 -5.032  18.026  1.00 61.92  ? 12  GLN A CD  1 
ATOM   79   O  OE1 . GLN A 1 12  ? -11.161 -5.597  18.586  1.00 74.59  ? 12  GLN A OE1 1 
ATOM   80   N  NE2 . GLN A 1 12  ? -13.389 -5.192  18.435  1.00 68.77  ? 12  GLN A NE2 1 
ATOM   81   N  N   . ALA A 1 13  ? -8.491  -4.952  13.910  1.00 21.07  ? 13  ALA A N   1 
ATOM   82   C  CA  . ALA A 1 13  ? -7.104  -5.188  13.563  1.00 21.39  ? 13  ALA A CA  1 
ATOM   83   C  C   . ALA A 1 13  ? -6.568  -4.296  12.432  1.00 19.16  ? 13  ALA A C   1 
ATOM   84   O  O   . ALA A 1 13  ? -5.432  -3.865  12.531  1.00 17.80  ? 13  ALA A O   1 
ATOM   85   C  CB  . ALA A 1 13  ? -6.893  -6.616  13.238  1.00 21.72  ? 13  ALA A CB  1 
ATOM   86   N  N   . ILE A 1 14  ? -7.359  -4.032  11.421  1.00 20.79  ? 14  ILE A N   1 
ATOM   87   C  CA  . ILE A 1 14  ? -7.035  -3.060  10.334  1.00 19.59  ? 14  ILE A CA  1 
ATOM   88   C  C   . ILE A 1 14  ? -6.800  -1.643  10.944  1.00 20.45  ? 14  ILE A C   1 
ATOM   89   O  O   . ILE A 1 14  ? -5.806  -0.994  10.691  1.00 17.20  ? 14  ILE A O   1 
ATOM   90   C  CB  . ILE A 1 14  ? -8.130  -2.982  9.266   1.00 20.71  ? 14  ILE A CB  1 
ATOM   91   C  CG1 . ILE A 1 14  ? -8.210  -4.310  8.481   1.00 23.07  ? 14  ILE A CG1 1 
ATOM   92   C  CG2 . ILE A 1 14  ? -7.944  -1.785  8.369   1.00 20.74  ? 14  ILE A CG2 1 
ATOM   93   C  CD1 . ILE A 1 14  ? -9.462  -4.420  7.622   1.00 24.26  ? 14  ILE A CD1 1 
ATOM   94   N  N   . ARG A 1 15  ? -7.694  -1.244  11.848  1.00 18.99  ? 15  ARG A N   1 
ATOM   95   C  CA  . ARG A 1 15  ? -7.526  0.052   12.515  1.00 21.25  ? 15  ARG A CA  1 
ATOM   96   C  C   . ARG A 1 15  ? -6.287  0.107   13.369  1.00 17.58  ? 15  ARG A C   1 
ATOM   97   O  O   . ARG A 1 15  ? -5.618  1.122   13.365  1.00 16.81  ? 15  ARG A O   1 
ATOM   98   C  CB  . ARG A 1 15  ? -8.783  0.289   13.361  1.00 24.62  ? 15  ARG A CB  1 
ATOM   99   C  CG  . ARG A 1 15  ? -8.896  1.596   14.092  1.00 32.40  ? 15  ARG A CG  1 
ATOM   100  C  CD  . ARG A 1 15  ? -10.352 1.690   14.632  1.00 39.45  ? 15  ARG A CD  1 
ATOM   101  N  NE  . ARG A 1 15  ? -10.533 2.886   15.410  1.00 38.03  ? 15  ARG A NE  1 
ATOM   102  C  CZ  . ARG A 1 15  ? -10.543 4.114   14.886  1.00 47.51  ? 15  ARG A CZ  1 
ATOM   103  N  NH1 . ARG A 1 15  ? -10.409 4.330   13.572  1.00 49.70  ? 15  ARG A NH1 1 
ATOM   104  N  NH2 . ARG A 1 15  ? -10.695 5.155   15.686  1.00 59.85  ? 15  ARG A NH2 1 
ATOM   105  N  N   . ARG A 1 16  ? -6.001  -0.944  14.120  1.00 17.37  ? 16  ARG A N   1 
ATOM   106  C  CA  . ARG A 1 16  ? -4.826  -1.037  14.964  1.00 18.42  ? 16  ARG A CA  1 
ATOM   107  C  C   . ARG A 1 16  ? -3.522  -1.003  14.135  1.00 17.37  ? 16  ARG A C   1 
ATOM   108  O  O   . ARG A 1 16  ? -2.545  -0.340  14.478  1.00 17.75  ? 16  ARG A O   1 
ATOM   109  C  CB  . ARG A 1 16  ? -4.901  -2.333  15.751  1.00 23.94  ? 16  ARG A CB  1 
ATOM   110  C  CG  . ARG A 1 16  ? -3.849  -2.478  16.782  1.00 29.64  ? 16  ARG A CG  1 
ATOM   111  C  CD  . ARG A 1 16  ? -4.206  -3.630  17.747  1.00 37.48  ? 16  ARG A CD  1 
ATOM   112  N  NE  . ARG A 1 16  ? -3.177  -3.747  18.799  1.00 47.15  ? 16  ARG A NE  1 
ATOM   113  C  CZ  . ARG A 1 16  ? -3.091  -4.782  19.651  1.00 51.51  ? 16  ARG A CZ  1 
ATOM   114  N  NH1 . ARG A 1 16  ? -3.949  -5.805  19.587  1.00 47.13  ? 16  ARG A NH1 1 
ATOM   115  N  NH2 . ARG A 1 16  ? -2.143  -4.802  20.584  1.00 54.56  ? 16  ARG A NH2 1 
ATOM   116  N  N   . ALA A 1 17  ? -3.576  -1.754  13.041  1.00 15.66  ? 17  ALA A N   1 
ATOM   117  C  CA  . ALA A 1 17  ? -2.417  -1.795  12.094  1.00 15.48  ? 17  ALA A CA  1 
ATOM   118  C  C   . ALA A 1 17  ? -2.123  -0.432  11.500  1.00 13.79  ? 17  ALA A C   1 
ATOM   119  O  O   . ALA A 1 17  ? -0.973  0.001   11.459  1.00 15.07  ? 17  ALA A O   1 
ATOM   120  C  CB  . ALA A 1 17  ? -2.616  -2.835  11.007  1.00 15.63  ? 17  ALA A CB  1 
ATOM   121  N  N   . LEU A 1 18  ? -3.159  0.258   11.071  1.00 15.34  ? 18  LEU A N   1 
ATOM   122  C  CA  . LEU A 1 18  ? -2.929  1.564   10.504  1.00 14.68  ? 18  LEU A CA  1 
ATOM   123  C  C   . LEU A 1 18  ? -2.382  2.539   11.526  1.00 14.51  ? 18  LEU A C   1 
ATOM   124  O  O   . LEU A 1 18  ? -1.570  3.404   11.234  1.00 13.63  ? 18  LEU A O   1 
ATOM   125  C  CB  . LEU A 1 18  ? -4.204  2.107   9.839   1.00 15.77  ? 18  LEU A CB  1 
ATOM   126  C  CG  . LEU A 1 18  ? -4.662  1.320   8.631   1.00 16.68  ? 18  LEU A CG  1 
ATOM   127  C  CD1 . LEU A 1 18  ? -6.084  1.712   8.288   1.00 19.83  ? 18  LEU A CD1 1 
ATOM   128  C  CD2 . LEU A 1 18  ? -3.646  1.516   7.489   1.00 17.17  ? 18  LEU A CD2 1 
ATOM   129  N  N   . THR A 1 19  ? -2.919  2.507   12.724  1.00 14.01  ? 19  THR A N   1 
ATOM   130  C  CA  . THR A 1 19  ? -2.410  3.402   13.797  1.00 15.29  ? 19  THR A CA  1 
ATOM   131  C  C   . THR A 1 19  ? -0.941  3.099   14.142  1.00 14.65  ? 19  THR A C   1 
ATOM   132  O  O   . THR A 1 19  ? -0.143  4.027   14.335  1.00 15.14  ? 19  THR A O   1 
ATOM   133  C  CB  . THR A 1 19  ? -3.331  3.296   15.078  1.00 16.34  ? 19  THR A CB  1 
ATOM   134  O  OG1 . THR A 1 19  ? -4.629  3.779   14.681  1.00 19.80  ? 19  THR A OG1 1 
ATOM   135  C  CG2 . THR A 1 19  ? -2.776  4.078   16.221  1.00 17.42  ? 19  THR A CG2 1 
ATOM   136  N  N   . ARG A 1 20  ? -0.561  1.831   14.202  1.00 14.70  ? 20  ARG A N   1 
ATOM   137  C  CA  . ARG A 1 20  ? 0.813   1.481   14.385  1.00 15.07  ? 20  ARG A CA  1 
ATOM   138  C  C   . ARG A 1 20  ? 1.708   2.002   13.232  1.00 14.69  ? 20  ARG A C   1 
ATOM   139  O  O   . ARG A 1 20  ? 2.785   2.551   13.472  1.00 14.32  ? 20  ARG A O   1 
ATOM   140  C  CB  . ARG A 1 20  ? 1.003   0.012   14.439  1.00 18.38  ? 20  ARG A CB  1 
ATOM   141  C  CG  . ARG A 1 20  ? 0.540   -0.660  15.710  1.00 20.74  ? 20  ARG A CG  1 
ATOM   142  C  CD  . ARG A 1 20  ? 0.552   -2.180  15.649  1.00 27.88  ? 20  ARG A CD  1 
ATOM   143  N  NE  . ARG A 1 20  ? 0.151   -2.808  16.927  1.00 27.74  ? 20  ARG A NE  1 
ATOM   144  C  CZ  . ARG A 1 20  ? 0.409   -4.099  17.205  1.00 30.86  ? 20  ARG A CZ  1 
ATOM   145  N  NH1 . ARG A 1 20  ? 1.064   -4.892  16.324  1.00 31.45  ? 20  ARG A NH1 1 
ATOM   146  N  NH2 . ARG A 1 20  ? 0.077   -4.607  18.389  1.00 31.45  ? 20  ARG A NH2 1 
ATOM   147  N  N   . ILE A 1 21  ? 1.256   1.820   12.003  1.00 13.23  ? 21  ILE A N   1 
ATOM   148  C  CA  . ILE A 1 21  ? 2.018   2.293   10.827  1.00 13.25  ? 21  ILE A CA  1 
ATOM   149  C  C   . ILE A 1 21  ? 2.211   3.826   10.918  1.00 13.25  ? 21  ILE A C   1 
ATOM   150  O  O   . ILE A 1 21  ? 3.323   4.383   10.681  1.00 14.11  ? 21  ILE A O   1 
ATOM   151  C  CB  . ILE A 1 21  ? 1.353   1.839   9.482   1.00 13.15  ? 21  ILE A CB  1 
ATOM   152  C  CG1 . ILE A 1 21  ? 1.384   0.302   9.301   1.00 13.80  ? 21  ILE A CG1 1 
ATOM   153  C  CG2 . ILE A 1 21  ? 1.967   2.623   8.292   1.00 13.36  ? 21  ILE A CG2 1 
ATOM   154  C  CD1 . ILE A 1 21  ? 0.487   -0.241  8.207   1.00 15.07  ? 21  ILE A CD1 1 
ATOM   155  N  N   . ALA A 1 22  ? 1.165   4.544   11.339  1.00 14.65  ? 22  ALA A N   1 
ATOM   156  C  CA  . ALA A 1 22  ? 1.234   6.015   11.427  1.00 14.76  ? 22  ALA A CA  1 
ATOM   157  C  C   . ALA A 1 22  ? 2.328   6.415   12.436  1.00 14.97  ? 22  ALA A C   1 
ATOM   158  O  O   . ALA A 1 22  ? 3.202   7.269   12.187  1.00 14.96  ? 22  ALA A O   1 
ATOM   159  C  CB  . ALA A 1 22  ? -0.104  6.545   11.855  1.00 15.38  ? 22  ALA A CB  1 
ATOM   160  N  N   . HIS A 1 23  ? 2.313   5.769   13.606  1.00 15.41  ? 23  HIS A N   1 
ATOM   161  C  CA  . HIS A 1 23  ? 3.355   6.048   14.612  1.00 15.30  ? 23  HIS A CA  1 
ATOM   162  C  C   . HIS A 1 23  ? 4.751   5.698   14.141  1.00 14.98  ? 23  HIS A C   1 
ATOM   163  O  O   . HIS A 1 23  ? 5.702   6.440   14.427  1.00 15.35  ? 23  HIS A O   1 
ATOM   164  C  CB  . HIS A 1 23  ? 3.075   5.311   15.939  1.00 15.41  ? 23  HIS A CB  1 
ATOM   165  C  CG  . HIS A 1 23  ? 1.978   5.919   16.738  1.00 15.17  ? 23  HIS A CG  1 
ATOM   166  N  ND1 . HIS A 1 23  ? 2.169   7.060   17.488  1.00 17.29  ? 23  HIS A ND1 1 
ATOM   167  C  CD2 . HIS A 1 23  ? 0.688   5.549   16.937  1.00 16.11  ? 23  HIS A CD2 1 
ATOM   168  C  CE1 . HIS A 1 23  ? 1.042   7.377   18.093  1.00 16.91  ? 23  HIS A CE1 1 
ATOM   169  N  NE2 . HIS A 1 23  ? 0.136   6.472   17.778  1.00 16.13  ? 23  HIS A NE2 1 
ATOM   170  N  N   . GLU A 1 24  ? 4.888   4.558   13.427  1.00 14.38  ? 24  GLU A N   1 
ATOM   171  C  CA  . GLU A 1 24  ? 6.182   4.132   12.838  1.00 15.61  ? 24  GLU A CA  1 
ATOM   172  C  C   . GLU A 1 24  ? 6.717   5.131   11.819  1.00 15.24  ? 24  GLU A C   1 
ATOM   173  O  O   . GLU A 1 24  ? 7.908   5.482   11.834  1.00 16.59  ? 24  GLU A O   1 
ATOM   174  C  CB  . GLU A 1 24  ? 6.045   2.726   12.251  1.00 17.02  ? 24  GLU A CB  1 
ATOM   175  C  CG  . GLU A 1 24  ? 5.822   1.673   13.335  1.00 18.99  ? 24  GLU A CG  1 
ATOM   176  C  CD  . GLU A 1 24  ? 5.361   0.360   12.768  1.00 24.43  ? 24  GLU A CD  1 
ATOM   177  O  OE1 . GLU A 1 24  ? 5.337   0.205   11.535  1.00 22.81  ? 24  GLU A OE1 1 
ATOM   178  O  OE2 . GLU A 1 24  ? 4.940   -0.517  13.583  1.00 26.26  ? 24  GLU A OE2 1 
ATOM   179  N  N   . ILE A 1 25  ? 5.815   5.681   10.969  1.00 15.10  ? 25  ILE A N   1 
ATOM   180  C  CA  . ILE A 1 25  ? 6.240   6.723   9.958   1.00 15.45  ? 25  ILE A CA  1 
ATOM   181  C  C   . ILE A 1 25  ? 6.776   7.962   10.702  1.00 17.36  ? 25  ILE A C   1 
ATOM   182  O  O   . ILE A 1 25  ? 7.782   8.550   10.312  1.00 16.27  ? 25  ILE A O   1 
ATOM   183  C  CB  . ILE A 1 25  ? 5.026   7.068   9.044   1.00 15.10  ? 25  ILE A CB  1 
ATOM   184  C  CG1 . ILE A 1 25  ? 4.725   5.928   8.071   1.00 15.26  ? 25  ILE A CG1 1 
ATOM   185  C  CG2 . ILE A 1 25  ? 5.261   8.371   8.304   1.00 16.24  ? 25  ILE A CG2 1 
ATOM   186  C  CD1 . ILE A 1 25  ? 3.407   6.004   7.391   1.00 15.37  ? 25  ILE A CD1 1 
ATOM   187  N  N   . ILE A 1 26  ? 6.070   8.372   11.767  1.00 15.75  ? 26  ILE A N   1 
ATOM   188  C  CA  . ILE A 1 26  ? 6.472   9.540   12.568  1.00 15.65  ? 26  ILE A CA  1 
ATOM   189  C  C   . ILE A 1 26  ? 7.823   9.282   13.238  1.00 17.17  ? 26  ILE A C   1 
ATOM   190  O  O   . ILE A 1 26  ? 8.639   10.185  13.229  1.00 19.31  ? 26  ILE A O   1 
ATOM   191  C  CB  . ILE A 1 26  ? 5.349   9.918   13.567  1.00 16.56  ? 26  ILE A CB  1 
ATOM   192  C  CG1 . ILE A 1 26  ? 4.119   10.543  12.863  1.00 17.10  ? 26  ILE A CG1 1 
ATOM   193  C  CG2 . ILE A 1 26  ? 5.872   10.900  14.601  1.00 17.68  ? 26  ILE A CG2 1 
ATOM   194  C  CD1 . ILE A 1 26  ? 2.835   10.464  13.672  1.00 17.73  ? 26  ILE A CD1 1 
ATOM   195  N  N   . GLU A 1 27  ? 8.019   8.109   13.830  1.00 17.68  ? 27  GLU A N   1 
ATOM   196  C  CA  . GLU A 1 27  ? 9.275   7.806   14.549  1.00 23.59  ? 27  GLU A CA  1 
ATOM   197  C  C   . GLU A 1 27  ? 10.414  7.738   13.550  1.00 23.64  ? 27  GLU A C   1 
ATOM   198  O  O   . GLU A 1 27  ? 11.468  8.341   13.784  1.00 24.08  ? 27  GLU A O   1 
ATOM   199  C  CB  . GLU A 1 27  ? 9.194   6.512   15.376  1.00 27.49  ? 27  GLU A CB  1 
ATOM   200  C  CG  . GLU A 1 27  ? 8.160   6.514   16.518  1.00 34.79  ? 27  GLU A CG  1 
ATOM   201  C  CD  . GLU A 1 27  ? 8.315   7.653   17.561  1.00 41.09  ? 27  GLU A CD  1 
ATOM   202  O  OE1 . GLU A 1 27  ? 9.415   8.258   17.662  1.00 48.38  ? 27  GLU A OE1 1 
ATOM   203  O  OE2 . GLU A 1 27  ? 7.322   7.967   18.278  1.00 40.77  ? 27  GLU A OE2 1 
ATOM   204  N  N   . ARG A 1 28  ? 10.222  7.087   12.394  1.00 19.93  ? 28  ARG A N   1 
ATOM   205  C  CA  . ARG A 1 28  ? 11.280  6.907   11.478  1.00 21.66  ? 28  ARG A CA  1 
ATOM   206  C  C   . ARG A 1 28  ? 11.736  8.207   10.868  1.00 19.79  ? 28  ARG A C   1 
ATOM   207  O  O   . ARG A 1 28  ? 12.927  8.384   10.589  1.00 24.12  ? 28  ARG A O   1 
ATOM   208  C  CB  . ARG A 1 28  ? 10.869  5.919   10.363  1.00 27.00  ? 28  ARG A CB  1 
ATOM   209  C  CG  . ARG A 1 28  ? 11.835  5.905   9.192   1.00 30.08  ? 28  ARG A CG  1 
ATOM   210  C  CD  . ARG A 1 28  ? 11.863  4.609   8.477   1.00 38.49  ? 28  ARG A CD  1 
ATOM   211  N  NE  . ARG A 1 28  ? 12.777  4.659   7.340   1.00 46.63  ? 28  ARG A NE  1 
ATOM   212  C  CZ  . ARG A 1 28  ? 13.166  3.572   6.666   1.00 46.52  ? 28  ARG A CZ  1 
ATOM   213  N  NH1 . ARG A 1 28  ? 12.734  2.359   7.045   1.00 46.67  ? 28  ARG A NH1 1 
ATOM   214  N  NH2 . ARG A 1 28  ? 13.995  3.694   5.630   1.00 41.40  ? 28  ARG A NH2 1 
ATOM   215  N  N   . ASN A 1 29  ? 10.787  9.078   10.515  1.00 18.20  ? 29  ASN A N   1 
ATOM   216  C  CA  . ASN A 1 29  ? 11.089  10.314  9.777   1.00 18.75  ? 29  ASN A CA  1 
ATOM   217  C  C   . ASN A 1 29  ? 11.353  11.505  10.749  1.00 21.44  ? 29  ASN A C   1 
ATOM   218  O  O   . ASN A 1 29  ? 11.526  12.666  10.342  1.00 24.73  ? 29  ASN A O   1 
ATOM   219  C  CB  . ASN A 1 29  ? 9.980   10.577  8.742   1.00 19.83  ? 29  ASN A CB  1 
ATOM   220  C  CG  . ASN A 1 29  ? 10.036  9.541   7.618   1.00 20.99  ? 29  ASN A CG  1 
ATOM   221  O  OD1 . ASN A 1 29  ? 11.019  9.508   6.887   1.00 22.61  ? 29  ASN A OD1 1 
ATOM   222  N  ND2 . ASN A 1 29  ? 9.059   8.642   7.551   1.00 22.14  ? 29  ASN A ND2 1 
ATOM   223  N  N   . LYS A 1 30  ? 11.308  11.205  12.038  1.00 20.45  ? 30  LYS A N   1 
ATOM   224  C  CA  . LYS A 1 30  ? 11.448  12.220  13.103  1.00 26.23  ? 30  LYS A CA  1 
ATOM   225  C  C   . LYS A 1 30  ? 10.441  13.346  12.943  1.00 26.91  ? 30  LYS A C   1 
ATOM   226  O  O   . LYS A 1 30  ? 10.756  14.536  12.916  1.00 28.02  ? 30  LYS A O   1 
ATOM   227  C  CB  . LYS A 1 30  ? 12.899  12.721  13.200  1.00 31.86  ? 30  LYS A CB  1 
ATOM   228  C  CG  . LYS A 1 30  ? 13.828  11.650  13.754  1.00 36.48  ? 30  LYS A CG  1 
ATOM   229  C  CD  . LYS A 1 30  ? 15.290  11.991  13.536  1.00 49.55  ? 30  LYS A CD  1 
ATOM   230  C  CE  . LYS A 1 30  ? 15.631  12.045  12.051  1.00 57.00  ? 30  LYS A CE  1 
ATOM   231  N  NZ  . LYS A 1 30  ? 16.957  12.692  11.819  1.00 64.27  ? 30  LYS A NZ  1 
ATOM   232  N  N   . GLY A 1 31  ? 9.178   12.980  12.834  1.00 22.30  ? 31  GLY A N   1 
ATOM   233  C  CA  . GLY A 1 31  ? 8.164   13.925  12.348  1.00 22.97  ? 31  GLY A CA  1 
ATOM   234  C  C   . GLY A 1 31  ? 7.750   13.629  10.937  1.00 28.20  ? 31  GLY A C   1 
ATOM   235  O  O   . GLY A 1 31  ? 8.107   12.559  10.396  1.00 29.17  ? 31  GLY A O   1 
ATOM   236  N  N   . VAL A 1 32  ? 6.955   14.528  10.369  1.00 22.27  ? 32  VAL A N   1 
ATOM   237  C  CA  . VAL A 1 32  ? 6.445   14.338  8.988   1.00 22.46  ? 32  VAL A CA  1 
ATOM   238  C  C   . VAL A 1 32  ? 6.768   15.477  8.001   1.00 21.85  ? 32  VAL A C   1 
ATOM   239  O  O   . VAL A 1 32  ? 6.163   15.593  6.928   1.00 20.59  ? 32  VAL A O   1 
ATOM   240  C  CB  . VAL A 1 32  ? 4.946   13.919  8.959   1.00 26.36  ? 32  VAL A CB  1 
ATOM   241  C  CG1 . VAL A 1 32  ? 4.819   12.529  9.586   1.00 27.82  ? 32  VAL A CG1 1 
ATOM   242  C  CG2 . VAL A 1 32  ? 4.006   14.890  9.680   1.00 27.39  ? 32  VAL A CG2 1 
ATOM   243  N  N   . ASP A 1 33  ? 7.737   16.311  8.340   1.00 25.57  ? 33  ASP A N   1 
ATOM   244  C  CA  . ASP A 1 33  ? 7.877   17.612  7.622   1.00 29.64  ? 33  ASP A CA  1 
ATOM   245  C  C   . ASP A 1 33  ? 7.656   17.752  6.102   1.00 38.44  ? 33  ASP A C   1 
ATOM   246  O  O   . ASP A 1 33  ? 6.862   18.607  5.607   1.00 53.97  ? 33  ASP A O   1 
ATOM   247  C  CB  . ASP A 1 33  ? 9.194   18.267  8.048   1.00 36.16  ? 33  ASP A CB  1 
ATOM   248  C  CG  . ASP A 1 33  ? 8.974   19.220  9.231   1.00 42.62  ? 33  ASP A CG  1 
ATOM   249  O  OD1 . ASP A 1 33  ? 7.790   19.354  9.649   1.00 43.95  ? 33  ASP A OD1 1 
ATOM   250  O  OD2 . ASP A 1 33  ? 9.956   19.865  9.706   1.00 50.97  ? 33  ASP A OD2 1 
ATOM   251  N  N   . ASN A 1 34  ? 8.414   16.952  5.400   1.00 29.76  ? 34  ASN A N   1 
ATOM   252  C  CA  . ASN A 1 34  ? 8.489   16.879  3.929   1.00 24.65  ? 34  ASN A CA  1 
ATOM   253  C  C   . ASN A 1 34  ? 8.039   15.497  3.474   1.00 22.27  ? 34  ASN A C   1 
ATOM   254  O  O   . ASN A 1 34  ? 8.542   14.929  2.484   1.00 20.66  ? 34  ASN A O   1 
ATOM   255  C  CB  . ASN A 1 34  ? 9.958   17.054  3.520   1.00 25.67  ? 34  ASN A CB  1 
ATOM   256  C  CG  . ASN A 1 34  ? 10.330  18.515  3.429   1.00 31.70  ? 34  ASN A CG  1 
ATOM   257  O  OD1 . ASN A 1 34  ? 9.602   19.286  2.876   1.00 33.37  ? 34  ASN A OD1 1 
ATOM   258  N  ND2 . ASN A 1 34  ? 11.446  18.892  4.013   1.00 32.49  ? 34  ASN A ND2 1 
ATOM   259  N  N   . CYS A 1 35  ? 7.048   14.942  4.160   1.00 20.29  ? 35  CYS A N   1 
ATOM   260  C  CA  . CYS A 1 35  ? 6.497   13.631  3.755   1.00 16.89  ? 35  CYS A CA  1 
ATOM   261  C  C   . CYS A 1 35  ? 5.230   13.753  2.900   1.00 17.68  ? 35  CYS A C   1 
ATOM   262  O  O   . CYS A 1 35  ? 4.450   14.683  3.070   1.00 18.52  ? 35  CYS A O   1 
ATOM   263  C  CB  . CYS A 1 35  ? 6.153   12.823  4.993   1.00 18.85  ? 35  CYS A CB  1 
ATOM   264  S  SG  . CYS A 1 35  ? 7.646   12.264  5.943   1.00 20.67  ? 35  CYS A SG  1 
ATOM   265  N  N   . VAL A 1 36  ? 5.048   12.823  1.947   1.00 15.70  ? 36  VAL A N   1 
ATOM   266  C  CA  . VAL A 1 36  ? 3.889   12.814  1.080   1.00 14.13  ? 36  VAL A CA  1 
ATOM   267  C  C   . VAL A 1 36  ? 3.436   11.341  0.988   1.00 14.89  ? 36  VAL A C   1 
ATOM   268  O  O   . VAL A 1 36  ? 4.363   10.455  0.814   1.00 15.79  ? 36  VAL A O   1 
ATOM   269  C  CB  . VAL A 1 36  ? 4.270   13.300  -0.326  1.00 14.73  ? 36  VAL A CB  1 
ATOM   270  C  CG1 . VAL A 1 36  ? 3.043   13.236  -1.224  1.00 15.46  ? 36  VAL A CG1 1 
ATOM   271  C  CG2 . VAL A 1 36  ? 4.898   14.697  -0.320  1.00 14.27  ? 36  VAL A CG2 1 
ATOM   272  N  N   . LEU A 1 37  ? 2.153   11.033  1.217   1.00 13.40  ? 37  LEU A N   1 
ATOM   273  C  CA  . LEU A 1 37  ? 1.663   9.645   1.129   1.00 13.87  ? 37  LEU A CA  1 
ATOM   274  C  C   . LEU A 1 37  ? 1.063   9.434   -0.240  1.00 13.35  ? 37  LEU A C   1 
ATOM   275  O  O   . LEU A 1 37  ? 0.379   10.354  -0.755  1.00 15.78  ? 37  LEU A O   1 
ATOM   276  C  CB  . LEU A 1 37  ? 0.574   9.407   2.191   1.00 15.21  ? 37  LEU A CB  1 
ATOM   277  C  CG  . LEU A 1 37  ? 1.036   9.311   3.646   1.00 17.33  ? 37  LEU A CG  1 
ATOM   278  C  CD1 . LEU A 1 37  ? -0.156  9.523   4.574   1.00 19.77  ? 37  LEU A CD1 1 
ATOM   279  C  CD2 . LEU A 1 37  ? 1.505   7.890   3.880   1.00 21.36  ? 37  LEU A CD2 1 
ATOM   280  N  N   . VAL A 1 38  ? 1.389   8.337   -0.935  1.00 13.11  ? 38  VAL A N   1 
ATOM   281  C  CA  . VAL A 1 38  ? 0.880   8.088   -2.278  1.00 13.97  ? 38  VAL A CA  1 
ATOM   282  C  C   . VAL A 1 38  ? 0.319   6.683   -2.278  1.00 12.75  ? 38  VAL A C   1 
ATOM   283  O  O   . VAL A 1 38  ? 1.073   5.718   -2.070  1.00 13.83  ? 38  VAL A O   1 
ATOM   284  C  CB  . VAL A 1 38  ? 1.963   8.270   -3.382  1.00 14.24  ? 38  VAL A CB  1 
ATOM   285  C  CG1 . VAL A 1 38  ? 1.395   7.891   -4.749  1.00 15.82  ? 38  VAL A CG1 1 
ATOM   286  C  CG2 . VAL A 1 38  ? 2.449   9.717   -3.380  1.00 15.14  ? 38  VAL A CG2 1 
ATOM   287  N  N   . GLY A 1 39  ? -0.984  6.552   -2.448  1.00 13.51  ? 39  GLY A N   1 
ATOM   288  C  CA  . GLY A 1 39  ? -1.627  5.243   -2.528  1.00 14.03  ? 39  GLY A CA  1 
ATOM   289  C  C   . GLY A 1 39  ? -1.528  4.597   -3.897  1.00 16.71  ? 39  GLY A C   1 
ATOM   290  O  O   . GLY A 1 39  ? -1.514  5.294   -4.956  1.00 17.69  ? 39  GLY A O   1 
ATOM   291  N  N   . ILE A 1 40  ? -1.374  3.282   -3.901  1.00 16.07  ? 40  ILE A N   1 
ATOM   292  C  CA  . ILE A 1 40  ? -1.381  2.472   -5.138  1.00 17.71  ? 40  ILE A CA  1 
ATOM   293  C  C   . ILE A 1 40  ? -2.691  1.757   -5.290  1.00 20.07  ? 40  ILE A C   1 
ATOM   294  O  O   . ILE A 1 40  ? -3.104  0.976   -4.378  1.00 19.28  ? 40  ILE A O   1 
ATOM   295  C  CB  . ILE A 1 40  ? -0.309  1.368   -5.025  1.00 22.61  ? 40  ILE A CB  1 
ATOM   296  C  CG1 . ILE A 1 40  ? 1.083   1.920   -5.040  1.00 24.54  ? 40  ILE A CG1 1 
ATOM   297  C  CG2 . ILE A 1 40  ? -0.497  0.365   -6.179  1.00 27.11  ? 40  ILE A CG2 1 
ATOM   298  C  CD1 . ILE A 1 40  ? 2.090   0.891   -4.518  1.00 25.13  ? 40  ILE A CD1 1 
ATOM   299  N  N   . LYS A 1 41  ? -3.422  2.089   -6.368  1.00 21.72  ? 41  LYS A N   1 
ATOM   300  C  CA  . LYS A 1 41  ? -4.759  1.553   -6.648  1.00 26.64  ? 41  LYS A CA  1 
ATOM   301  C  C   . LYS A 1 41  ? -5.819  2.033   -5.705  1.00 27.92  ? 41  LYS A C   1 
ATOM   302  O  O   . LYS A 1 41  ? -5.527  2.756   -4.757  1.00 22.93  ? 41  LYS A O   1 
ATOM   303  C  CB  . LYS A 1 41  ? -4.741  0.059   -6.624  1.00 28.19  ? 41  LYS A CB  1 
ATOM   304  C  CG  . LYS A 1 41  ? -3.538  -0.524  -7.249  1.00 38.24  ? 41  LYS A CG  1 
ATOM   305  C  CD  . LYS A 1 41  ? -3.848  -1.206  -8.489  1.00 41.30  ? 41  LYS A CD  1 
ATOM   306  C  CE  . LYS A 1 41  ? -4.366  -2.610  -8.290  1.00 43.85  ? 41  LYS A CE  1 
ATOM   307  N  NZ  . LYS A 1 41  ? -5.351  -2.782  -9.388  1.00 45.64  ? 41  LYS A NZ  1 
ATOM   308  N  N   . THR A 1 42  ? -7.070  1.665   -5.971  1.00 24.53  ? 42  THR A N   1 
ATOM   309  C  CA  . THR A 1 42  ? -8.161  2.264   -5.236  1.00 28.32  ? 42  THR A CA  1 
ATOM   310  C  C   . THR A 1 42  ? -8.017  2.018   -3.732  1.00 23.33  ? 42  THR A C   1 
ATOM   311  O  O   . THR A 1 42  ? -8.095  2.968   -2.969  1.00 23.85  ? 42  THR A O   1 
ATOM   312  C  CB  . THR A 1 42  ? -9.535  1.811   -5.752  1.00 35.39  ? 42  THR A CB  1 
ATOM   313  O  OG1 . THR A 1 42  ? -9.659  2.322   -7.079  1.00 35.86  ? 42  THR A OG1 1 
ATOM   314  C  CG2 . THR A 1 42  ? -10.646 2.406   -4.866  1.00 32.91  ? 42  THR A CG2 1 
ATOM   315  N  N   . ARG A 1 43  ? -7.747  0.757   -3.367  1.00 22.82  ? 43  ARG A N   1 
ATOM   316  C  CA  . ARG A 1 43  ? -7.687  0.356   -1.922  1.00 20.38  ? 43  ARG A CA  1 
ATOM   317  C  C   . ARG A 1 43  ? -6.474  0.973   -1.273  1.00 20.13  ? 43  ARG A C   1 
ATOM   318  O  O   . ARG A 1 43  ? -6.555  1.504   -0.184  1.00 18.80  ? 43  ARG A O   1 
ATOM   319  C  CB  . ARG A 1 43  ? -7.730  -1.142  -1.756  1.00 20.42  ? 43  ARG A CB  1 
ATOM   320  C  CG  . ARG A 1 43  ? -9.138  -1.648  -2.103  1.00 25.40  ? 43  ARG A CG  1 
ATOM   321  C  CD  . ARG A 1 43  ? -9.229  -3.156  -2.088  1.00 28.01  ? 43  ARG A CD  1 
ATOM   322  N  NE  . ARG A 1 43  ? -10.561 -3.573  -2.532  1.00 33.78  ? 43  ARG A NE  1 
ATOM   323  C  CZ  . ARG A 1 43  ? -10.973 -3.612  -3.802  1.00 41.03  ? 43  ARG A CZ  1 
ATOM   324  N  NH1 . ARG A 1 43  ? -10.165 -3.265  -4.798  1.00 43.17  ? 43  ARG A NH1 1 
ATOM   325  N  NH2 . ARG A 1 43  ? -12.201 -4.001  -4.091  1.00 43.66  ? 43  ARG A NH2 1 
ATOM   326  N  N   . GLY A 1 44  ? -5.369  1.092   -1.995  1.00 19.40  ? 44  GLY A N   1 
ATOM   327  C  CA  . GLY A 1 44  ? -4.198  1.765   -1.425  1.00 19.80  ? 44  GLY A CA  1 
ATOM   328  C  C   . GLY A 1 44  ? -4.388  3.250   -1.222  1.00 19.59  ? 44  GLY A C   1 
ATOM   329  O  O   . GLY A 1 44  ? -3.881  3.821   -0.284  1.00 18.34  ? 44  GLY A O   1 
ATOM   330  N  N   . ILE A 1 45  ? -5.147  3.910   -2.104  1.00 19.22  ? 45  ILE A N   1 
ATOM   331  C  CA  . ILE A 1 45  ? -5.453  5.297   -2.015  1.00 19.54  ? 45  ILE A CA  1 
ATOM   332  C  C   . ILE A 1 45  ? -6.335  5.531   -0.728  1.00 18.20  ? 45  ILE A C   1 
ATOM   333  O  O   . ILE A 1 45  ? -6.054  6.425   0.094   1.00 20.66  ? 45  ILE A O   1 
ATOM   334  C  CB  . ILE A 1 45  ? -6.160  5.697   -3.359  1.00 24.01  ? 45  ILE A CB  1 
ATOM   335  C  CG1 . ILE A 1 45  ? -5.121  5.737   -4.526  1.00 26.52  ? 45  ILE A CG1 1 
ATOM   336  C  CG2 . ILE A 1 45  ? -6.896  6.984   -3.182  1.00 26.29  ? 45  ILE A CG2 1 
ATOM   337  C  CD1 . ILE A 1 45  ? -5.694  5.697   -5.944  1.00 30.86  ? 45  ILE A CD1 1 
ATOM   338  N  N   . TYR A 1 46  ? -7.324  4.670   -0.512  1.00 18.49  ? 46  TYR A N   1 
ATOM   339  C  CA  . TYR A 1 46  ? -8.154  4.731   0.713   1.00 21.08  ? 46  TYR A CA  1 
ATOM   340  C  C   . TYR A 1 46  ? -7.339  4.517   1.956   1.00 19.05  ? 46  TYR A C   1 
ATOM   341  O  O   . TYR A 1 46  ? -7.444  5.302   2.883   1.00 18.79  ? 46  TYR A O   1 
ATOM   342  C  CB  . TYR A 1 46  ? -9.357  3.754   0.645   1.00 23.47  ? 46  TYR A CB  1 
ATOM   343  C  CG  . TYR A 1 46  ? -10.409 4.260   -0.311  1.00 28.37  ? 46  TYR A CG  1 
ATOM   344  C  CD1 . TYR A 1 46  ? -10.905 5.563   -0.210  1.00 37.06  ? 46  TYR A CD1 1 
ATOM   345  C  CD2 . TYR A 1 46  ? -10.866 3.462   -1.335  1.00 34.55  ? 46  TYR A CD2 1 
ATOM   346  C  CE1 . TYR A 1 46  ? -11.862 6.053   -1.101  1.00 42.52  ? 46  TYR A CE1 1 
ATOM   347  C  CE2 . TYR A 1 46  ? -11.841 3.918   -2.218  1.00 39.86  ? 46  TYR A CE2 1 
ATOM   348  C  CZ  . TYR A 1 46  ? -12.331 5.197   -2.113  1.00 42.31  ? 46  TYR A CZ  1 
ATOM   349  O  OH  . TYR A 1 46  ? -13.283 5.621   -3.038  1.00 55.76  ? 46  TYR A OH  1 
ATOM   350  N  N   . LEU A 1 47  ? -6.401  3.550   1.955   1.00 18.39  ? 47  LEU A N   1 
ATOM   351  C  CA  . LEU A 1 47  ? -5.537  3.353   3.132   1.00 16.86  ? 47  LEU A CA  1 
ATOM   352  C  C   . LEU A 1 47  ? -4.656  4.558   3.354   1.00 16.90  ? 47  LEU A C   1 
ATOM   353  O  O   . LEU A 1 47  ? -4.367  4.915   4.485   1.00 16.89  ? 47  LEU A O   1 
ATOM   354  C  CB  . LEU A 1 47  ? -4.682  2.092   2.990   1.00 18.54  ? 47  LEU A CB  1 
ATOM   355  C  CG  . LEU A 1 47  ? -5.433  0.769   2.961   1.00 21.52  ? 47  LEU A CG  1 
ATOM   356  C  CD1 . LEU A 1 47  ? -4.448  -0.341  2.571   1.00 22.30  ? 47  LEU A CD1 1 
ATOM   357  C  CD2 . LEU A 1 47  ? -6.135  0.564   4.340   1.00 21.49  ? 47  LEU A CD2 1 
ATOM   358  N  N   . ALA A 1 48  ? -4.127  5.165   2.284   1.00 17.09  ? 48  ALA A N   1 
ATOM   359  C  CA  . ALA A 1 48  ? -3.258  6.359   2.435   1.00 17.54  ? 48  ALA A CA  1 
ATOM   360  C  C   . ALA A 1 48  ? -3.989  7.496   3.067   1.00 16.50  ? 48  ALA A C   1 
ATOM   361  O  O   . ALA A 1 48  ? -3.416  8.225   3.890   1.00 17.31  ? 48  ALA A O   1 
ATOM   362  C  CB  . ALA A 1 48  ? -2.606  6.758   1.108   1.00 17.23  ? 48  ALA A CB  1 
ATOM   363  N  N   . LYS A 1 49  ? -5.244  7.683   2.707   1.00 17.93  ? 49  LYS A N   1 
ATOM   364  C  CA  . LYS A 1 49  ? -6.089  8.724   3.292   1.00 21.74  ? 49  LYS A CA  1 
ATOM   365  C  C   . LYS A 1 49  ? -6.363  8.445   4.789   1.00 21.82  ? 49  LYS A C   1 
ATOM   366  O  O   . LYS A 1 49  ? -6.339  9.369   5.645   1.00 20.63  ? 49  LYS A O   1 
ATOM   367  C  CB  . LYS A 1 49  ? -7.384  8.832   2.519   1.00 22.66  ? 49  LYS A CB  1 
ATOM   368  C  CG  . LYS A 1 49  ? -7.232  9.519   1.181   1.00 28.13  ? 49  LYS A CG  1 
ATOM   369  C  CD  . LYS A 1 49  ? -8.506  9.432   0.358   1.00 39.52  ? 49  LYS A CD  1 
ATOM   370  C  CE  . LYS A 1 49  ? -8.420  10.219  -0.963  1.00 48.63  ? 49  LYS A CE  1 
ATOM   371  N  NZ  . LYS A 1 49  ? -9.698  10.075  -1.737  1.00 53.59  ? 49  LYS A NZ  1 
ATOM   372  N  N   . ARG A 1 50  ? -6.541  7.165   5.114   1.00 19.37  ? 50  ARG A N   1 
ATOM   373  C  CA  . ARG A 1 50  ? -6.690  6.812   6.509   1.00 19.69  ? 50  ARG A CA  1 
ATOM   374  C  C   . ARG A 1 50  ? -5.428  7.094   7.308   1.00 19.67  ? 50  ARG A C   1 
ATOM   375  O  O   . ARG A 1 50  ? -5.515  7.587   8.437   1.00 21.99  ? 50  ARG A O   1 
ATOM   376  C  CB  . ARG A 1 50  ? -7.169  5.363   6.665   1.00 21.19  ? 50  ARG A CB  1 
ATOM   377  C  CG  . ARG A 1 50  ? -8.597  5.135   6.139   1.00 23.10  ? 50  ARG A CG  1 
ATOM   378  C  CD  . ARG A 1 50  ? -9.130  3.878   6.763   1.00 30.29  ? 50  ARG A CD  1 
ATOM   379  N  NE  . ARG A 1 50  ? -10.198 3.290   5.978   1.00 33.49  ? 50  ARG A NE  1 
ATOM   380  C  CZ  . ARG A 1 50  ? -10.797 2.186   6.335   1.00 30.97  ? 50  ARG A CZ  1 
ATOM   381  N  NH1 . ARG A 1 50  ? -10.405 1.568   7.442   1.00 35.01  ? 50  ARG A NH1 1 
ATOM   382  N  NH2 . ARG A 1 50  ? -11.816 1.716   5.600   1.00 32.43  ? 50  ARG A NH2 1 
ATOM   383  N  N   . LEU A 1 51  ? -4.257  6.727   6.782   1.00 17.72  ? 51  LEU A N   1 
ATOM   384  C  CA  . LEU A 1 51  ? -2.984  7.046   7.396   1.00 17.39  ? 51  LEU A CA  1 
ATOM   385  C  C   . LEU A 1 51  ? -2.759  8.551   7.570   1.00 16.86  ? 51  LEU A C   1 
ATOM   386  O  O   . LEU A 1 51  ? -2.270  9.004   8.605   1.00 17.38  ? 51  LEU A O   1 
ATOM   387  C  CB  . LEU A 1 51  ? -1.819  6.480   6.552   1.00 18.37  ? 51  LEU A CB  1 
ATOM   388  C  CG  . LEU A 1 51  ? -1.573  4.990   6.708   1.00 19.24  ? 51  LEU A CG  1 
ATOM   389  C  CD1 . LEU A 1 51  ? -0.519  4.554   5.708   1.00 18.63  ? 51  LEU A CD1 1 
ATOM   390  C  CD2 . LEU A 1 51  ? -1.167  4.572   8.138   1.00 18.28  ? 51  LEU A CD2 1 
ATOM   391  N  N   . ALA A 1 52  ? -3.137  9.339   6.569   1.00 16.90  ? 52  ALA A N   1 
ATOM   392  C  CA  . ALA A 1 52  ? -2.927  10.786  6.630   1.00 17.66  ? 52  ALA A CA  1 
ATOM   393  C  C   . ALA A 1 52  ? -3.805  11.357  7.791   1.00 19.29  ? 52  ALA A C   1 
ATOM   394  O  O   . ALA A 1 52  ? -3.357  12.218  8.554   1.00 20.13  ? 52  ALA A O   1 
ATOM   395  C  CB  . ALA A 1 52  ? -3.342  11.432  5.292   1.00 19.20  ? 52  ALA A CB  1 
ATOM   396  N  N   . GLU A 1 53  ? -5.045  10.849  7.889   1.00 18.79  ? 53  GLU A N   1 
ATOM   397  C  CA  . GLU A 1 53  ? -5.984  11.263  8.970   1.00 24.12  ? 53  GLU A CA  1 
ATOM   398  C  C   . GLU A 1 53  ? -5.389  10.899  10.336  1.00 20.68  ? 53  GLU A C   1 
ATOM   399  O  O   . GLU A 1 53  ? -5.411  11.734  11.243  1.00 22.46  ? 53  GLU A O   1 
ATOM   400  C  CB  . GLU A 1 53  ? -7.315  10.574  8.799   1.00 26.76  ? 53  GLU A CB  1 
ATOM   401  C  CG  . GLU A 1 53  ? -8.413  11.052  9.734   1.00 38.27  ? 53  GLU A CG  1 
ATOM   402  C  CD  . GLU A 1 53  ? -8.462  10.289  11.020  1.00 46.25  ? 53  GLU A CD  1 
ATOM   403  O  OE1 . GLU A 1 53  ? -7.927  9.137   11.087  1.00 52.59  ? 53  GLU A OE1 1 
ATOM   404  O  OE2 . GLU A 1 53  ? -9.081  10.868  11.955  1.00 60.65  ? 53  GLU A OE2 1 
ATOM   405  N  N   . ARG A 1 54  ? -4.831  9.703   10.487  1.00 22.11  ? 54  ARG A N   1 
ATOM   406  C  CA  . ARG A 1 54  ? -4.212  9.323   11.777  1.00 23.11  ? 54  ARG A CA  1 
ATOM   407  C  C   . ARG A 1 54  ? -3.003  10.183  12.102  1.00 22.42  ? 54  ARG A C   1 
ATOM   408  O  O   . ARG A 1 54  ? -2.848  10.664  13.242  1.00 20.55  ? 54  ARG A O   1 
ATOM   409  C  CB  . ARG A 1 54  ? -3.786  7.862   11.824  1.00 24.51  ? 54  ARG A CB  1 
ATOM   410  C  CG  . ARG A 1 54  ? -4.800  6.864   11.383  1.00 32.54  ? 54  ARG A CG  1 
ATOM   411  C  CD  . ARG A 1 54  ? -5.173  6.053   12.538  1.00 40.21  ? 54  ARG A CD  1 
ATOM   412  N  NE  . ARG A 1 54  ? -5.716  4.737   12.298  1.00 32.42  ? 54  ARG A NE  1 
ATOM   413  C  CZ  . ARG A 1 54  ? -6.813  4.486   11.603  1.00 34.73  ? 54  ARG A CZ  1 
ATOM   414  N  NH1 . ARG A 1 54  ? -7.411  5.389   10.829  1.00 36.54  ? 54  ARG A NH1 1 
ATOM   415  N  NH2 . ARG A 1 54  ? -7.282  3.275   11.638  1.00 41.12  ? 54  ARG A NH2 1 
ATOM   416  N  N   . ILE A 1 55  ? -2.112  10.391  11.111  1.00 17.76  ? 55  ILE A N   1 
ATOM   417  C  CA  . ILE A 1 55  ? -0.964  11.196  11.339  1.00 18.58  ? 55  ILE A CA  1 
ATOM   418  C  C   . ILE A 1 55  ? -1.361  12.590  11.728  1.00 21.03  ? 55  ILE A C   1 
ATOM   419  O  O   . ILE A 1 55  ? -0.751  13.213  12.574  1.00 20.97  ? 55  ILE A O   1 
ATOM   420  C  CB  . ILE A 1 55  ? -0.022  11.236  10.089  1.00 17.40  ? 55  ILE A CB  1 
ATOM   421  C  CG1 . ILE A 1 55  ? 0.564   9.855   9.918   1.00 17.88  ? 55  ILE A CG1 1 
ATOM   422  C  CG2 . ILE A 1 55  ? 1.018   12.355  10.230  1.00 18.54  ? 55  ILE A CG2 1 
ATOM   423  C  CD1 . ILE A 1 55  ? 1.199   9.616   8.543   1.00 18.35  ? 55  ILE A CD1 1 
ATOM   424  N  N   . GLU A 1 56  ? -2.422  13.117  11.099  1.00 20.75  ? 56  GLU A N   1 
ATOM   425  C  CA  . GLU A 1 56  ? -2.868  14.509  11.450  1.00 26.80  ? 56  GLU A CA  1 
ATOM   426  C  C   . GLU A 1 56  ? -3.389  14.577  12.905  1.00 27.02  ? 56  GLU A C   1 
ATOM   427  O  O   . GLU A 1 56  ? -3.103  15.560  13.623  1.00 26.22  ? 56  GLU A O   1 
ATOM   428  C  CB  . GLU A 1 56  ? -3.906  15.008  10.464  1.00 29.50  ? 56  GLU A CB  1 
ATOM   429  C  CG  . GLU A 1 56  ? -4.972  15.940  11.057  1.00 40.93  ? 56  GLU A CG  1 
ATOM   430  C  CD  . GLU A 1 56  ? -6.380  15.493  10.607  1.00 56.28  ? 56  GLU A CD  1 
ATOM   431  O  OE1 . GLU A 1 56  ? -6.799  15.964  9.521   1.00 68.41  ? 56  GLU A OE1 1 
ATOM   432  O  OE2 . GLU A 1 56  ? -7.032  14.623  11.275  1.00 55.85  ? 56  GLU A OE2 1 
ATOM   433  N  N   . GLN A 1 57  ? -4.067  13.530  13.337  1.00 25.63  ? 57  GLN A N   1 
ATOM   434  C  CA  . GLN A 1 57  ? -4.523  13.405  14.731  1.00 29.95  ? 57  GLN A CA  1 
ATOM   435  C  C   . GLN A 1 57  ? -3.363  13.392  15.737  1.00 29.80  ? 57  GLN A C   1 
ATOM   436  O  O   . GLN A 1 57  ? -3.497  13.952  16.804  1.00 29.64  ? 57  GLN A O   1 
ATOM   437  C  CB  . GLN A 1 57  ? -5.427  12.207  14.966  1.00 31.66  ? 57  GLN A CB  1 
ATOM   438  C  CG  . GLN A 1 57  ? -6.723  12.250  14.180  1.00 41.18  ? 57  GLN A CG  1 
ATOM   439  C  CD  . GLN A 1 57  ? -7.643  11.078  14.476  1.00 50.67  ? 57  GLN A CD  1 
ATOM   440  O  OE1 . GLN A 1 57  ? -7.342  9.910   14.151  1.00 57.56  ? 57  GLN A OE1 1 
ATOM   441  N  NE2 . GLN A 1 57  ? -8.785  11.381  15.094  1.00 54.40  ? 57  GLN A NE2 1 
ATOM   442  N  N   . ILE A 1 58  ? -2.255  12.724  15.396  1.00 22.15  ? 58  ILE A N   1 
ATOM   443  C  CA  . ILE A 1 58  ? -1.110  12.541  16.263  1.00 21.32  ? 58  ILE A CA  1 
ATOM   444  C  C   . ILE A 1 58  ? -0.278  13.773  16.281  1.00 23.30  ? 58  ILE A C   1 
ATOM   445  O  O   . ILE A 1 58  ? 0.208   14.251  17.358  1.00 22.18  ? 58  ILE A O   1 
ATOM   446  C  CB  . ILE A 1 58  ? -0.273  11.256  15.846  1.00 21.16  ? 58  ILE A CB  1 
ATOM   447  C  CG1 . ILE A 1 58  ? -1.107  9.950   15.931  1.00 18.90  ? 58  ILE A CG1 1 
ATOM   448  C  CG2 . ILE A 1 58  ? 0.959   11.053  16.705  1.00 22.82  ? 58  ILE A CG2 1 
ATOM   449  C  CD1 . ILE A 1 58  ? -0.585  8.783   15.139  1.00 20.63  ? 58  ILE A CD1 1 
ATOM   450  N  N   . GLU A 1 59  ? -0.002  14.306  15.098  1.00 22.60  ? 59  GLU A N   1 
ATOM   451  C  CA  . GLU A 1 59  ? 1.024   15.337  14.976  1.00 23.90  ? 59  GLU A CA  1 
ATOM   452  C  C   . GLU A 1 59  ? 0.464   16.728  14.817  1.00 27.28  ? 59  GLU A C   1 
ATOM   453  O  O   . GLU A 1 59  ? 1.223   17.672  14.962  1.00 27.76  ? 59  GLU A O   1 
ATOM   454  C  CB  . GLU A 1 59  ? 1.844   15.148  13.687  1.00 29.40  ? 59  GLU A CB  1 
ATOM   455  C  CG  . GLU A 1 59  ? 2.923   14.138  13.658  1.00 31.27  ? 59  GLU A CG  1 
ATOM   456  C  CD  . GLU A 1 59  ? 3.970   14.162  14.759  1.00 33.64  ? 59  GLU A CD  1 
ATOM   457  O  OE1 . GLU A 1 59  ? 5.136   14.543  14.524  1.00 44.77  ? 59  GLU A OE1 1 
ATOM   458  O  OE2 . GLU A 1 59  ? 3.682   13.628  15.859  1.00 36.16  ? 59  GLU A OE2 1 
ATOM   459  N  N   . GLY A 1 60  ? -0.814  16.868  14.476  1.00 26.21  ? 60  GLY A N   1 
ATOM   460  C  CA  . GLY A 1 60  ? -1.406  18.187  14.121  1.00 32.97  ? 60  GLY A CA  1 
ATOM   461  C  C   . GLY A 1 60  ? -0.822  18.955  12.898  1.00 40.56  ? 60  GLY A C   1 
ATOM   462  O  O   . GLY A 1 60  ? -0.920  20.181  12.851  1.00 50.25  ? 60  GLY A O   1 
ATOM   463  N  N   . LYS A 1 61  ? -0.165  18.254  11.966  1.00 43.51  ? 61  LYS A N   1 
ATOM   464  C  CA  . LYS A 1 61  ? 0.283   18.782  10.650  1.00 42.61  ? 61  LYS A CA  1 
ATOM   465  C  C   . LYS A 1 61  ? -0.456  17.877  9.624   1.00 40.27  ? 61  LYS A C   1 
ATOM   466  O  O   . LYS A 1 61  ? -0.566  16.697  9.850   1.00 37.71  ? 61  LYS A O   1 
ATOM   467  C  CB  . LYS A 1 61  ? 1.789   18.585  10.430  1.00 46.26  ? 61  LYS A CB  1 
ATOM   468  C  CG  . LYS A 1 61  ? 2.741   19.367  11.317  1.00 54.73  ? 61  LYS A CG  1 
ATOM   469  C  CD  . LYS A 1 61  ? 4.145   19.451  10.703  1.00 59.31  ? 61  LYS A CD  1 
ATOM   470  C  CE  . LYS A 1 61  ? 5.256   19.636  11.752  1.00 65.07  ? 61  LYS A CE  1 
ATOM   471  N  NZ  . LYS A 1 61  ? 5.365   20.987  12.378  1.00 70.33  ? 61  LYS A NZ  1 
ATOM   472  N  N   . PRO A 1 62  ? -0.973  18.436  8.521   1.00 42.25  ? 62  PRO A N   1 
ATOM   473  C  CA  . PRO A 1 62  ? -1.584  17.615  7.428   1.00 40.95  ? 62  PRO A CA  1 
ATOM   474  C  C   . PRO A 1 62  ? -0.521  17.078  6.510   1.00 31.85  ? 62  PRO A C   1 
ATOM   475  O  O   . PRO A 1 62  ? 0.483   17.753  6.297   1.00 35.69  ? 62  PRO A O   1 
ATOM   476  C  CB  . PRO A 1 62  ? -2.526  18.618  6.689   1.00 43.59  ? 62  PRO A CB  1 
ATOM   477  C  CG  . PRO A 1 62  ? -2.033  19.973  7.041   1.00 47.64  ? 62  PRO A CG  1 
ATOM   478  C  CD  . PRO A 1 62  ? -1.151  19.884  8.293   1.00 46.94  ? 62  PRO A CD  1 
ATOM   479  N  N   . VAL A 1 63  ? -0.672  15.838  6.020   1.00 23.70  ? 63  VAL A N   1 
ATOM   480  C  CA  . VAL A 1 63  ? 0.303   15.267  5.118   1.00 21.28  ? 63  VAL A CA  1 
ATOM   481  C  C   . VAL A 1 63  ? -0.508  15.137  3.790   1.00 17.99  ? 63  VAL A C   1 
ATOM   482  O  O   . VAL A 1 63  ? -1.643  14.594  3.792   1.00 17.93  ? 63  VAL A O   1 
ATOM   483  C  CB  . VAL A 1 63  ? 0.842   13.844  5.542   1.00 24.90  ? 63  VAL A CB  1 
ATOM   484  C  CG1 . VAL A 1 63  ? 1.647   13.203  4.440   1.00 24.72  ? 63  VAL A CG1 1 
ATOM   485  C  CG2 . VAL A 1 63  ? 1.722   13.941  6.782   1.00 29.07  ? 63  VAL A CG2 1 
ATOM   486  N  N   . PRO A 1 64  ? 0.073   15.623  2.694   1.00 15.27  ? 64  PRO A N   1 
ATOM   487  C  CA  . PRO A 1 64  ? -0.598  15.527  1.425   1.00 15.14  ? 64  PRO A CA  1 
ATOM   488  C  C   . PRO A 1 64  ? -0.719  14.032  1.017   1.00 14.64  ? 64  PRO A C   1 
ATOM   489  O  O   . PRO A 1 64  ? 0.206   13.244  1.301   1.00 15.48  ? 64  PRO A O   1 
ATOM   490  C  CB  . PRO A 1 64  ? 0.313   16.278  0.487   1.00 16.26  ? 64  PRO A CB  1 
ATOM   491  C  CG  . PRO A 1 64  ? 1.280   17.031  1.315   1.00 17.16  ? 64  PRO A CG  1 
ATOM   492  C  CD  . PRO A 1 64  ? 1.319   16.421  2.659   1.00 15.38  ? 64  PRO A CD  1 
ATOM   493  N  N   . VAL A 1 65  ? -1.784  13.709  0.265   1.00 14.88  ? 65  VAL A N   1 
ATOM   494  C  CA  . VAL A 1 65  ? -2.028  12.350  -0.255  1.00 15.75  ? 65  VAL A CA  1 
ATOM   495  C  C   . VAL A 1 65  ? -2.229  12.356  -1.781  1.00 17.31  ? 65  VAL A C   1 
ATOM   496  O  O   . VAL A 1 65  ? -3.055  13.157  -2.301  1.00 18.75  ? 65  VAL A O   1 
ATOM   497  C  CB  . VAL A 1 65  ? -3.277  11.769  0.380   1.00 16.80  ? 65  VAL A CB  1 
ATOM   498  C  CG1 . VAL A 1 65  ? -3.615  10.427  -0.223  1.00 16.58  ? 65  VAL A CG1 1 
ATOM   499  C  CG2 . VAL A 1 65  ? -3.103  11.658  1.895   1.00 19.31  ? 65  VAL A CG2 1 
ATOM   500  N  N   . GLY A 1 66  ? -1.461  11.555  -2.502  1.00 16.33  ? 66  GLY A N   1 
ATOM   501  C  CA  . GLY A 1 66  ? -1.642  11.346  -3.930  1.00 16.30  ? 66  GLY A CA  1 
ATOM   502  C  C   . GLY A 1 66  ? -1.957  9.899   -4.275  1.00 16.83  ? 66  GLY A C   1 
ATOM   503  O  O   . GLY A 1 66  ? -2.187  9.057   -3.392  1.00 14.89  ? 66  GLY A O   1 
ATOM   504  N  N   . GLU A 1 67  ? -2.085  9.648   -5.565  1.00 17.88  ? 67  GLU A N   1 
ATOM   505  C  CA  . GLU A 1 67  ? -2.616  8.411   -6.086  1.00 19.65  ? 67  GLU A CA  1 
ATOM   506  C  C   . GLU A 1 67  ? -1.897  8.025   -7.334  1.00 17.62  ? 67  GLU A C   1 
ATOM   507  O  O   . GLU A 1 67  ? -1.590  8.882   -8.204  1.00 16.15  ? 67  GLU A O   1 
ATOM   508  C  CB  . GLU A 1 67  ? -4.137  8.512   -6.384  1.00 25.57  ? 67  GLU A CB  1 
ATOM   509  C  CG  . GLU A 1 67  ? -4.508  9.718   -7.131  1.00 35.82  ? 67  GLU A CG  1 
ATOM   510  C  CD  . GLU A 1 67  ? -5.874  10.272  -6.762  1.00 46.30  ? 67  GLU A CD  1 
ATOM   511  O  OE1 . GLU A 1 67  ? -6.857  9.686   -7.218  1.00 37.96  ? 67  GLU A OE1 1 
ATOM   512  O  OE2 . GLU A 1 67  ? -5.937  11.324  -6.061  1.00 64.47  ? 67  GLU A OE2 1 
ATOM   513  N  N   . ILE A 1 68  ? -1.617  6.703   -7.407  1.00 16.97  ? 68  ILE A N   1 
ATOM   514  C  CA  . ILE A 1 68  ? -1.158  6.084   -8.681  1.00 16.30  ? 68  ILE A CA  1 
ATOM   515  C  C   . ILE A 1 68  ? -2.088  4.970   -9.041  1.00 17.32  ? 68  ILE A C   1 
ATOM   516  O  O   . ILE A 1 68  ? -2.350  4.071   -8.232  1.00 16.89  ? 68  ILE A O   1 
ATOM   517  C  CB  . ILE A 1 68  ? 0.296   5.563   -8.570  1.00 16.16  ? 68  ILE A CB  1 
ATOM   518  C  CG1 . ILE A 1 68  ? 1.266   6.660   -8.178  1.00 17.22  ? 68  ILE A CG1 1 
ATOM   519  C  CG2 . ILE A 1 68  ? 0.745   4.945   -9.880  1.00 17.31  ? 68  ILE A CG2 1 
ATOM   520  C  CD1 . ILE A 1 68  ? 2.631   6.160   -7.798  1.00 19.08  ? 68  ILE A CD1 1 
ATOM   521  N  N   . ASP A 1 69  ? -2.661  5.046   -10.268 1.00 18.51  ? 69  ASP A N   1 
ATOM   522  C  CA  . ASP A 1 69  ? -3.633  4.112   -10.678 1.00 21.89  ? 69  ASP A CA  1 
ATOM   523  C  C   . ASP A 1 69  ? -2.933  3.084   -11.578 1.00 19.43  ? 69  ASP A C   1 
ATOM   524  O  O   . ASP A 1 69  ? -2.308  3.441   -12.589 1.00 19.47  ? 69  ASP A O   1 
ATOM   525  C  CB  . ASP A 1 69  ? -4.747  4.857   -11.462 1.00 25.51  ? 69  ASP A CB  1 
ATOM   526  C  CG  . ASP A 1 69  ? -5.330  6.074   -10.694 1.00 31.28  ? 69  ASP A CG  1 
ATOM   527  O  OD1 . ASP A 1 69  ? -6.023  5.851   -9.689  1.00 35.31  ? 69  ASP A OD1 1 
ATOM   528  O  OD2 . ASP A 1 69  ? -5.147  7.248   -11.188 1.00 37.52  ? 69  ASP A OD2 1 
ATOM   529  N  N   . ILE A 1 70  ? -3.083  1.818   -11.251 1.00 19.72  ? 70  ILE A N   1 
ATOM   530  C  CA  . ILE A 1 70  ? -2.306  0.761   -11.945 1.00 19.74  ? 70  ILE A CA  1 
ATOM   531  C  C   . ILE A 1 70  ? -3.277  -0.421  -12.101 1.00 21.77  ? 70  ILE A C   1 
ATOM   532  O  O   . ILE A 1 70  ? -4.054  -0.734  -11.177 1.00 23.83  ? 70  ILE A O   1 
ATOM   533  C  CB  . ILE A 1 70  ? -1.033  0.310   -11.127 1.00 20.58  ? 70  ILE A CB  1 
ATOM   534  C  CG1 . ILE A 1 70  ? 0.049   1.402   -11.090 1.00 20.42  ? 70  ILE A CG1 1 
ATOM   535  C  CG2 . ILE A 1 70  ? -0.418  -0.941  -11.684 1.00 22.33  ? 70  ILE A CG2 1 
ATOM   536  C  CD1 . ILE A 1 70  ? 1.106   1.277   -9.979  1.00 21.64  ? 70  ILE A CD1 1 
ATOM   537  N  N   . THR A 1 71  ? -3.169  -1.107  -13.251 1.00 22.50  ? 71  THR A N   1 
ATOM   538  C  CA  . THR A 1 71  ? -3.827  -2.368  -13.516 1.00 23.45  ? 71  THR A CA  1 
ATOM   539  C  C   . THR A 1 71  ? -2.761  -3.385  -13.845 1.00 19.58  ? 71  THR A C   1 
ATOM   540  O  O   . THR A 1 71  ? -1.739  -3.122  -14.540 1.00 23.15  ? 71  THR A O   1 
ATOM   541  C  CB  . THR A 1 71  ? -4.775  -2.312  -14.731 1.00 24.23  ? 71  THR A CB  1 
ATOM   542  O  OG1 . THR A 1 71  ? -5.676  -1.250  -14.569 1.00 29.13  ? 71  THR A OG1 1 
ATOM   543  C  CG2 . THR A 1 71  ? -5.582  -3.644  -14.910 1.00 29.02  ? 71  THR A CG2 1 
ATOM   544  N  N   . LEU A 1 72  ? -2.971  -4.589  -13.304 1.00 23.68  ? 72  LEU A N   1 
ATOM   545  C  CA  . LEU A 1 72  ? -2.052  -5.687  -13.492 1.00 24.75  ? 72  LEU A CA  1 
ATOM   546  C  C   . LEU A 1 72  ? -2.644  -6.654  -14.540 1.00 26.20  ? 72  LEU A C   1 
ATOM   547  O  O   . LEU A 1 72  ? -3.815  -7.020  -14.439 1.00 27.54  ? 72  LEU A O   1 
ATOM   548  C  CB  . LEU A 1 72  ? -1.881  -6.495  -12.230 1.00 31.25  ? 72  LEU A CB  1 
ATOM   549  C  CG  . LEU A 1 72  ? -1.167  -5.787  -11.089 1.00 31.94  ? 72  LEU A CG  1 
ATOM   550  C  CD1 . LEU A 1 72  ? -1.565  -6.438  -9.763  1.00 42.91  ? 72  LEU A CD1 1 
ATOM   551  C  CD2 . LEU A 1 72  ? 0.334   -5.797  -11.349 1.00 32.31  ? 72  LEU A CD2 1 
ATOM   552  N  N   . TYR A 1 73  ? -1.833  -7.009  -15.523 1.00 25.49  ? 73  TYR A N   1 
ATOM   553  C  CA  . TYR A 1 73  ? -2.220  -7.971  -16.572 1.00 23.49  ? 73  TYR A CA  1 
ATOM   554  C  C   . TYR A 1 73  ? -1.316  -9.192  -16.554 1.00 25.03  ? 73  TYR A C   1 
ATOM   555  O  O   . TYR A 1 73  ? -0.096  -9.077  -16.251 1.00 26.90  ? 73  TYR A O   1 
ATOM   556  C  CB  . TYR A 1 73  ? -2.089  -7.325  -17.929 1.00 22.47  ? 73  TYR A CB  1 
ATOM   557  C  CG  . TYR A 1 73  ? -3.090  -6.227  -18.090 1.00 23.79  ? 73  TYR A CG  1 
ATOM   558  C  CD1 . TYR A 1 73  ? -4.416  -6.538  -18.454 1.00 24.30  ? 73  TYR A CD1 1 
ATOM   559  C  CD2 . TYR A 1 73  ? -2.756  -4.866  -17.838 1.00 24.54  ? 73  TYR A CD2 1 
ATOM   560  C  CE1 . TYR A 1 73  ? -5.373  -5.541  -18.571 1.00 24.54  ? 73  TYR A CE1 1 
ATOM   561  C  CE2 . TYR A 1 73  ? -3.756  -3.875  -17.946 1.00 25.08  ? 73  TYR A CE2 1 
ATOM   562  C  CZ  . TYR A 1 73  ? -5.032  -4.218  -18.343 1.00 25.79  ? 73  TYR A CZ  1 
ATOM   563  O  OH  . TYR A 1 73  ? -6.011  -3.202  -18.471 1.00 28.14  ? 73  TYR A OH  1 
ATOM   564  N  N   . ARG A 1 74  ? -1.879  -10.360 -16.899 1.00 24.39  ? 74  ARG A N   1 
ATOM   565  C  CA  . ARG A 1 74  ? -1.079  -11.531 -17.292 1.00 27.95  ? 74  ARG A CA  1 
ATOM   566  C  C   . ARG A 1 74  ? -0.774  -11.548 -18.790 1.00 26.50  ? 74  ARG A C   1 
ATOM   567  O  O   . ARG A 1 74  ? -1.579  -11.046 -19.603 1.00 26.73  ? 74  ARG A O   1 
ATOM   568  C  CB  . ARG A 1 74  ? -1.876  -12.820 -17.015 1.00 32.15  ? 74  ARG A CB  1 
ATOM   569  C  CG  . ARG A 1 74  ? -2.246  -13.017 -15.571 1.00 40.81  ? 74  ARG A CG  1 
ATOM   570  C  CD  . ARG A 1 74  ? -2.637  -14.468 -15.333 1.00 44.48  ? 74  ARG A CD  1 
ATOM   571  N  NE  . ARG A 1 74  ? -2.833  -14.759 -13.907 1.00 53.98  ? 74  ARG A NE  1 
ATOM   572  C  CZ  . ARG A 1 74  ? -3.924  -14.451 -13.211 1.00 52.99  ? 74  ARG A CZ  1 
ATOM   573  N  NH1 . ARG A 1 74  ? -4.942  -13.813 -13.789 1.00 60.36  ? 74  ARG A NH1 1 
ATOM   574  N  NH2 . ARG A 1 74  ? -3.991  -14.759 -11.919 1.00 54.67  ? 74  ARG A NH2 1 
ATOM   575  N  N   . ASP A 1 75  ? 0.319   -12.233 -19.163 1.00 24.42  ? 75  ASP A N   1 
ATOM   576  C  CA  . ASP A 1 75  ? 0.744   -12.308 -20.567 1.00 24.12  ? 75  ASP A CA  1 
ATOM   577  C  C   . ASP A 1 75  ? 0.129   -13.522 -21.260 1.00 22.08  ? 75  ASP A C   1 
ATOM   578  O  O   . ASP A 1 75  ? 0.349   -13.762 -22.432 1.00 23.62  ? 75  ASP A O   1 
ATOM   579  C  CB  . ASP A 1 75  ? 2.258   -12.227 -20.765 1.00 27.68  ? 75  ASP A CB  1 
ATOM   580  C  CG  . ASP A 1 75  ? 3.004   -13.434 -20.305 1.00 31.24  ? 75  ASP A CG  1 
ATOM   581  O  OD1 . ASP A 1 75  ? 2.385   -14.456 -19.854 1.00 29.58  ? 75  ASP A OD1 1 
ATOM   582  O  OD2 . ASP A 1 75  ? 4.266   -13.355 -20.398 1.00 34.11  ? 75  ASP A OD2 1 
ATOM   583  N  N   . ASP A 1 76  ? -0.699  -14.238 -20.548 1.00 21.00  ? 76  ASP A N   1 
ATOM   584  C  CA  . ASP A 1 76  ? -1.190  -15.458 -21.082 1.00 23.19  ? 76  ASP A CA  1 
ATOM   585  C  C   . ASP A 1 76  ? -2.536  -15.838 -20.496 1.00 23.76  ? 76  ASP A C   1 
ATOM   586  O  O   . ASP A 1 76  ? -3.236  -15.014 -19.903 1.00 22.78  ? 76  ASP A O   1 
ATOM   587  C  CB  . ASP A 1 76  ? -0.094  -16.558 -20.918 1.00 26.72  ? 76  ASP A CB  1 
ATOM   588  C  CG  . ASP A 1 76  ? 0.236   -16.882 -19.441 1.00 34.74  ? 76  ASP A CG  1 
ATOM   589  O  OD1 . ASP A 1 76  ? -0.572  -16.572 -18.499 1.00 32.78  ? 76  ASP A OD1 1 
ATOM   590  O  OD2 . ASP A 1 76  ? 1.345   -17.488 -19.247 1.00 39.75  ? 76  ASP A OD2 1 
ATOM   591  N  N   . LEU A 1 77  ? -2.917  -17.117 -20.688 1.00 25.50  ? 77  LEU A N   1 
ATOM   592  C  CA  . LEU A 1 77  ? -4.228  -17.597 -20.275 1.00 29.84  ? 77  LEU A CA  1 
ATOM   593  C  C   . LEU A 1 77  ? -4.206  -18.378 -18.957 1.00 36.34  ? 77  LEU A C   1 
ATOM   594  O  O   . LEU A 1 77  ? -5.242  -18.900 -18.552 1.00 47.04  ? 77  LEU A O   1 
ATOM   595  C  CB  . LEU A 1 77  ? -4.816  -18.511 -21.393 1.00 29.71  ? 77  LEU A CB  1 
ATOM   596  C  CG  . LEU A 1 77  ? -4.752  -18.012 -22.865 1.00 31.44  ? 77  LEU A CG  1 
ATOM   597  C  CD1 . LEU A 1 77  ? -5.372  -18.968 -23.854 1.00 31.50  ? 77  LEU A CD1 1 
ATOM   598  C  CD2 . LEU A 1 77  ? -5.484  -16.701 -23.000 1.00 34.37  ? 77  LEU A CD2 1 
ATOM   599  N  N   . THR A 1 78  ? -3.033  -18.476 -18.342 1.00 41.15  ? 78  THR A N   1 
ATOM   600  C  CA  . THR A 1 78  ? -2.796  -19.280 -17.146 1.00 50.29  ? 78  THR A CA  1 
ATOM   601  C  C   . THR A 1 78  ? -3.029  -18.421 -15.900 1.00 51.13  ? 78  THR A C   1 
ATOM   602  O  O   . THR A 1 78  ? -3.485  -17.268 -15.988 1.00 51.09  ? 78  THR A O   1 
ATOM   603  C  CB  . THR A 1 78  ? -1.323  -19.759 -17.044 1.00 50.76  ? 78  THR A CB  1 
ATOM   604  O  OG1 . THR A 1 78  ? -0.508  -18.623 -16.718 1.00 58.67  ? 78  THR A OG1 1 
ATOM   605  C  CG2 . THR A 1 78  ? -0.800  -20.415 -18.314 1.00 47.23  ? 78  THR A CG2 1 
ATOM   606  N  N   . VAL A 1 79  ? -2.720  -18.983 -14.739 1.00 52.35  ? 79  VAL A N   1 
ATOM   607  C  CA  . VAL A 1 79  ? -2.993  -18.301 -13.487 1.00 59.85  ? 79  VAL A CA  1 
ATOM   608  C  C   . VAL A 1 79  ? -1.711  -17.794 -12.770 1.00 61.18  ? 79  VAL A C   1 
ATOM   609  O  O   . VAL A 1 79  ? -1.770  -17.458 -11.590 1.00 63.40  ? 79  VAL A O   1 
ATOM   610  C  CB  . VAL A 1 79  ? -3.973  -19.158 -12.638 1.00 62.62  ? 79  VAL A CB  1 
ATOM   611  C  CG1 . VAL A 1 79  ? -3.907  -18.866 -11.145 1.00 64.04  ? 79  VAL A CG1 1 
ATOM   612  C  CG2 . VAL A 1 79  ? -5.394  -18.917 -13.135 1.00 62.47  ? 79  VAL A CG2 1 
ATOM   613  N  N   . THR A 1 80  ? -0.587  -17.651 -13.491 1.00 60.95  ? 80  THR A N   1 
ATOM   614  C  CA  . THR A 1 80  ? 0.619   -16.921 -12.960 1.00 61.37  ? 80  THR A CA  1 
ATOM   615  C  C   . THR A 1 80  ? 0.381   -15.667 -12.051 1.00 52.69  ? 80  THR A C   1 
ATOM   616  O  O   . THR A 1 80  ? -0.429  -14.775 -12.373 1.00 53.27  ? 80  THR A O   1 
ATOM   617  C  CB  . THR A 1 80  ? 1.554   -16.409 -14.096 1.00 60.11  ? 80  THR A CB  1 
ATOM   618  O  OG1 . THR A 1 80  ? 0.778   -15.803 -15.147 1.00 53.33  ? 80  THR A OG1 1 
ATOM   619  C  CG2 . THR A 1 80  ? 2.413   -17.538 -14.647 1.00 66.97  ? 80  THR A CG2 1 
ATOM   620  N  N   . SER A 1 81  ? 1.117   -15.611 -10.934 1.00 47.87  ? 81  SER A N   1 
ATOM   621  C  CA  . SER A 1 81  ? 1.296   -14.374 -10.116 1.00 47.77  ? 81  SER A CA  1 
ATOM   622  C  C   . SER A 1 81  ? 2.156   -13.320 -10.808 1.00 46.88  ? 81  SER A C   1 
ATOM   623  O  O   . SER A 1 81  ? 2.273   -12.182 -10.311 1.00 42.62  ? 81  SER A O   1 
ATOM   624  C  CB  . SER A 1 81  ? 2.027   -14.705 -8.810  1.00 44.88  ? 81  SER A CB  1 
ATOM   625  O  OG  . SER A 1 81  ? 3.404   -14.978 -9.056  1.00 47.35  ? 81  SER A OG  1 
ATOM   626  N  N   . ASN A 1 82  ? 2.840   -13.749 -11.865 1.00 37.09  ? 82  ASN A N   1 
ATOM   627  C  CA  . ASN A 1 82  ? 3.719   -12.903 -12.686 1.00 45.07  ? 82  ASN A CA  1 
ATOM   628  C  C   . ASN A 1 82  ? 2.883   -11.974 -13.585 1.00 46.42  ? 82  ASN A C   1 
ATOM   629  O  O   . ASN A 1 82  ? 2.591   -12.272 -14.742 1.00 36.01  ? 82  ASN A O   1 
ATOM   630  C  CB  . ASN A 1 82  ? 4.650   -13.779 -13.559 1.00 48.32  ? 82  ASN A CB  1 
ATOM   631  C  CG  . ASN A 1 82  ? 5.656   -12.968 -14.389 1.00 49.88  ? 82  ASN A CG  1 
ATOM   632  O  OD1 . ASN A 1 82  ? 6.474   -13.550 -15.115 1.00 48.03  ? 82  ASN A OD1 1 
ATOM   633  N  ND2 . ASN A 1 82  ? 5.605   -11.624 -14.295 1.00 51.42  ? 82  ASN A ND2 1 
ATOM   634  N  N   . LYS A 1 83  ? 2.518   -10.834 -13.022 1.00 48.30  ? 83  LYS A N   1 
ATOM   635  C  CA  . LYS A 1 83  ? 1.625   -9.939  -13.687 1.00 42.91  ? 83  LYS A CA  1 
ATOM   636  C  C   . LYS A 1 83  ? 2.421   -8.723  -14.071 1.00 44.03  ? 83  LYS A C   1 
ATOM   637  O  O   . LYS A 1 83  ? 3.438   -8.360  -13.434 1.00 46.87  ? 83  LYS A O   1 
ATOM   638  C  CB  . LYS A 1 83  ? 0.469   -9.588  -12.783 1.00 48.92  ? 83  LYS A CB  1 
ATOM   639  C  CG  . LYS A 1 83  ? -0.506  -10.716 -12.524 1.00 48.46  ? 83  LYS A CG  1 
ATOM   640  C  CD  . LYS A 1 83  ? -1.920  -10.138 -12.403 1.00 53.76  ? 83  LYS A CD  1 
ATOM   641  C  CE  . LYS A 1 83  ? -2.721  -10.681 -11.237 1.00 56.35  ? 83  LYS A CE  1 
ATOM   642  N  NZ  . LYS A 1 83  ? -2.906  -12.138 -11.417 1.00 60.07  ? 83  LYS A NZ  1 
ATOM   643  N  N   . GLU A 1 84  ? 1.994   -8.101  -15.140 1.00 32.45  ? 84  GLU A N   1 
ATOM   644  C  CA  . GLU A 1 84  ? 2.692   -6.994  -15.679 1.00 33.07  ? 84  GLU A CA  1 
ATOM   645  C  C   . GLU A 1 84  ? 1.825   -5.730  -15.413 1.00 28.98  ? 84  GLU A C   1 
ATOM   646  O  O   . GLU A 1 84  ? 0.628   -5.672  -15.771 1.00 25.99  ? 84  GLU A O   1 
ATOM   647  C  CB  . GLU A 1 84  ? 2.944   -7.285  -17.142 1.00 39.34  ? 84  GLU A CB  1 
ATOM   648  C  CG  . GLU A 1 84  ? 3.746   -6.237  -17.876 1.00 49.03  ? 84  GLU A CG  1 
ATOM   649  C  CD  . GLU A 1 84  ? 4.626   -6.782  -19.003 1.00 53.51  ? 84  GLU A CD  1 
ATOM   650  O  OE1 . GLU A 1 84  ? 5.872   -6.785  -18.781 1.00 55.76  ? 84  GLU A OE1 1 
ATOM   651  O  OE2 . GLU A 1 84  ? 4.095   -7.176  -20.080 1.00 40.18  ? 84  GLU A OE2 1 
ATOM   652  N  N   . PRO A 1 85  ? 2.381   -4.742  -14.685 1.00 28.10  ? 85  PRO A N   1 
ATOM   653  C  CA  . PRO A 1 85  ? 1.595   -3.571  -14.373 1.00 25.42  ? 85  PRO A CA  1 
ATOM   654  C  C   . PRO A 1 85  ? 1.542   -2.548  -15.513 1.00 24.72  ? 85  PRO A C   1 
ATOM   655  O  O   . PRO A 1 85  ? 2.506   -2.343  -16.266 1.00 24.79  ? 85  PRO A O   1 
ATOM   656  C  CB  . PRO A 1 85  ? 2.332   -2.994  -13.117 1.00 27.45  ? 85  PRO A CB  1 
ATOM   657  C  CG  . PRO A 1 85  ? 3.763   -3.308  -13.436 1.00 31.89  ? 85  PRO A CG  1 
ATOM   658  C  CD  . PRO A 1 85  ? 3.697   -4.720  -14.000 1.00 31.00  ? 85  PRO A CD  1 
ATOM   659  N  N   . LEU A 1 86  ? 0.398   -1.869  -15.646 1.00 21.34  ? 86  LEU A N   1 
ATOM   660  C  CA  . LEU A 1 86  ? 0.289   -0.754  -16.534 1.00 20.00  ? 86  LEU A CA  1 
ATOM   661  C  C   . LEU A 1 86  ? -0.145  0.438   -15.640 1.00 17.72  ? 86  LEU A C   1 
ATOM   662  O  O   . LEU A 1 86  ? -1.160  0.377   -15.018 1.00 19.23  ? 86  LEU A O   1 
ATOM   663  C  CB  . LEU A 1 86  ? -0.802  -0.992  -17.615 1.00 22.80  ? 86  LEU A CB  1 
ATOM   664  C  CG  . LEU A 1 86  ? -0.926  0.105   -18.652 1.00 27.78  ? 86  LEU A CG  1 
ATOM   665  C  CD1 . LEU A 1 86  ? 0.341   0.276   -19.501 1.00 28.52  ? 86  LEU A CD1 1 
ATOM   666  C  CD2 . LEU A 1 86  ? -2.148  -0.056  -19.556 1.00 31.38  ? 86  LEU A CD2 1 
ATOM   667  N  N   . VAL A 1 87  ? 0.606   1.513   -15.668 1.00 18.13  ? 87  VAL A N   1 
ATOM   668  C  CA  . VAL A 1 87  ? 0.206   2.725   -15.001 1.00 20.46  ? 87  VAL A CA  1 
ATOM   669  C  C   . VAL A 1 87  ? -0.793  3.479   -15.887 1.00 20.16  ? 87  VAL A C   1 
ATOM   670  O  O   . VAL A 1 87  ? -0.443  3.867   -16.991 1.00 22.39  ? 87  VAL A O   1 
ATOM   671  C  CB  . VAL A 1 87  ? 1.420   3.620   -14.706 1.00 21.25  ? 87  VAL A CB  1 
ATOM   672  C  CG1 . VAL A 1 87  ? 0.968   4.914   -14.081 1.00 21.84  ? 87  VAL A CG1 1 
ATOM   673  C  CG2 . VAL A 1 87  ? 2.382   2.893   -13.769 1.00 23.73  ? 87  VAL A CG2 1 
ATOM   674  N  N   . LYS A 1 88  ? -1.994  3.629   -15.370 1.00 20.17  ? 88  LYS A N   1 
ATOM   675  C  CA  . LYS A 1 88  ? -3.128  4.292   -16.075 1.00 25.24  ? 88  LYS A CA  1 
ATOM   676  C  C   . LYS A 1 88  ? -3.294  5.745   -15.791 1.00 28.39  ? 88  LYS A C   1 
ATOM   677  O  O   . LYS A 1 88  ? -3.962  6.459   -16.574 1.00 29.79  ? 88  LYS A O   1 
ATOM   678  C  CB  . LYS A 1 88  ? -4.470  3.696   -15.687 1.00 30.74  ? 88  LYS A CB  1 
ATOM   679  C  CG  . LYS A 1 88  ? -4.628  2.216   -15.640 1.00 35.76  ? 88  LYS A CG  1 
ATOM   680  C  CD  . LYS A 1 88  ? -5.915  1.856   -14.874 1.00 43.70  ? 88  LYS A CD  1 
ATOM   681  C  CE  . LYS A 1 88  ? -7.156  2.359   -15.605 1.00 48.52  ? 88  LYS A CE  1 
ATOM   682  N  NZ  . LYS A 1 88  ? -8.469  2.047   -14.968 1.00 52.08  ? 88  LYS A NZ  1 
ATOM   683  N  N   . GLY A 1 89  ? -2.726  6.240   -14.683 1.00 22.66  ? 89  GLY A N   1 
ATOM   684  C  CA  . GLY A 1 89  ? -2.900  7.633   -14.352 1.00 23.28  ? 89  GLY A CA  1 
ATOM   685  C  C   . GLY A 1 89  ? -2.268  7.925   -12.991 1.00 22.41  ? 89  GLY A C   1 
ATOM   686  O  O   . GLY A 1 89  ? -1.985  7.000   -12.213 1.00 18.86  ? 89  GLY A O   1 
ATOM   687  N  N   . THR A 1 90  ? -2.012  9.198   -12.763 1.00 20.67  ? 90  THR A N   1 
ATOM   688  C  CA  . THR A 1 90  ? -1.484  9.694   -11.476 1.00 19.37  ? 90  THR A CA  1 
ATOM   689  C  C   . THR A 1 90  ? -2.171  10.966  -11.074 1.00 22.94  ? 90  THR A C   1 
ATOM   690  O  O   . THR A 1 90  ? -2.622  11.712  -11.921 1.00 21.28  ? 90  THR A O   1 
ATOM   691  C  CB  . THR A 1 90  ? 0.022   9.961   -11.547 1.00 22.66  ? 90  THR A CB  1 
ATOM   692  O  OG1 . THR A 1 90  ? 0.301   10.938  -12.555 1.00 25.91  ? 90  THR A OG1 1 
ATOM   693  C  CG2 . THR A 1 90  ? 0.789   8.685   -11.922 1.00 22.46  ? 90  THR A CG2 1 
ATOM   694  N  N   . ASP A 1 91  ? -2.249  11.215  -9.765  1.00 18.48  ? 91  ASP A N   1 
ATOM   695  C  CA  . ASP A 1 91  ? -2.757  12.496  -9.289  1.00 21.21  ? 91  ASP A CA  1 
ATOM   696  C  C   . ASP A 1 91  ? -2.130  12.722  -7.941  1.00 16.82  ? 91  ASP A C   1 
ATOM   697  O  O   . ASP A 1 91  ? -2.602  12.195  -6.931  1.00 17.76  ? 91  ASP A O   1 
ATOM   698  C  CB  . ASP A 1 91  ? -4.249  12.399  -9.201  1.00 22.74  ? 91  ASP A CB  1 
ATOM   699  C  CG  . ASP A 1 91  ? -4.930  13.628  -8.669  1.00 29.63  ? 91  ASP A CG  1 
ATOM   700  O  OD1 . ASP A 1 91  ? -4.274  14.646  -8.366  1.00 23.56  ? 91  ASP A OD1 1 
ATOM   701  O  OD2 . ASP A 1 91  ? -6.200  13.509  -8.557  1.00 37.19  ? 91  ASP A OD2 1 
ATOM   702  N  N   . ILE A 1 92  ? -1.053  13.461  -7.953  1.00 17.89  ? 92  ILE A N   1 
ATOM   703  C  CA  . ILE A 1 92  ? -0.387  13.860  -6.711  1.00 17.45  ? 92  ILE A CA  1 
ATOM   704  C  C   . ILE A 1 92  ? -0.469  15.402  -6.615  1.00 18.03  ? 92  ILE A C   1 
ATOM   705  O  O   . ILE A 1 92  ? -0.081  16.061  -7.567  1.00 17.77  ? 92  ILE A O   1 
ATOM   706  C  CB  . ILE A 1 92  ? 1.066   13.352  -6.737  1.00 18.01  ? 92  ILE A CB  1 
ATOM   707  C  CG1 . ILE A 1 92  ? 1.059   11.835  -7.003  1.00 19.95  ? 92  ILE A CG1 1 
ATOM   708  C  CG2 . ILE A 1 92  ? 1.825   13.669  -5.470  1.00 19.20  ? 92  ILE A CG2 1 
ATOM   709  C  CD1 . ILE A 1 92  ? 2.444   11.262  -7.058  1.00 20.52  ? 92  ILE A CD1 1 
ATOM   710  N  N   . PRO A 1 93  ? -0.932  15.932  -5.486  1.00 17.21  ? 93  PRO A N   1 
ATOM   711  C  CA  . PRO A 1 93  ? -1.339  17.351  -5.436  1.00 19.25  ? 93  PRO A CA  1 
ATOM   712  C  C   . PRO A 1 93  ? -0.234  18.317  -5.124  1.00 17.49  ? 93  PRO A C   1 
ATOM   713  O  O   . PRO A 1 93  ? -0.496  19.530  -5.058  1.00 17.40  ? 93  PRO A O   1 
ATOM   714  C  CB  . PRO A 1 93  ? -2.394  17.360  -4.327  1.00 21.79  ? 93  PRO A CB  1 
ATOM   715  C  CG  . PRO A 1 93  ? -1.942  16.283  -3.381  1.00 21.35  ? 93  PRO A CG  1 
ATOM   716  C  CD  . PRO A 1 93  ? -1.516  15.194  -4.338  1.00 20.01  ? 93  PRO A CD  1 
ATOM   717  N  N   . VAL A 1 94  ? 0.979   17.817  -4.853  1.00 16.36  ? 94  VAL A N   1 
ATOM   718  C  CA  . VAL A 1 94  ? 2.144   18.545  -4.475  1.00 16.59  ? 94  VAL A CA  1 
ATOM   719  C  C   . VAL A 1 94  ? 3.360   18.058  -5.288  1.00 17.31  ? 94  VAL A C   1 
ATOM   720  O  O   . VAL A 1 94  ? 3.393   16.934  -5.814  1.00 16.44  ? 94  VAL A O   1 
ATOM   721  C  CB  . VAL A 1 94  ? 2.467   18.493  -2.967  1.00 17.45  ? 94  VAL A CB  1 
ATOM   722  C  CG1 . VAL A 1 94  ? 1.292   19.075  -2.156  1.00 18.69  ? 94  VAL A CG1 1 
ATOM   723  C  CG2 . VAL A 1 94  ? 2.762   17.061  -2.462  1.00 17.03  ? 94  VAL A CG2 1 
ATOM   724  N  N   . ASP A 1 95  ? 4.373   18.917  -5.364  1.00 16.83  ? 95  ASP A N   1 
ATOM   725  C  CA  . ASP A 1 95  ? 5.690   18.527  -5.946  1.00 18.16  ? 95  ASP A CA  1 
ATOM   726  C  C   . ASP A 1 95  ? 6.290   17.473  -5.009  1.00 16.88  ? 95  ASP A C   1 
ATOM   727  O  O   . ASP A 1 95  ? 6.207   17.624  -3.793  1.00 18.39  ? 95  ASP A O   1 
ATOM   728  C  CB  . ASP A 1 95  ? 6.607   19.746  -5.891  1.00 20.29  ? 95  ASP A CB  1 
ATOM   729  C  CG  . ASP A 1 95  ? 7.837   19.655  -6.793  1.00 24.16  ? 95  ASP A CG  1 
ATOM   730  O  OD1 . ASP A 1 95  ? 8.340   18.582  -7.086  1.00 24.73  ? 95  ASP A OD1 1 
ATOM   731  O  OD2 . ASP A 1 95  ? 8.361   20.743  -7.214  1.00 27.24  ? 95  ASP A OD2 1 
ATOM   732  N  N   . ILE A 1 96  ? 6.876   16.416  -5.586  1.00 14.92  ? 96  ILE A N   1 
ATOM   733  C  CA  . ILE A 1 96  ? 7.569   15.377  -4.802  1.00 15.85  ? 96  ILE A CA  1 
ATOM   734  C  C   . ILE A 1 96  ? 9.093   15.466  -4.826  1.00 15.86  ? 96  ILE A C   1 
ATOM   735  O  O   . ILE A 1 96  ? 9.805   14.727  -4.109  1.00 16.33  ? 96  ILE A O   1 
ATOM   736  C  CB  . ILE A 1 96  ? 7.094   13.984  -5.143  1.00 15.39  ? 96  ILE A CB  1 
ATOM   737  C  CG1 . ILE A 1 96  ? 7.358   13.645  -6.591  1.00 18.16  ? 96  ILE A CG1 1 
ATOM   738  C  CG2 . ILE A 1 96  ? 5.666   13.827  -4.729  1.00 17.31  ? 96  ILE A CG2 1 
ATOM   739  C  CD1 . ILE A 1 96  ? 7.197   12.182  -6.923  1.00 17.25  ? 96  ILE A CD1 1 
ATOM   740  N  N   . THR A 1 97  ? 9.645   16.445  -5.570  1.00 17.42  ? 97  THR A N   1 
ATOM   741  C  CA  . THR A 1 97  ? 11.066  16.563  -5.608  1.00 17.22  ? 97  THR A CA  1 
ATOM   742  C  C   . THR A 1 97  ? 11.653  16.979  -4.238  1.00 17.68  ? 97  THR A C   1 
ATOM   743  O  O   . THR A 1 97  ? 11.158  17.932  -3.585  1.00 19.55  ? 97  THR A O   1 
ATOM   744  C  CB  . THR A 1 97  ? 11.474  17.499  -6.778  1.00 17.05  ? 97  THR A CB  1 
ATOM   745  O  OG1 . THR A 1 97  ? 11.180  16.846  -8.020  1.00 17.19  ? 97  THR A OG1 1 
ATOM   746  C  CG2 . THR A 1 97  ? 12.970  17.844  -6.641  1.00 17.84  ? 97  THR A CG2 1 
ATOM   747  N  N   . ASP A 1 98  ? 12.695  16.270  -3.784  1.00 16.41  ? 98  ASP A N   1 
ATOM   748  C  CA  . ASP A 1 98  ? 13.327  16.407  -2.512  1.00 18.62  ? 98  ASP A CA  1 
ATOM   749  C  C   . ASP A 1 98  ? 12.412  16.144  -1.315  1.00 18.45  ? 98  ASP A C   1 
ATOM   750  O  O   . ASP A 1 98  ? 12.660  16.636  -0.227  1.00 20.02  ? 98  ASP A O   1 
ATOM   751  C  CB  . ASP A 1 98  ? 13.942  17.824  -2.338  1.00 23.27  ? 98  ASP A CB  1 
ATOM   752  C  CG  . ASP A 1 98  ? 15.058  18.079  -3.300  1.00 32.47  ? 98  ASP A CG  1 
ATOM   753  O  OD1 . ASP A 1 98  ? 15.696  17.094  -3.733  1.00 33.78  ? 98  ASP A OD1 1 
ATOM   754  O  OD2 . ASP A 1 98  ? 15.275  19.293  -3.609  1.00 41.25  ? 98  ASP A OD2 1 
ATOM   755  N  N   . LYS A 1 99  ? 11.329  15.391  -1.550  1.00 16.67  ? 99  LYS A N   1 
ATOM   756  C  CA  . LYS A 1 99  ? 10.420  14.995  -0.502  1.00 16.22  ? 99  LYS A CA  1 
ATOM   757  C  C   . LYS A 1 99  ? 10.593  13.485  -0.242  1.00 16.06  ? 99  LYS A C   1 
ATOM   758  O  O   . LYS A 1 99  ? 11.178  12.761  -1.056  1.00 17.18  ? 99  LYS A O   1 
ATOM   759  C  CB  . LYS A 1 99  ? 9.010   15.255  -0.913  1.00 19.42  ? 99  LYS A CB  1 
ATOM   760  C  CG  . LYS A 1 99  ? 8.814   16.738  -1.271  1.00 25.48  ? 99  LYS A CG  1 
ATOM   761  C  CD  . LYS A 1 99  ? 8.060   17.548  -0.300  1.00 26.78  ? 99  LYS A CD  1 
ATOM   762  C  CE  . LYS A 1 99  ? 7.682   18.945  -0.831  1.00 24.18  ? 99  LYS A CE  1 
ATOM   763  N  NZ  . LYS A 1 99  ? 6.321   19.054  -1.441  1.00 27.27  ? 99  LYS A NZ  1 
ATOM   764  N  N   . LYS A 1 100 ? 10.024  13.065  0.874   1.00 14.00  ? 100 LYS A N   1 
ATOM   765  C  CA  . LYS A 1 100 ? 9.998   11.685  1.331   1.00 16.52  ? 100 LYS A CA  1 
ATOM   766  C  C   . LYS A 1 100 ? 8.630   11.149  0.961   1.00 15.21  ? 100 LYS A C   1 
ATOM   767  O  O   . LYS A 1 100 ? 7.671   11.481  1.622   1.00 15.54  ? 100 LYS A O   1 
ATOM   768  C  CB  . LYS A 1 100 ? 10.188  11.585  2.843   1.00 17.64  ? 100 LYS A CB  1 
ATOM   769  C  CG  . LYS A 1 100 ? 11.559  12.117  3.286   1.00 23.23  ? 100 LYS A CG  1 
ATOM   770  C  CD  . LYS A 1 100 ? 11.710  12.205  4.794   1.00 25.99  ? 100 LYS A CD  1 
ATOM   771  C  CE  . LYS A 1 100 ? 12.883  13.113  5.208   1.00 33.30  ? 100 LYS A CE  1 
ATOM   772  N  NZ  . LYS A 1 100 ? 12.961  13.123  6.705   1.00 34.27  ? 100 LYS A NZ  1 
ATOM   773  N  N   . VAL A 1 101 ? 8.579   10.319  -0.075  1.00 13.63  ? 101 VAL A N   1 
ATOM   774  C  CA  . VAL A 1 101 ? 7.308   9.775   -0.533  1.00 15.26  ? 101 VAL A CA  1 
ATOM   775  C  C   . VAL A 1 101 ? 7.129   8.397   0.102   1.00 14.78  ? 101 VAL A C   1 
ATOM   776  O  O   . VAL A 1 101 ? 8.017   7.548   -0.009  1.00 15.45  ? 101 VAL A O   1 
ATOM   777  C  CB  . VAL A 1 101 ? 7.202   9.650   -2.021  1.00 14.61  ? 101 VAL A CB  1 
ATOM   778  C  CG1 . VAL A 1 101 ? 5.897   9.012   -2.436  1.00 17.60  ? 101 VAL A CG1 1 
ATOM   779  C  CG2 . VAL A 1 101 ? 7.358   11.005  -2.688  1.00 17.86  ? 101 VAL A CG2 1 
ATOM   780  N  N   . ILE A 1 102 ? 5.991   8.205   0.760   1.00 13.70  ? 102 ILE A N   1 
ATOM   781  C  CA  . ILE A 1 102 ? 5.613   6.889   1.345   1.00 12.96  ? 102 ILE A CA  1 
ATOM   782  C  C   . ILE A 1 102 ? 4.502   6.281   0.440   1.00 12.36  ? 102 ILE A C   1 
ATOM   783  O  O   . ILE A 1 102 ? 3.339   6.751   0.442   1.00 12.26  ? 102 ILE A O   1 
ATOM   784  C  CB  . ILE A 1 102 ? 5.139   6.995   2.782   1.00 15.28  ? 102 ILE A CB  1 
ATOM   785  C  CG1 . ILE A 1 102 ? 6.235   7.665   3.625   1.00 18.00  ? 102 ILE A CG1 1 
ATOM   786  C  CG2 . ILE A 1 102 ? 4.720   5.591   3.365   1.00 16.18  ? 102 ILE A CG2 1 
ATOM   787  C  CD1 . ILE A 1 102 ? 5.826   8.516   4.738   1.00 21.32  ? 102 ILE A CD1 1 
ATOM   788  N  N   . LEU A 1 103 ? 4.891   5.236   -0.322  1.00 12.21  ? 103 LEU A N   1 
ATOM   789  C  CA  . LEU A 1 103 ? 3.971   4.466   -1.132  1.00 13.26  ? 103 LEU A CA  1 
ATOM   790  C  C   . LEU A 1 103 ? 3.122   3.612   -0.176  1.00 12.34  ? 103 LEU A C   1 
ATOM   791  O  O   . LEU A 1 103 ? 3.700   3.080   0.742   1.00 13.45  ? 103 LEU A O   1 
ATOM   792  C  CB  . LEU A 1 103 ? 4.729   3.535   -2.095  1.00 13.77  ? 103 LEU A CB  1 
ATOM   793  C  CG  . LEU A 1 103 ? 5.239   4.204   -3.366  1.00 15.07  ? 103 LEU A CG  1 
ATOM   794  C  CD1 . LEU A 1 103 ? 6.072   3.254   -4.167  1.00 16.45  ? 103 LEU A CD1 1 
ATOM   795  C  CD2 . LEU A 1 103 ? 4.038   4.745   -4.253  1.00 16.07  ? 103 LEU A CD2 1 
ATOM   796  N  N   . VAL A 1 104 ? 1.829   3.444   -0.459  1.00 12.92  ? 104 VAL A N   1 
ATOM   797  C  CA  . VAL A 1 104 ? 0.945   2.636   0.398   1.00 14.45  ? 104 VAL A CA  1 
ATOM   798  C  C   . VAL A 1 104 ? 0.292   1.590   -0.474  1.00 15.33  ? 104 VAL A C   1 
ATOM   799  O  O   . VAL A 1 104 ? -0.391  1.929   -1.430  1.00 14.68  ? 104 VAL A O   1 
ATOM   800  C  CB  . VAL A 1 104 ? -0.136  3.510   1.059   1.00 14.03  ? 104 VAL A CB  1 
ATOM   801  C  CG1 . VAL A 1 104 ? -1.047  2.639   1.965   1.00 15.57  ? 104 VAL A CG1 1 
ATOM   802  C  CG2 . VAL A 1 104 ? 0.508   4.689   1.807   1.00 14.98  ? 104 VAL A CG2 1 
ATOM   803  N  N   . ASP A 1 105 ? 0.541   0.328   -0.152  1.00 13.64  ? 105 ASP A N   1 
ATOM   804  C  CA  . ASP A 1 105 ? 0.064   -0.827  -0.922  1.00 14.00  ? 105 ASP A CA  1 
ATOM   805  C  C   . ASP A 1 105 ? -0.768  -1.676  0.009   1.00 15.10  ? 105 ASP A C   1 
ATOM   806  O  O   . ASP A 1 105 ? -0.361  -1.909  1.169   1.00 16.46  ? 105 ASP A O   1 
ATOM   807  C  CB  . ASP A 1 105 ? 1.301   -1.593  -1.384  1.00 16.17  ? 105 ASP A CB  1 
ATOM   808  C  CG  . ASP A 1 105 ? 1.027   -2.697  -2.395  1.00 15.36  ? 105 ASP A CG  1 
ATOM   809  O  OD1 . ASP A 1 105 ? -0.143  -2.869  -2.856  1.00 17.08  ? 105 ASP A OD1 1 
ATOM   810  O  OD2 . ASP A 1 105 ? 2.044   -3.479  -2.711  1.00 15.82  ? 105 ASP A OD2 1 
ATOM   811  N  N   . ASP A 1 106 ? -1.955  -2.118  -0.420  1.00 16.06  ? 106 ASP A N   1 
ATOM   812  C  CA  . ASP A 1 106 ? -2.751  -2.960  0.482   1.00 17.65  ? 106 ASP A CA  1 
ATOM   813  C  C   . ASP A 1 106 ? -2.077  -4.297  0.842   1.00 15.55  ? 106 ASP A C   1 
ATOM   814  O  O   . ASP A 1 106 ? -1.925  -4.655  2.009   1.00 16.82  ? 106 ASP A O   1 
ATOM   815  C  CB  . ASP A 1 106 ? -4.252  -3.089  0.133   1.00 19.59  ? 106 ASP A CB  1 
ATOM   816  C  CG  . ASP A 1 106 ? -4.543  -3.780  -1.131  1.00 24.68  ? 106 ASP A CG  1 
ATOM   817  O  OD1 . ASP A 1 106 ? -3.595  -4.038  -1.898  1.00 24.53  ? 106 ASP A OD1 1 
ATOM   818  O  OD2 . ASP A 1 106 ? -5.814  -4.094  -1.345  1.00 25.92  ? 106 ASP A OD2 1 
ATOM   819  N  N   . VAL A 1 107 ? -1.603  -5.005  -0.152  1.00 14.82  ? 107 VAL A N   1 
ATOM   820  C  CA  . VAL A 1 107 ? -0.965  -6.284  0.034   1.00 15.43  ? 107 VAL A CA  1 
ATOM   821  C  C   . VAL A 1 107 ? 0.325   -6.341  -0.756  1.00 14.03  ? 107 VAL A C   1 
ATOM   822  O  O   . VAL A 1 107 ? 0.285   -6.189  -1.998  1.00 17.41  ? 107 VAL A O   1 
ATOM   823  C  CB  . VAL A 1 107 ? -1.919  -7.433  -0.429  1.00 15.51  ? 107 VAL A CB  1 
ATOM   824  C  CG1 . VAL A 1 107 ? -1.210  -8.797  -0.257  1.00 18.29  ? 107 VAL A CG1 1 
ATOM   825  C  CG2 . VAL A 1 107 ? -3.230  -7.394  0.362   1.00 17.42  ? 107 VAL A CG2 1 
ATOM   826  N  N   . LEU A 1 108 ? 1.447   -6.556  -0.075  1.00 14.61  ? 108 LEU A N   1 
ATOM   827  C  CA  . LEU A 1 108 ? 2.678   -6.831  -0.776  1.00 15.01  ? 108 LEU A CA  1 
ATOM   828  C  C   . LEU A 1 108 ? 2.804   -8.338  -1.071  1.00 15.24  ? 108 LEU A C   1 
ATOM   829  O  O   . LEU A 1 108 ? 2.891   -9.146  -0.148  1.00 16.52  ? 108 LEU A O   1 
ATOM   830  C  CB  . LEU A 1 108 ? 3.863   -6.275  0.000   1.00 15.37  ? 108 LEU A CB  1 
ATOM   831  C  CG  . LEU A 1 108 ? 5.302   -6.446  -0.611  1.00 15.30  ? 108 LEU A CG  1 
ATOM   832  C  CD1 . LEU A 1 108 ? 5.404   -5.629  -1.890  1.00 16.20  ? 108 LEU A CD1 1 
ATOM   833  C  CD2 . LEU A 1 108 ? 6.329   -6.025  0.441   1.00 16.88  ? 108 LEU A CD2 1 
ATOM   834  N  N   . TYR A 1 109 ? 2.885   -8.684  -2.346  1.00 14.01  ? 109 TYR A N   1 
ATOM   835  C  CA  . TYR A 1 109 ? 3.021   -10.031 -2.848  1.00 15.62  ? 109 TYR A CA  1 
ATOM   836  C  C   . TYR A 1 109 ? 4.298   -10.108 -3.710  1.00 14.44  ? 109 TYR A C   1 
ATOM   837  O  O   . TYR A 1 109 ? 5.394   -10.292 -3.138  1.00 15.25  ? 109 TYR A O   1 
ATOM   838  C  CB  . TYR A 1 109 ? 1.764   -10.356 -3.639  1.00 15.26  ? 109 TYR A CB  1 
ATOM   839  C  CG  . TYR A 1 109 ? 1.583   -11.722 -4.238  1.00 17.47  ? 109 TYR A CG  1 
ATOM   840  C  CD1 . TYR A 1 109 ? 2.273   -12.796 -3.752  1.00 19.09  ? 109 TYR A CD1 1 
ATOM   841  C  CD2 . TYR A 1 109 ? 0.555   -11.963 -5.166  1.00 21.09  ? 109 TYR A CD2 1 
ATOM   842  C  CE1 . TYR A 1 109 ? 2.057   -14.111 -4.240  1.00 21.18  ? 109 TYR A CE1 1 
ATOM   843  C  CE2 . TYR A 1 109 ? 0.319   -13.251 -5.652  1.00 22.01  ? 109 TYR A CE2 1 
ATOM   844  C  CZ  . TYR A 1 109 ? 1.086   -14.319 -5.174  1.00 23.97  ? 109 TYR A CZ  1 
ATOM   845  O  OH  . TYR A 1 109 ? 0.956   -15.612 -5.624  1.00 25.74  ? 109 TYR A OH  1 
ATOM   846  N  N   . THR A 1 110 ? 4.167   -9.973  -5.029  1.00 14.85  ? 110 THR A N   1 
ATOM   847  C  CA  . THR A 1 110 ? 5.306   -10.099 -5.897  1.00 15.56  ? 110 THR A CA  1 
ATOM   848  C  C   . THR A 1 110 ? 6.316   -8.920  -5.886  1.00 14.23  ? 110 THR A C   1 
ATOM   849  O  O   . THR A 1 110 ? 7.511   -9.081  -6.246  1.00 14.67  ? 110 THR A O   1 
ATOM   850  C  CB  . THR A 1 110 ? 4.935   -10.333 -7.378  1.00 15.17  ? 110 THR A CB  1 
ATOM   851  O  OG1 . THR A 1 110 ? 4.300   -9.174  -7.979  1.00 16.49  ? 110 THR A OG1 1 
ATOM   852  C  CG2 . THR A 1 110 ? 4.064   -11.563 -7.512  1.00 16.43  ? 110 THR A CG2 1 
ATOM   853  N  N   . GLY A 1 111 ? 5.783   -7.747  -5.560  1.00 12.43  ? 111 GLY A N   1 
ATOM   854  C  CA  . GLY A 1 111 ? 6.521   -6.495  -5.669  1.00 12.56  ? 111 GLY A CA  1 
ATOM   855  C  C   . GLY A 1 111 ? 6.383   -5.757  -6.981  1.00 14.28  ? 111 GLY A C   1 
ATOM   856  O  O   . GLY A 1 111 ? 6.882   -4.632  -7.127  1.00 14.77  ? 111 GLY A O   1 
ATOM   857  N  N   . ARG A 1 112 ? 5.705   -6.355  -7.963  1.00 15.18  ? 112 ARG A N   1 
ATOM   858  C  CA  . ARG A 1 112 ? 5.646   -5.814  -9.282  1.00 15.23  ? 112 ARG A CA  1 
ATOM   859  C  C   . ARG A 1 112 ? 4.834   -4.526  -9.381  1.00 16.41  ? 112 ARG A C   1 
ATOM   860  O  O   . ARG A 1 112 ? 5.175   -3.659  -10.192 1.00 17.15  ? 112 ARG A O   1 
ATOM   861  C  CB  . ARG A 1 112 ? 5.199   -6.854  -10.275 1.00 15.67  ? 112 ARG A CB  1 
ATOM   862  C  CG  . ARG A 1 112 ? 6.152   -8.026  -10.380 1.00 16.87  ? 112 ARG A CG  1 
ATOM   863  C  CD  . ARG A 1 112 ? 5.526   -9.173  -11.193 1.00 16.84  ? 112 ARG A CD  1 
ATOM   864  N  NE  . ARG A 1 112 ? 6.414   -10.308 -11.428 1.00 18.78  ? 112 ARG A NE  1 
ATOM   865  C  CZ  . ARG A 1 112 ? 7.361   -10.374 -12.380 1.00 20.56  ? 112 ARG A CZ  1 
ATOM   866  N  NH1 . ARG A 1 112 ? 7.597   -9.347  -13.133 1.00 22.28  ? 112 ARG A NH1 1 
ATOM   867  N  NH2 . ARG A 1 112 ? 8.142   -11.454 -12.497 1.00 20.59  ? 112 ARG A NH2 1 
ATOM   868  N  N   . THR A 1 113 ? 3.807   -4.381  -8.535  1.00 16.59  ? 113 THR A N   1 
ATOM   869  C  CA  . THR A 1 113 ? 2.980   -3.162  -8.519  1.00 15.16  ? 113 THR A CA  1 
ATOM   870  C  C   . THR A 1 113 ? 3.815   -2.033  -7.913  1.00 15.21  ? 113 THR A C   1 
ATOM   871  O  O   . THR A 1 113 ? 3.853   -0.921  -8.425  1.00 14.40  ? 113 THR A O   1 
ATOM   872  C  CB  . THR A 1 113 ? 1.647   -3.319  -7.721  1.00 15.21  ? 113 THR A CB  1 
ATOM   873  O  OG1 . THR A 1 113 ? 0.979   -4.498  -8.127  1.00 15.48  ? 113 THR A OG1 1 
ATOM   874  C  CG2 . THR A 1 113 ? 0.732   -2.123  -7.984  1.00 16.39  ? 113 THR A CG2 1 
ATOM   875  N  N   . VAL A 1 114 ? 4.559   -2.341  -6.844  1.00 14.01  ? 114 VAL A N   1 
ATOM   876  C  CA  . VAL A 1 114 ? 5.411   -1.324  -6.199  1.00 15.48  ? 114 VAL A CA  1 
ATOM   877  C  C   . VAL A 1 114 ? 6.498   -0.848  -7.178  1.00 15.21  ? 114 VAL A C   1 
ATOM   878  O  O   . VAL A 1 114 ? 6.808   0.338   -7.256  1.00 15.17  ? 114 VAL A O   1 
ATOM   879  C  CB  . VAL A 1 114 ? 6.080   -1.897  -4.927  1.00 14.93  ? 114 VAL A CB  1 
ATOM   880  C  CG1 . VAL A 1 114 ? 7.165   -0.941  -4.439  1.00 14.41  ? 114 VAL A CG1 1 
ATOM   881  C  CG2 . VAL A 1 114 ? 5.023   -2.124  -3.862  1.00 16.29  ? 114 VAL A CG2 1 
ATOM   882  N  N   . ARG A 1 115 ? 7.078   -1.764  -7.961  1.00 16.10  ? 115 ARG A N   1 
ATOM   883  C  CA  . ARG A 1 115 ? 8.062   -1.334  -8.991  1.00 16.31  ? 115 ARG A CA  1 
ATOM   884  C  C   . ARG A 1 115 ? 7.479   -0.314  -9.946  1.00 16.71  ? 115 ARG A C   1 
ATOM   885  O  O   . ARG A 1 115 ? 8.115   0.731   -10.179 1.00 17.01  ? 115 ARG A O   1 
ATOM   886  C  CB  . ARG A 1 115 ? 8.596   -2.533  -9.783  1.00 19.24  ? 115 ARG A CB  1 
ATOM   887  C  CG  . ARG A 1 115 ? 9.747   -2.101  -10.660 1.00 22.34  ? 115 ARG A CG  1 
ATOM   888  C  CD  . ARG A 1 115 ? 10.046  -3.126  -11.691 1.00 25.06  ? 115 ARG A CD  1 
ATOM   889  N  NE  . ARG A 1 115 ? 9.032   -3.217  -12.761 1.00 33.26  ? 115 ARG A NE  1 
ATOM   890  C  CZ  . ARG A 1 115 ? 9.058   -2.560  -13.900 1.00 32.74  ? 115 ARG A CZ  1 
ATOM   891  N  NH1 . ARG A 1 115 ? 10.066  -1.716  -14.183 1.00 36.69  ? 115 ARG A NH1 1 
ATOM   892  N  NH2 . ARG A 1 115 ? 8.082   -2.744  -14.767 1.00 47.01  ? 115 ARG A NH2 1 
ATOM   893  N  N   . ALA A 1 116 ? 6.294   -0.600  -10.498 1.00 15.52  ? 116 ALA A N   1 
ATOM   894  C  CA  . ALA A 1 116 ? 5.588   0.395   -11.321 1.00 16.78  ? 116 ALA A CA  1 
ATOM   895  C  C   . ALA A 1 116 ? 5.300   1.731   -10.644 1.00 17.33  ? 116 ALA A C   1 
ATOM   896  O  O   . ALA A 1 116 ? 5.476   2.826   -11.252 1.00 15.59  ? 116 ALA A O   1 
ATOM   897  C  CB  . ALA A 1 116 ? 4.343   -0.187  -11.879 1.00 18.05  ? 116 ALA A CB  1 
ATOM   898  N  N   . GLY A 1 117 ? 4.938   1.661   -9.362  1.00 15.08  ? 117 GLY A N   1 
ATOM   899  C  CA  . GLY A 1 117 ? 4.705   2.864   -8.533  1.00 15.91  ? 117 GLY A CA  1 
ATOM   900  C  C   . GLY A 1 117 ? 5.953   3.746   -8.441  1.00 15.37  ? 117 GLY A C   1 
ATOM   901  O  O   . GLY A 1 117 ? 5.897   4.993   -8.600  1.00 16.03  ? 117 GLY A O   1 
ATOM   902  N  N   . MET A 1 118 ? 7.089   3.096   -8.192  1.00 16.26  ? 118 MET A N   1 
ATOM   903  C  CA  . MET A 1 118 ? 8.393   3.809   -8.158  1.00 18.23  ? 118 MET A CA  1 
ATOM   904  C  C   . MET A 1 118 ? 8.736   4.443   -9.469  1.00 19.78  ? 118 MET A C   1 
ATOM   905  O  O   . MET A 1 118 ? 9.184   5.623   -9.466  1.00 18.44  ? 118 MET A O   1 
ATOM   906  C  CB  . MET A 1 118 ? 9.568   2.919   -7.736  1.00 21.11  ? 118 MET A CB  1 
ATOM   907  C  CG  . MET A 1 118 ? 9.526   2.414   -6.353  1.00 22.27  ? 118 MET A CG  1 
ATOM   908  S  SD  . MET A 1 118 ? 11.220  1.709   -5.993  1.00 24.73  ? 118 MET A SD  1 
ATOM   909  C  CE  . MET A 1 118 ? 11.004  0.163   -6.885  1.00 25.95  ? 118 MET A CE  1 
ATOM   910  N  N   . ASP A 1 119 ? 8.450   3.746   -10.590 1.00 20.85  ? 119 ASP A N   1 
ATOM   911  C  CA  . ASP A 1 119 ? 8.689   4.311   -11.905 1.00 24.19  ? 119 ASP A CA  1 
ATOM   912  C  C   . ASP A 1 119 ? 7.822   5.509   -12.117 1.00 20.94  ? 119 ASP A C   1 
ATOM   913  O  O   . ASP A 1 119 ? 8.294   6.518   -12.606 1.00 21.44  ? 119 ASP A O   1 
ATOM   914  C  CB  . ASP A 1 119 ? 8.332   3.344   -13.043 1.00 24.21  ? 119 ASP A CB  1 
ATOM   915  C  CG  . ASP A 1 119 ? 9.355   2.231   -13.237 1.00 28.29  ? 119 ASP A CG  1 
ATOM   916  O  OD1 . ASP A 1 119 ? 10.403  2.251   -12.589 1.00 32.66  ? 119 ASP A OD1 1 
ATOM   917  O  OD2 . ASP A 1 119 ? 9.027   1.295   -14.036 1.00 36.27  ? 119 ASP A OD2 1 
ATOM   918  N  N   . ALA A 1 120 ? 6.536   5.390   -11.752 1.00 17.94  ? 120 ALA A N   1 
ATOM   919  C  CA  . ALA A 1 120 ? 5.600   6.483   -11.930 1.00 19.27  ? 120 ALA A CA  1 
ATOM   920  C  C   . ALA A 1 120 ? 6.069   7.728   -11.145 1.00 18.74  ? 120 ALA A C   1 
ATOM   921  O  O   . ALA A 1 120 ? 6.017   8.857   -11.671 1.00 17.62  ? 120 ALA A O   1 
ATOM   922  C  CB  . ALA A 1 120 ? 4.211   6.072   -11.536 1.00 20.61  ? 120 ALA A CB  1 
ATOM   923  N  N   . LEU A 1 121 ? 6.551   7.536   -9.927  1.00 14.89  ? 121 LEU A N   1 
ATOM   924  C  CA  . LEU A 1 121 ? 7.030   8.678   -9.119  1.00 14.73  ? 121 LEU A CA  1 
ATOM   925  C  C   . LEU A 1 121 ? 8.164   9.361   -9.802  1.00 16.52  ? 121 LEU A C   1 
ATOM   926  O  O   . LEU A 1 121 ? 8.225   10.623  -9.875  1.00 17.08  ? 121 LEU A O   1 
ATOM   927  C  CB  . LEU A 1 121 ? 7.407   8.285   -7.698  1.00 14.47  ? 121 LEU A CB  1 
ATOM   928  C  CG  . LEU A 1 121 ? 6.302   7.748   -6.759  1.00 15.83  ? 121 LEU A CG  1 
ATOM   929  C  CD1 . LEU A 1 121 ? 6.815   7.133   -5.458  1.00 17.17  ? 121 LEU A CD1 1 
ATOM   930  C  CD2 . LEU A 1 121 ? 5.338   8.915   -6.511  1.00 15.92  ? 121 LEU A CD2 1 
ATOM   931  N  N   . MET A 1 122 ? 9.092   8.561   -10.316 1.00 16.59  ? 122 MET A N   1 
ATOM   932  C  CA  . MET A 1 122 ? 10.266  9.182   -11.001 1.00 19.35  ? 122 MET A CA  1 
ATOM   933  C  C   . MET A 1 122 ? 9.907   9.930   -12.315 1.00 19.19  ? 122 MET A C   1 
ATOM   934  O  O   . MET A 1 122 ? 10.643  10.861  -12.724 1.00 21.55  ? 122 MET A O   1 
ATOM   935  C  CB  . MET A 1 122 ? 11.345  8.127   -11.288 1.00 20.71  ? 122 MET A CB  1 
ATOM   936  C  CG  . MET A 1 122 ? 11.829  7.388   -10.106 1.00 23.78  ? 122 MET A CG  1 
ATOM   937  S  SD  . MET A 1 122 ? 12.489  8.488   -8.929  1.00 29.17  ? 122 MET A SD  1 
ATOM   938  C  CE  . MET A 1 122 ? 13.207  7.253   -7.799  1.00 28.39  ? 122 MET A CE  1 
ATOM   939  N  N   . ASP A 1 123 ? 8.823   9.529   -12.970 1.00 19.14  ? 123 ASP A N   1 
ATOM   940  C  CA  . ASP A 1 123 ? 8.284   10.317  -14.077 1.00 19.97  ? 123 ASP A CA  1 
ATOM   941  C  C   . ASP A 1 123 ? 7.806   11.711  -13.661 1.00 19.86  ? 123 ASP A C   1 
ATOM   942  O  O   . ASP A 1 123 ? 7.807   12.617  -14.473 1.00 21.55  ? 123 ASP A O   1 
ATOM   943  C  CB  . ASP A 1 123 ? 7.157   9.590   -14.809 1.00 24.84  ? 123 ASP A CB  1 
ATOM   944  C  CG  . ASP A 1 123 ? 7.569   8.268   -15.418 1.00 28.12  ? 123 ASP A CG  1 
ATOM   945  O  OD1 . ASP A 1 123 ? 8.739   8.048   -15.764 1.00 30.67  ? 123 ASP A OD1 1 
ATOM   946  O  OD2 . ASP A 1 123 ? 6.665   7.435   -15.602 1.00 30.70  ? 123 ASP A OD2 1 
ATOM   947  N  N   . LEU A 1 124 ? 7.464   11.899  -12.387 1.00 19.02  ? 124 LEU A N   1 
ATOM   948  C  CA  . LEU A 1 124 ? 6.841   13.143  -11.858 1.00 18.02  ? 124 LEU A CA  1 
ATOM   949  C  C   . LEU A 1 124 ? 7.791   14.030  -11.109 1.00 19.15  ? 124 LEU A C   1 
ATOM   950  O  O   . LEU A 1 124 ? 7.486   15.213  -10.881 1.00 20.29  ? 124 LEU A O   1 
ATOM   951  C  CB  . LEU A 1 124 ? 5.637   12.836  -10.969 1.00 18.99  ? 124 LEU A CB  1 
ATOM   952  C  CG  . LEU A 1 124 ? 4.435   12.221  -11.688 1.00 20.81  ? 124 LEU A CG  1 
ATOM   953  C  CD1 . LEU A 1 124 ? 3.425   11.718  -10.643 1.00 23.61  ? 124 LEU A CD1 1 
ATOM   954  C  CD2 . LEU A 1 124 ? 3.872   13.298  -12.618 1.00 21.70  ? 124 LEU A CD2 1 
ATOM   955  N  N   . GLY A 1 125 ? 8.905   13.498  -10.642 1.00 17.65  ? 125 GLY A N   1 
ATOM   956  C  CA  . GLY A 1 125 ? 9.835   14.308  -9.865  1.00 19.25  ? 125 GLY A CA  1 
ATOM   957  C  C   . GLY A 1 125 ? 10.979  13.457  -9.323  1.00 16.99  ? 125 GLY A C   1 
ATOM   958  O  O   . GLY A 1 125 ? 11.055  12.255  -9.688  1.00 18.95  ? 125 GLY A O   1 
ATOM   959  N  N   . ARG A 1 126 ? 11.751  13.995  -8.399  1.00 15.53  ? 126 ARG A N   1 
ATOM   960  C  CA  . ARG A 1 126 ? 12.981  13.372  -7.873  1.00 18.00  ? 126 ARG A CA  1 
ATOM   961  C  C   . ARG A 1 126 ? 12.966  13.364  -6.374  1.00 15.01  ? 126 ARG A C   1 
ATOM   962  O  O   . ARG A 1 126 ? 13.617  14.136  -5.691  1.00 14.49  ? 126 ARG A O   1 
ATOM   963  C  CB  . ARG A 1 126 ? 14.235  14.084  -8.436  1.00 21.61  ? 126 ARG A CB  1 
ATOM   964  C  CG  . ARG A 1 126 ? 14.258  14.062  -9.950  1.00 26.89  ? 126 ARG A CG  1 
ATOM   965  C  CD  . ARG A 1 126 ? 15.557  14.617  -10.569 1.00 28.68  ? 126 ARG A CD  1 
ATOM   966  N  NE  . ARG A 1 126 ? 15.923  15.852  -9.940  1.00 27.49  ? 126 ARG A NE  1 
ATOM   967  C  CZ  . ARG A 1 126 ? 15.401  17.027  -10.200 1.00 27.85  ? 126 ARG A CZ  1 
ATOM   968  N  NH1 . ARG A 1 126 ? 15.787  18.033  -9.468  1.00 33.33  ? 126 ARG A NH1 1 
ATOM   969  N  NH2 . ARG A 1 126 ? 14.471  17.185  -11.155 1.00 30.29  ? 126 ARG A NH2 1 
ATOM   970  N  N   . PRO A 1 127 ? 12.160  12.464  -5.777  1.00 14.94  ? 127 PRO A N   1 
ATOM   971  C  CA  . PRO A 1 127 ? 12.046  12.405  -4.317  1.00 14.08  ? 127 PRO A CA  1 
ATOM   972  C  C   . PRO A 1 127 ? 13.354  12.060  -3.654  1.00 15.69  ? 127 PRO A C   1 
ATOM   973  O  O   . PRO A 1 127 ? 14.158  11.325  -4.237  1.00 15.59  ? 127 PRO A O   1 
ATOM   974  C  CB  . PRO A 1 127 ? 11.064  11.276  -4.065  1.00 16.25  ? 127 PRO A CB  1 
ATOM   975  C  CG  . PRO A 1 127 ? 10.848  10.638  -5.361  1.00 16.18  ? 127 PRO A CG  1 
ATOM   976  C  CD  . PRO A 1 127 ? 11.369  11.453  -6.479  1.00 16.26  ? 127 PRO A CD  1 
ATOM   977  N  N   . SER A 1 128 ? 13.607  12.584  -2.456  1.00 15.22  ? 128 SER A N   1 
ATOM   978  C  CA  . SER A 1 128 ? 14.823  12.242  -1.750  1.00 16.87  ? 128 SER A CA  1 
ATOM   979  C  C   . SER A 1 128 ? 14.814  10.778  -1.299  1.00 18.01  ? 128 SER A C   1 
ATOM   980  O  O   . SER A 1 128 ? 15.889  10.162  -1.112  1.00 16.76  ? 128 SER A O   1 
ATOM   981  C  CB  . SER A 1 128 ? 15.012  13.166  -0.545  1.00 19.11  ? 128 SER A CB  1 
ATOM   982  O  OG  . SER A 1 128 ? 13.931  13.076  0.391   1.00 22.52  ? 128 SER A OG  1 
ATOM   983  N  N   . GLN A 1 129 ? 13.643  10.309  -0.939  1.00 15.84  ? 129 GLN A N   1 
ATOM   984  C  CA  . GLN A 1 129 ? 13.440  8.903   -0.521  1.00 15.62  ? 129 GLN A CA  1 
ATOM   985  C  C   . GLN A 1 129 ? 12.068  8.430   -0.995  1.00 16.17  ? 129 GLN A C   1 
ATOM   986  O  O   . GLN A 1 129 ? 11.097  9.214   -1.045  1.00 13.82  ? 129 GLN A O   1 
ATOM   987  C  CB  . GLN A 1 129 ? 13.394  8.743   0.983   1.00 19.93  ? 129 GLN A CB  1 
ATOM   988  C  CG  . GLN A 1 129 ? 14.600  9.135   1.751   1.00 21.51  ? 129 GLN A CG  1 
ATOM   989  C  CD  . GLN A 1 129 ? 14.347  8.900   3.205   1.00 22.44  ? 129 GLN A CD  1 
ATOM   990  O  OE1 . GLN A 1 129 ? 13.832  7.877   3.590   1.00 22.49  ? 129 GLN A OE1 1 
ATOM   991  N  NE2 . GLN A 1 129 ? 14.736  9.831   3.995   1.00 26.29  ? 129 GLN A NE2 1 
ATOM   992  N  N   . ILE A 1 130 ? 11.955  7.106   -1.271  1.00 13.77  ? 130 ILE A N   1 
ATOM   993  C  CA  . ILE A 1 130 ? 10.661  6.451   -1.385  1.00 13.87  ? 130 ILE A CA  1 
ATOM   994  C  C   . ILE A 1 130 ? 10.649  5.324   -0.351  1.00 14.57  ? 130 ILE A C   1 
ATOM   995  O  O   . ILE A 1 130 ? 11.538  4.452   -0.347  1.00 14.72  ? 130 ILE A O   1 
ATOM   996  C  CB  . ILE A 1 130 ? 10.422  5.870   -2.814  1.00 13.25  ? 130 ILE A CB  1 
ATOM   997  C  CG1 . ILE A 1 130 ? 10.592  6.990   -3.926  1.00 14.34  ? 130 ILE A CG1 1 
ATOM   998  C  CG2 . ILE A 1 130 ? 9.101   5.173   -2.917  1.00 14.72  ? 130 ILE A CG2 1 
ATOM   999  C  CD1 . ILE A 1 130 ? 10.446  6.553   -5.383  1.00 13.90  ? 130 ILE A CD1 1 
ATOM   1000 N  N   . GLN A 1 131 ? 9.676   5.379   0.545   1.00 14.09  ? 131 GLN A N   1 
ATOM   1001 C  CA  . GLN A 1 131 ? 9.441   4.325   1.568   1.00 12.87  ? 131 GLN A CA  1 
ATOM   1002 C  C   . GLN A 1 131 ? 8.152   3.587   1.138   1.00 12.93  ? 131 GLN A C   1 
ATOM   1003 O  O   . GLN A 1 131 ? 7.371   3.985   0.256   1.00 13.62  ? 131 GLN A O   1 
ATOM   1004 C  CB  . GLN A 1 131 ? 9.345   4.920   2.938   1.00 14.09  ? 131 GLN A CB  1 
ATOM   1005 C  CG  . GLN A 1 131 ? 10.559  5.744   3.344   1.00 15.48  ? 131 GLN A CG  1 
ATOM   1006 C  CD  . GLN A 1 131 ? 10.350  6.585   4.585   1.00 20.81  ? 131 GLN A CD  1 
ATOM   1007 O  OE1 . GLN A 1 131 ? 9.300   6.515   5.269   1.00 17.26  ? 131 GLN A OE1 1 
ATOM   1008 N  NE2 . GLN A 1 131 ? 11.336  7.459   4.855   1.00 22.63  ? 131 GLN A NE2 1 
ATOM   1009 N  N   . LEU A 1 132 ? 7.950   2.448   1.774   1.00 12.24  ? 132 LEU A N   1 
ATOM   1010 C  CA  . LEU A 1 132 ? 6.838   1.598   1.415   1.00 12.43  ? 132 LEU A CA  1 
ATOM   1011 C  C   . LEU A 1 132 ? 6.089   1.123   2.703   1.00 12.90  ? 132 LEU A C   1 
ATOM   1012 O  O   . LEU A 1 132 ? 6.670   0.431   3.559   1.00 13.93  ? 132 LEU A O   1 
ATOM   1013 C  CB  . LEU A 1 132 ? 7.307   0.410   0.620   1.00 12.57  ? 132 LEU A CB  1 
ATOM   1014 C  CG  . LEU A 1 132 ? 6.262   -0.638  0.266   1.00 12.56  ? 132 LEU A CG  1 
ATOM   1015 C  CD1 . LEU A 1 132 ? 5.122   -0.073  -0.555  1.00 12.90  ? 132 LEU A CD1 1 
ATOM   1016 C  CD2 . LEU A 1 132 ? 6.878   -1.819  -0.446  1.00 13.78  ? 132 LEU A CD2 1 
ATOM   1017 N  N   . ALA A 1 133 ? 4.815   1.433   2.785   1.00 11.90  ? 133 ALA A N   1 
ATOM   1018 C  CA  . ALA A 1 133 ? 3.914   0.937   3.853   1.00 12.33  ? 133 ALA A CA  1 
ATOM   1019 C  C   . ALA A 1 133 ? 2.885   -0.012  3.258   1.00 12.98  ? 133 ALA A C   1 
ATOM   1020 O  O   . ALA A 1 133 ? 2.286   0.293   2.229   1.00 13.54  ? 133 ALA A O   1 
ATOM   1021 C  CB  . ALA A 1 133 ? 3.207   2.089   4.525   1.00 13.23  ? 133 ALA A CB  1 
ATOM   1022 N  N   . VAL A 1 134 ? 2.679   -1.189  3.878   1.00 12.80  ? 134 VAL A N   1 
ATOM   1023 C  CA  . VAL A 1 134 ? 1.779   -2.161  3.385   1.00 13.50  ? 134 VAL A CA  1 
ATOM   1024 C  C   . VAL A 1 134 ? 0.913   -2.644  4.530   1.00 14.28  ? 134 VAL A C   1 
ATOM   1025 O  O   . VAL A 1 134 ? 1.406   -2.853  5.672   1.00 14.44  ? 134 VAL A O   1 
ATOM   1026 C  CB  . VAL A 1 134 ? 2.482   -3.333  2.674   1.00 13.73  ? 134 VAL A CB  1 
ATOM   1027 C  CG1 . VAL A 1 134 ? 3.421   -2.806  1.574   1.00 13.50  ? 134 VAL A CG1 1 
ATOM   1028 C  CG2 . VAL A 1 134 ? 3.160   -4.310  3.615   1.00 15.26  ? 134 VAL A CG2 1 
ATOM   1029 N  N   . LEU A 1 135 ? -0.354  -2.873  4.230   1.00 14.49  ? 135 LEU A N   1 
ATOM   1030 C  CA  . LEU A 1 135 ? -1.234  -3.413  5.294   1.00 14.53  ? 135 LEU A CA  1 
ATOM   1031 C  C   . LEU A 1 135 ? -0.922  -4.900  5.589   1.00 14.52  ? 135 LEU A C   1 
ATOM   1032 O  O   . LEU A 1 135 ? -0.741  -5.248  6.783   1.00 15.25  ? 135 LEU A O   1 
ATOM   1033 C  CB  . LEU A 1 135 ? -2.686  -3.199  4.935   1.00 15.77  ? 135 LEU A CB  1 
ATOM   1034 C  CG  . LEU A 1 135 ? -3.714  -3.704  5.969   1.00 16.30  ? 135 LEU A CG  1 
ATOM   1035 C  CD1 . LEU A 1 135 ? -3.638  -2.878  7.222   1.00 17.12  ? 135 LEU A CD1 1 
ATOM   1036 C  CD2 . LEU A 1 135 ? -5.098  -3.677  5.373   1.00 18.75  ? 135 LEU A CD2 1 
ATOM   1037 N  N   . VAL A 1 136 ? -0.783  -5.729  4.523   1.00 15.62  ? 136 VAL A N   1 
ATOM   1038 C  CA  . VAL A 1 136 ? -0.416  -7.124  4.652   1.00 15.04  ? 136 VAL A CA  1 
ATOM   1039 C  C   . VAL A 1 136 ? 0.814   -7.423  3.814   1.00 16.20  ? 136 VAL A C   1 
ATOM   1040 O  O   . VAL A 1 136 ? 0.884   -6.974  2.672   1.00 15.45  ? 136 VAL A O   1 
ATOM   1041 C  CB  . VAL A 1 136 ? -1.596  -8.018  4.167   1.00 18.02  ? 136 VAL A CB  1 
ATOM   1042 C  CG1 . VAL A 1 136 ? -1.160  -9.476  4.054   1.00 19.69  ? 136 VAL A CG1 1 
ATOM   1043 C  CG2 . VAL A 1 136 ? -2.735  -7.914  5.189   1.00 22.51  ? 136 VAL A CG2 1 
ATOM   1044 N  N   . ASP A 1 137 ? 1.763   -8.184  4.343   1.00 15.24  ? 137 ASP A N   1 
ATOM   1045 C  CA  . ASP A 1 137 ? 2.843   -8.753  3.548   1.00 16.17  ? 137 ASP A CA  1 
ATOM   1046 C  C   . ASP A 1 137 ? 2.597   -10.247 3.505   1.00 17.84  ? 137 ASP A C   1 
ATOM   1047 O  O   . ASP A 1 137 ? 2.631   -10.866 4.588   1.00 17.84  ? 137 ASP A O   1 
ATOM   1048 C  CB  . ASP A 1 137 ? 4.145   -8.459  4.220   1.00 18.21  ? 137 ASP A CB  1 
ATOM   1049 C  CG  . ASP A 1 137 ? 5.380   -8.921  3.432   1.00 21.03  ? 137 ASP A CG  1 
ATOM   1050 O  OD1 . ASP A 1 137 ? 5.292   -9.649  2.427   1.00 22.99  ? 137 ASP A OD1 1 
ATOM   1051 O  OD2 . ASP A 1 137 ? 6.459   -8.483  3.903   1.00 23.11  ? 137 ASP A OD2 1 
ATOM   1052 N  N   . ARG A 1 138 ? 2.369   -10.757 2.303   1.00 16.05  ? 138 ARG A N   1 
ATOM   1053 C  CA  . ARG A 1 138 ? 2.011   -12.183 2.165   1.00 17.36  ? 138 ARG A CA  1 
ATOM   1054 C  C   . ARG A 1 138 ? 3.189   -13.011 1.646   1.00 18.53  ? 138 ARG A C   1 
ATOM   1055 O  O   . ARG A 1 138 ? 3.055   -14.203 1.308   1.00 21.95  ? 138 ARG A O   1 
ATOM   1056 C  CB  . ARG A 1 138 ? 0.791   -12.319 1.288   1.00 16.79  ? 138 ARG A CB  1 
ATOM   1057 C  CG  . ARG A 1 138 ? 1.049   -12.099 -0.239  1.00 16.86  ? 138 ARG A CG  1 
ATOM   1058 C  CD  . ARG A 1 138 ? -0.149  -12.477 -1.070  1.00 18.61  ? 138 ARG A CD  1 
ATOM   1059 N  NE  . ARG A 1 138 ? -0.165  -13.946 -1.198  1.00 17.85  ? 138 ARG A NE  1 
ATOM   1060 C  CZ  . ARG A 1 138 ? -0.924  -14.620 -2.051  1.00 23.10  ? 138 ARG A CZ  1 
ATOM   1061 N  NH1 . ARG A 1 138 ? -1.808  -14.009 -2.838  1.00 26.90  ? 138 ARG A NH1 1 
ATOM   1062 N  NH2 . ARG A 1 138 ? -0.779  -15.921 -2.091  1.00 30.02  ? 138 ARG A NH2 1 
ATOM   1063 N  N   . GLY A 1 139 ? 4.325   -12.389 1.513   1.00 17.72  ? 139 GLY A N   1 
ATOM   1064 C  CA  . GLY A 1 139 ? 5.493   -13.048 0.992   1.00 21.12  ? 139 GLY A CA  1 
ATOM   1065 C  C   . GLY A 1 139 ? 5.483   -13.319 -0.495  1.00 18.31  ? 139 GLY A C   1 
ATOM   1066 O  O   . GLY A 1 139 ? 4.686   -12.753 -1.242  1.00 17.66  ? 139 GLY A O   1 
ATOM   1067 N  N   . HIS A 1 140 ? 6.420   -14.146 -0.905  1.00 17.45  ? 140 HIS A N   1 
ATOM   1068 C  CA  . HIS A 1 140 ? 6.541   -14.581 -2.322  1.00 20.14  ? 140 HIS A CA  1 
ATOM   1069 C  C   . HIS A 1 140 ? 6.950   -13.491 -3.339  1.00 17.44  ? 140 HIS A C   1 
ATOM   1070 O  O   . HIS A 1 140 ? 6.361   -13.346 -4.420  1.00 17.90  ? 140 HIS A O   1 
ATOM   1071 C  CB  . HIS A 1 140 ? 5.300   -15.303 -2.810  1.00 20.71  ? 140 HIS A CB  1 
ATOM   1072 C  CG  . HIS A 1 140 ? 5.008   -16.520 -2.015  1.00 24.27  ? 140 HIS A CG  1 
ATOM   1073 N  ND1 . HIS A 1 140 ? 5.656   -17.723 -2.230  1.00 26.74  ? 140 HIS A ND1 1 
ATOM   1074 C  CD2 . HIS A 1 140 ? 4.131   -16.735 -1.003  1.00 26.68  ? 140 HIS A CD2 1 
ATOM   1075 C  CE1 . HIS A 1 140 ? 5.210   -18.614 -1.354  1.00 31.13  ? 140 HIS A CE1 1 
ATOM   1076 N  NE2 . HIS A 1 140 ? 4.291   -18.033 -0.598  1.00 29.07  ? 140 HIS A NE2 1 
ATOM   1077 N  N   . ARG A 1 141 ? 7.942   -12.719 -2.924  1.00 17.03  ? 141 ARG A N   1 
ATOM   1078 C  CA  . ARG A 1 141 ? 8.510   -11.687 -3.776  1.00 17.56  ? 141 ARG A CA  1 
ATOM   1079 C  C   . ARG A 1 141 ? 9.044   -12.292 -5.049  1.00 16.07  ? 141 ARG A C   1 
ATOM   1080 O  O   . ARG A 1 141 ? 9.589   -13.430 -5.037  1.00 17.15  ? 141 ARG A O   1 
ATOM   1081 C  CB  . ARG A 1 141 ? 9.644   -10.902 -3.001  1.00 21.30  ? 141 ARG A CB  1 
ATOM   1082 C  CG  . ARG A 1 141 ? 9.424   -9.378  -2.909  1.00 28.13  ? 141 ARG A CG  1 
ATOM   1083 C  CD  . ARG A 1 141 ? 8.124   -8.942  -2.337  1.00 29.54  ? 141 ARG A CD  1 
ATOM   1084 N  NE  . ARG A 1 141 ? 8.266   -8.839  -0.921  1.00 38.49  ? 141 ARG A NE  1 
ATOM   1085 C  CZ  . ARG A 1 141 ? 7.406   -9.295  -0.031  1.00 31.70  ? 141 ARG A CZ  1 
ATOM   1086 N  NH1 . ARG A 1 141 ? 6.282   -9.877  -0.386  1.00 25.18  ? 141 ARG A NH1 1 
ATOM   1087 N  NH2 . ARG A 1 141 ? 7.766   -9.189  1.227   1.00 35.58  ? 141 ARG A NH2 1 
ATOM   1088 N  N   . GLU A 1 142 ? 8.877   -11.584 -6.155  1.00 15.71  ? 142 GLU A N   1 
ATOM   1089 C  CA  . GLU A 1 142 ? 9.497   -11.897 -7.430  1.00 15.04  ? 142 GLU A CA  1 
ATOM   1090 C  C   . GLU A 1 142 ? 10.493  -10.824 -7.896  1.00 16.65  ? 142 GLU A C   1 
ATOM   1091 O  O   . GLU A 1 142 ? 11.123  -10.960 -8.934  1.00 16.26  ? 142 GLU A O   1 
ATOM   1092 C  CB  . GLU A 1 142 ? 8.483   -12.155 -8.527  1.00 16.84  ? 142 GLU A CB  1 
ATOM   1093 C  CG  . GLU A 1 142 ? 7.662   -13.397 -8.287  1.00 18.77  ? 142 GLU A CG  1 
ATOM   1094 C  CD  . GLU A 1 142 ? 6.571   -13.672 -9.301  1.00 20.86  ? 142 GLU A CD  1 
ATOM   1095 O  OE1 . GLU A 1 142 ? 6.311   -12.901 -10.194 1.00 23.63  ? 142 GLU A OE1 1 
ATOM   1096 O  OE2 . GLU A 1 142 ? 5.845   -14.704 -9.087  1.00 28.65  ? 142 GLU A OE2 1 
ATOM   1097 N  N   . LEU A 1 143 ? 10.586  -9.741  -7.128  1.00 13.35  ? 143 LEU A N   1 
ATOM   1098 C  CA  . LEU A 1 143 ? 11.523  -8.614  -7.276  1.00 13.14  ? 143 LEU A CA  1 
ATOM   1099 C  C   . LEU A 1 143 ? 12.102  -8.311  -5.894  1.00 14.48  ? 143 LEU A C   1 
ATOM   1100 O  O   . LEU A 1 143 ? 11.491  -8.609  -4.854  1.00 16.30  ? 143 LEU A O   1 
ATOM   1101 C  CB  . LEU A 1 143 ? 10.777  -7.407  -7.752  1.00 14.36  ? 143 LEU A CB  1 
ATOM   1102 C  CG  . LEU A 1 143 ? 10.082  -7.475  -9.102  1.00 14.79  ? 143 LEU A CG  1 
ATOM   1103 C  CD1 . LEU A 1 143 ? 9.343   -6.196  -9.337  1.00 17.34  ? 143 LEU A CD1 1 
ATOM   1104 C  CD2 . LEU A 1 143 ? 11.040  -7.778  -10.222 1.00 16.21  ? 143 LEU A CD2 1 
ATOM   1105 N  N   . PRO A 1 144 ? 13.302  -7.691  -5.860  1.00 15.20  ? 144 PRO A N   1 
ATOM   1106 C  CA  . PRO A 1 144 ? 14.011  -7.439  -4.588  1.00 15.86  ? 144 PRO A CA  1 
ATOM   1107 C  C   . PRO A 1 144 ? 13.476  -6.189  -3.806  1.00 16.49  ? 144 PRO A C   1 
ATOM   1108 O  O   . PRO A 1 144 ? 14.178  -5.164  -3.643  1.00 17.68  ? 144 PRO A O   1 
ATOM   1109 C  CB  . PRO A 1 144 ? 15.468  -7.296  -5.065  1.00 16.62  ? 144 PRO A CB  1 
ATOM   1110 C  CG  . PRO A 1 144 ? 15.347  -6.689  -6.397  1.00 15.01  ? 144 PRO A CG  1 
ATOM   1111 C  CD  . PRO A 1 144 ? 14.142  -7.352  -7.007  1.00 14.69  ? 144 PRO A CD  1 
ATOM   1112 N  N   . ILE A 1 145 ? 12.226  -6.302  -3.420  1.00 15.58  ? 145 ILE A N   1 
ATOM   1113 C  CA  . ILE A 1 145 ? 11.398  -5.210  -2.812  1.00 15.38  ? 145 ILE A CA  1 
ATOM   1114 C  C   . ILE A 1 145 ? 11.117  -5.576  -1.372  1.00 15.31  ? 145 ILE A C   1 
ATOM   1115 O  O   . ILE A 1 145 ? 10.861  -6.753  -1.067  1.00 18.05  ? 145 ILE A O   1 
ATOM   1116 C  CB  . ILE A 1 145 ? 10.101  -4.959  -3.558  1.00 16.89  ? 145 ILE A CB  1 
ATOM   1117 C  CG1 . ILE A 1 145 ? 10.405  -4.606  -5.021  1.00 20.85  ? 145 ILE A CG1 1 
ATOM   1118 C  CG2 . ILE A 1 145 ? 9.233   -3.900  -2.823  1.00 17.27  ? 145 ILE A CG2 1 
ATOM   1119 C  CD1 . ILE A 1 145 ? 11.091  -3.346  -5.204  1.00 20.99  ? 145 ILE A CD1 1 
ATOM   1120 N  N   . ARG A 1 146 ? 11.234  -4.591  -0.458  1.00 15.10  ? 146 ARG A N   1 
ATOM   1121 C  CA  . ARG A 1 146 ? 10.891  -4.886  0.945   1.00 19.86  ? 146 ARG A CA  1 
ATOM   1122 C  C   . ARG A 1 146 ? 10.066  -3.715  1.481   1.00 18.32  ? 146 ARG A C   1 
ATOM   1123 O  O   . ARG A 1 146 ? 10.317  -2.559  1.123   1.00 20.54  ? 146 ARG A O   1 
ATOM   1124 C  CB  . ARG A 1 146 ? 12.108  -5.105  1.821   1.00 24.73  ? 146 ARG A CB  1 
ATOM   1125 C  CG  . ARG A 1 146 ? 12.969  -3.848  1.954   1.00 32.29  ? 146 ARG A CG  1 
ATOM   1126 C  CD  . ARG A 1 146 ? 13.821  -3.896  3.263   1.00 44.76  ? 146 ARG A CD  1 
ATOM   1127 N  NE  . ARG A 1 146 ? 14.827  -2.812  3.354   1.00 57.52  ? 146 ARG A NE  1 
ATOM   1128 C  CZ  . ARG A 1 146 ? 16.174  -2.941  3.463   1.00 60.28  ? 146 ARG A CZ  1 
ATOM   1129 N  NH1 . ARG A 1 146 ? 16.794  -4.129  3.527   1.00 62.30  ? 146 ARG A NH1 1 
ATOM   1130 N  NH2 . ARG A 1 146 ? 16.924  -1.836  3.536   1.00 56.39  ? 146 ARG A NH2 1 
ATOM   1131 N  N   . ALA A 1 147 ? 9.089   -4.025  2.296   1.00 15.75  ? 147 ALA A N   1 
ATOM   1132 C  CA  . ALA A 1 147 ? 8.332   -2.996  3.048   1.00 16.68  ? 147 ALA A CA  1 
ATOM   1133 C  C   . ALA A 1 147 ? 9.105   -2.398  4.201   1.00 17.30  ? 147 ALA A C   1 
ATOM   1134 O  O   . ALA A 1 147 ? 9.818   -3.099  4.928   1.00 19.06  ? 147 ALA A O   1 
ATOM   1135 C  CB  . ALA A 1 147 ? 7.060   -3.593  3.584   1.00 17.06  ? 147 ALA A CB  1 
ATOM   1136 N  N   . ASP A 1 148 ? 8.942   -1.103  4.401   1.00 14.90  ? 148 ASP A N   1 
ATOM   1137 C  CA  . ASP A 1 148 ? 9.488   -0.406  5.557   1.00 14.17  ? 148 ASP A CA  1 
ATOM   1138 C  C   . ASP A 1 148 ? 8.528   -0.548  6.760   1.00 14.91  ? 148 ASP A C   1 
ATOM   1139 O  O   . ASP A 1 148 ? 8.964   -0.558  7.951   1.00 16.73  ? 148 ASP A O   1 
ATOM   1140 C  CB  . ASP A 1 148 ? 9.675   1.037   5.217   1.00 16.22  ? 148 ASP A CB  1 
ATOM   1141 C  CG  . ASP A 1 148 ? 10.731  1.211   4.131   1.00 19.33  ? 148 ASP A CG  1 
ATOM   1142 O  OD1 . ASP A 1 148 ? 11.874  0.755   4.389   1.00 19.70  ? 148 ASP A OD1 1 
ATOM   1143 O  OD2 . ASP A 1 148 ? 10.446  1.708   3.029   1.00 17.43  ? 148 ASP A OD2 1 
ATOM   1144 N  N   . TYR A 1 149 ? 7.224   -0.581  6.464   1.00 13.15  ? 149 TYR A N   1 
ATOM   1145 C  CA  . TYR A 1 149 ? 6.174   -0.633  7.507   1.00 12.70  ? 149 TYR A CA  1 
ATOM   1146 C  C   . TYR A 1 149 ? 5.224   -1.710  7.088   1.00 14.28  ? 149 TYR A C   1 
ATOM   1147 O  O   . TYR A 1 149 ? 4.746   -1.713  5.906   1.00 14.97  ? 149 TYR A O   1 
ATOM   1148 C  CB  . TYR A 1 149 ? 5.420   0.675   7.646   1.00 13.98  ? 149 TYR A CB  1 
ATOM   1149 C  CG  . TYR A 1 149 ? 6.338   1.918   7.615   1.00 13.69  ? 149 TYR A CG  1 
ATOM   1150 C  CD1 . TYR A 1 149 ? 6.972   2.315   8.735   1.00 14.47  ? 149 TYR A CD1 1 
ATOM   1151 C  CD2 . TYR A 1 149 ? 6.552   2.615   6.450   1.00 14.42  ? 149 TYR A CD2 1 
ATOM   1152 C  CE1 . TYR A 1 149 ? 7.806   3.417   8.742   1.00 15.75  ? 149 TYR A CE1 1 
ATOM   1153 C  CE2 . TYR A 1 149 ? 7.376   3.749   6.416   1.00 12.90  ? 149 TYR A CE2 1 
ATOM   1154 C  CZ  . TYR A 1 149 ? 8.030   4.128   7.546   1.00 14.76  ? 149 TYR A CZ  1 
ATOM   1155 O  OH  . TYR A 1 149 ? 8.838   5.260   7.591   1.00 17.55  ? 149 TYR A OH  1 
ATOM   1156 N  N   . VAL A 1 150 ? 4.878   -2.590  8.048   1.00 13.61  ? 150 VAL A N   1 
ATOM   1157 C  CA  . VAL A 1 150 ? 4.004   -3.768  7.750   1.00 14.29  ? 150 VAL A CA  1 
ATOM   1158 C  C   . VAL A 1 150 ? 2.941   -3.857  8.840   1.00 15.01  ? 150 VAL A C   1 
ATOM   1159 O  O   . VAL A 1 150 ? 3.255   -3.858  10.019  1.00 16.09  ? 150 VAL A O   1 
ATOM   1160 C  CB  . VAL A 1 150 ? 4.792   -5.084  7.696   1.00 14.90  ? 150 VAL A CB  1 
ATOM   1161 C  CG1 . VAL A 1 150 ? 3.827   -6.256  7.504   1.00 14.91  ? 150 VAL A CG1 1 
ATOM   1162 C  CG2 . VAL A 1 150 ? 5.805   -5.079  6.572   1.00 15.77  ? 150 VAL A CG2 1 
ATOM   1163 N  N   . GLY A 1 151 ? 1.677   -3.839  8.430   1.00 13.43  ? 151 GLY A N   1 
ATOM   1164 C  CA  . GLY A 1 151 ? 0.556   -4.049  9.333   1.00 15.92  ? 151 GLY A CA  1 
ATOM   1165 C  C   . GLY A 1 151 ? 0.547   -5.450  9.929   1.00 16.47  ? 151 GLY A C   1 
ATOM   1166 O  O   . GLY A 1 151 ? 0.581   -5.569  11.185  1.00 18.00  ? 151 GLY A O   1 
ATOM   1167 N  N   . LYS A 1 152 ? 0.551   -6.455  9.078   1.00 15.27  ? 152 LYS A N   1 
ATOM   1168 C  CA  . LYS A 1 152 ? 0.576   -7.865  9.458   1.00 17.09  ? 152 LYS A CA  1 
ATOM   1169 C  C   . LYS A 1 152 ? 1.282   -8.722  8.418   1.00 16.65  ? 152 LYS A C   1 
ATOM   1170 O  O   . LYS A 1 152 ? 1.013   -8.642  7.210   1.00 14.80  ? 152 LYS A O   1 
ATOM   1171 C  CB  . LYS A 1 152 ? -0.835  -8.359  9.759   1.00 19.29  ? 152 LYS A CB  1 
ATOM   1172 C  CG  . LYS A 1 152 ? -0.824  -9.752  10.340  1.00 19.79  ? 152 LYS A CG  1 
ATOM   1173 C  CD  . LYS A 1 152 ? -2.251  -10.196 10.687  1.00 21.34  ? 152 LYS A CD  1 
ATOM   1174 C  CE  . LYS A 1 152 ? -2.291  -11.666 11.134  1.00 24.23  ? 152 LYS A CE  1 
ATOM   1175 N  NZ  . LYS A 1 152 ? -3.662  -12.027 11.684  1.00 22.95  ? 152 LYS A NZ  1 
ATOM   1176 N  N   . ASN A 1 153 ? 2.213   -9.558  8.878   1.00 17.04  ? 153 ASN A N   1 
ATOM   1177 C  CA  . ASN A 1 153 ? 2.786   -10.600 8.016   1.00 19.39  ? 153 ASN A CA  1 
ATOM   1178 C  C   . ASN A 1 153 ? 1.828   -11.790 7.982   1.00 21.75  ? 153 ASN A C   1 
ATOM   1179 O  O   . ASN A 1 153 ? 1.393   -12.298 9.058   1.00 22.90  ? 153 ASN A O   1 
ATOM   1180 C  CB  . ASN A 1 153 ? 4.153   -11.114 8.531   1.00 22.90  ? 153 ASN A CB  1 
ATOM   1181 C  CG  . ASN A 1 153 ? 5.241   -10.082 8.461   1.00 25.89  ? 153 ASN A CG  1 
ATOM   1182 O  OD1 . ASN A 1 153 ? 5.891   -9.751  9.482   1.00 37.37  ? 153 ASN A OD1 1 
ATOM   1183 N  ND2 . ASN A 1 153 ? 5.464   -9.553  7.317   1.00 21.48  ? 153 ASN A ND2 1 
ATOM   1184 N  N   . VAL A 1 154 ? 1.463   -12.237 6.809   1.00 19.13  ? 154 VAL A N   1 
ATOM   1185 C  CA  . VAL A 1 154 ? 0.513   -13.367 6.688   1.00 20.98  ? 154 VAL A CA  1 
ATOM   1186 C  C   . VAL A 1 154 ? 1.175   -14.451 5.829   1.00 22.54  ? 154 VAL A C   1 
ATOM   1187 O  O   . VAL A 1 154 ? 1.384   -14.272 4.627   1.00 22.25  ? 154 VAL A O   1 
ATOM   1188 C  CB  . VAL A 1 154 ? -0.823  -12.942 6.047   1.00 22.25  ? 154 VAL A CB  1 
ATOM   1189 C  CG1 . VAL A 1 154 ? -1.748  -14.159 5.959   1.00 23.17  ? 154 VAL A CG1 1 
ATOM   1190 C  CG2 . VAL A 1 154 ? -1.498  -11.862 6.917   1.00 22.89  ? 154 VAL A CG2 1 
ATOM   1191 N  N   . PRO A 1 155 ? 1.531   -15.572 6.425   1.00 25.53  ? 155 PRO A N   1 
ATOM   1192 C  CA  . PRO A 1 155 ? 2.096   -16.656 5.586   1.00 27.08  ? 155 PRO A CA  1 
ATOM   1193 C  C   . PRO A 1 155 ? 1.078   -17.228 4.625   1.00 24.77  ? 155 PRO A C   1 
ATOM   1194 O  O   . PRO A 1 155 ? -0.088  -17.452 4.977   1.00 24.99  ? 155 PRO A O   1 
ATOM   1195 C  CB  . PRO A 1 155 ? 2.533   -17.704 6.618   1.00 30.56  ? 155 PRO A CB  1 
ATOM   1196 C  CG  . PRO A 1 155 ? 1.588   -17.515 7.772   1.00 30.32  ? 155 PRO A CG  1 
ATOM   1197 C  CD  . PRO A 1 155 ? 1.363   -15.992 7.838   1.00 28.07  ? 155 PRO A CD  1 
ATOM   1198 N  N   . THR A 1 156 ? 1.535   -17.410 3.376   1.00 24.72  ? 156 THR A N   1 
ATOM   1199 C  CA  . THR A 1 156 ? 0.666   -17.845 2.299   1.00 24.23  ? 156 THR A CA  1 
ATOM   1200 C  C   . THR A 1 156 ? 1.427   -18.857 1.382   1.00 24.66  ? 156 THR A C   1 
ATOM   1201 O  O   . THR A 1 156 ? 2.672   -18.859 1.326   1.00 24.97  ? 156 THR A O   1 
ATOM   1202 C  CB  . THR A 1 156 ? 0.099   -16.694 1.433   1.00 24.27  ? 156 THR A CB  1 
ATOM   1203 O  OG1 . THR A 1 156 ? 1.144   -16.053 0.636   1.00 22.51  ? 156 THR A OG1 1 
ATOM   1204 C  CG2 . THR A 1 156 ? -0.674  -15.671 2.234   1.00 23.06  ? 156 THR A CG2 1 
ATOM   1205 N  N   . SER A 1 157 ? 0.634   -19.569 0.602   1.00 28.47  ? 157 SER A N   1 
ATOM   1206 C  CA  . SER A 1 157 ? 1.107   -20.300 -0.572  1.00 31.26  ? 157 SER A CA  1 
ATOM   1207 C  C   . SER A 1 157 ? 0.671   -19.565 -1.806  1.00 29.44  ? 157 SER A C   1 
ATOM   1208 O  O   . SER A 1 157 ? -0.301  -18.783 -1.768  1.00 27.96  ? 157 SER A O   1 
ATOM   1209 C  CB  . SER A 1 157 ? 0.461   -21.714 -0.564  1.00 33.97  ? 157 SER A CB  1 
ATOM   1210 O  OG  . SER A 1 157 ? -0.917  -21.597 -0.949  1.00 35.66  ? 157 SER A OG  1 
ATOM   1211 N  N   . LYS A 1 158 ? 1.283   -19.873 -2.964  1.00 30.47  ? 158 LYS A N   1 
ATOM   1212 C  CA  . LYS A 1 158 ? 0.809   -19.268 -4.220  1.00 33.75  ? 158 LYS A CA  1 
ATOM   1213 C  C   . LYS A 1 158 ? -0.617  -19.652 -4.676  1.00 30.92  ? 158 LYS A C   1 
ATOM   1214 O  O   . LYS A 1 158 ? -1.228  -18.906 -5.434  1.00 31.86  ? 158 LYS A O   1 
ATOM   1215 C  CB  . LYS A 1 158 ? 1.823   -19.481 -5.339  1.00 38.40  ? 158 LYS A CB  1 
ATOM   1216 C  CG  . LYS A 1 158 ? 3.146   -18.762 -5.048  1.00 42.17  ? 158 LYS A CG  1 
ATOM   1217 C  CD  . LYS A 1 158 ? 4.213   -19.021 -6.122  1.00 54.00  ? 158 LYS A CD  1 
ATOM   1218 C  CE  . LYS A 1 158 ? 4.782   -20.446 -5.995  1.00 60.83  ? 158 LYS A CE  1 
ATOM   1219 N  NZ  . LYS A 1 158 ? 5.900   -20.736 -6.946  1.00 65.95  ? 158 LYS A NZ  1 
ATOM   1220 N  N   . SER A 1 159 ? -1.190  -20.751 -4.152  1.00 29.66  ? 159 SER A N   1 
ATOM   1221 C  CA  . SER A 1 159 ? -2.592  -21.123 -4.515  1.00 33.31  ? 159 SER A CA  1 
ATOM   1222 C  C   . SER A 1 159 ? -3.655  -20.401 -3.665  1.00 31.94  ? 159 SER A C   1 
ATOM   1223 O  O   . SER A 1 159 ? -4.857  -20.568 -3.881  1.00 34.08  ? 159 SER A O   1 
ATOM   1224 C  CB  . SER A 1 159 ? -2.756  -22.663 -4.411  1.00 34.00  ? 159 SER A CB  1 
ATOM   1225 O  OG  . SER A 1 159 ? -2.078  -23.123 -3.261  1.00 40.98  ? 159 SER A OG  1 
ATOM   1226 N  N   . GLU A 1 160 ? -3.213  -19.536 -2.741  1.00 28.34  ? 160 GLU A N   1 
ATOM   1227 C  CA  . GLU A 1 160 ? -4.141  -18.748 -1.921  1.00 27.57  ? 160 GLU A CA  1 
ATOM   1228 C  C   . GLU A 1 160 ? -4.247  -17.348 -2.494  1.00 26.61  ? 160 GLU A C   1 
ATOM   1229 O  O   . GLU A 1 160 ? -3.333  -16.857 -3.183  1.00 25.38  ? 160 GLU A O   1 
ATOM   1230 C  CB  . GLU A 1 160 ? -3.643  -18.719 -0.476  1.00 26.31  ? 160 GLU A CB  1 
ATOM   1231 C  CG  . GLU A 1 160 ? -3.687  -20.124 0.120   1.00 30.12  ? 160 GLU A CG  1 
ATOM   1232 C  CD  . GLU A 1 160 ? -3.001  -20.284 1.444   1.00 32.91  ? 160 GLU A CD  1 
ATOM   1233 O  OE1 . GLU A 1 160 ? -2.081  -19.511 1.776   1.00 25.32  ? 160 GLU A OE1 1 
ATOM   1234 O  OE2 . GLU A 1 160 ? -3.368  -21.274 2.182   1.00 38.33  ? 160 GLU A OE2 1 
ATOM   1235 N  N   . ARG A 1 161 ? -5.401  -16.779 -2.274  1.00 30.20  ? 161 ARG A N   1 
ATOM   1236 C  CA  . ARG A 1 161 ? -5.703  -15.418 -2.642  1.00 33.12  ? 161 ARG A CA  1 
ATOM   1237 C  C   . ARG A 1 161 ? -5.999  -14.664 -1.346  1.00 30.85  ? 161 ARG A C   1 
ATOM   1238 O  O   . ARG A 1 161 ? -6.697  -15.195 -0.488  1.00 27.68  ? 161 ARG A O   1 
ATOM   1239 C  CB  . ARG A 1 161 ? -6.897  -15.360 -3.606  1.00 42.94  ? 161 ARG A CB  1 
ATOM   1240 C  CG  . ARG A 1 161 ? -8.206  -15.970 -3.112  1.00 59.26  ? 161 ARG A CG  1 
ATOM   1241 C  CD  . ARG A 1 161 ? -9.412  -15.522 -3.951  1.00 71.25  ? 161 ARG A CD  1 
ATOM   1242 N  NE  . ARG A 1 161 ? -10.695 -16.040 -3.470  1.00 74.23  ? 161 ARG A NE  1 
ATOM   1243 C  CZ  . ARG A 1 161 ? -11.862 -15.780 -4.059  1.00 96.16  ? 161 ARG A CZ  1 
ATOM   1244 N  NH1 . ARG A 1 161 ? -11.913 -15.031 -5.166  1.00 98.42  ? 161 ARG A NH1 1 
ATOM   1245 N  NH2 . ARG A 1 161 ? -12.990 -16.286 -3.557  1.00 108.18 ? 161 ARG A NH2 1 
ATOM   1246 N  N   . ILE A 1 162 ? -5.472  -13.438 -1.244  1.00 30.60  ? 162 ILE A N   1 
ATOM   1247 C  CA  . ILE A 1 162 ? -5.926  -12.450 -0.255  1.00 28.20  ? 162 ILE A CA  1 
ATOM   1248 C  C   . ILE A 1 162 ? -7.025  -11.531 -0.852  1.00 29.96  ? 162 ILE A C   1 
ATOM   1249 O  O   . ILE A 1 162 ? -6.872  -11.009 -1.956  1.00 29.08  ? 162 ILE A O   1 
ATOM   1250 C  CB  . ILE A 1 162 ? -4.741  -11.617 0.261   1.00 28.75  ? 162 ILE A CB  1 
ATOM   1251 C  CG1 . ILE A 1 162 ? -3.615  -12.521 0.833   1.00 31.52  ? 162 ILE A CG1 1 
ATOM   1252 C  CG2 . ILE A 1 162 ? -5.230  -10.566 1.266   1.00 28.79  ? 162 ILE A CG2 1 
ATOM   1253 C  CD1 . ILE A 1 162 ? -3.881  -13.208 2.150   1.00 33.13  ? 162 ILE A CD1 1 
ATOM   1254 N  N   . VAL A 1 163 ? -8.140  -11.358 -0.140  1.00 27.47  ? 163 VAL A N   1 
ATOM   1255 C  CA  . VAL A 1 163 ? -9.196  -10.371 -0.440  1.00 27.39  ? 163 VAL A CA  1 
ATOM   1256 C  C   . VAL A 1 163 ? -9.270  -9.280  0.648   1.00 24.95  ? 163 VAL A C   1 
ATOM   1257 O  O   . VAL A 1 163 ? -9.424  -9.567  1.841   1.00 21.44  ? 163 VAL A O   1 
ATOM   1258 C  CB  . VAL A 1 163 ? -10.582 -11.028 -0.571  1.00 33.22  ? 163 VAL A CB  1 
ATOM   1259 C  CG1 . VAL A 1 163 ? -11.611 -10.037 -1.086  1.00 35.65  ? 163 VAL A CG1 1 
ATOM   1260 C  CG2 . VAL A 1 163 ? -10.462 -12.196 -1.529  1.00 41.49  ? 163 VAL A CG2 1 
ATOM   1261 N  N   . VAL A 1 164 ? -9.160  -8.025  0.188   1.00 24.24  ? 164 VAL A N   1 
ATOM   1262 C  CA  . VAL A 1 164 ? -9.256  -6.837  0.997   1.00 21.71  ? 164 VAL A CA  1 
ATOM   1263 C  C   . VAL A 1 164 ? -10.582 -6.115  0.753   1.00 20.60  ? 164 VAL A C   1 
ATOM   1264 O  O   . VAL A 1 164 ? -10.919 -5.762  -0.378  1.00 24.91  ? 164 VAL A O   1 
ATOM   1265 C  CB  . VAL A 1 164 ? -8.005  -5.913  0.811   1.00 21.71  ? 164 VAL A CB  1 
ATOM   1266 C  CG1 . VAL A 1 164 ? -8.140  -4.704  1.691   1.00 23.54  ? 164 VAL A CG1 1 
ATOM   1267 C  CG2 . VAL A 1 164 ? -6.731  -6.646  1.187   1.00 22.43  ? 164 VAL A CG2 1 
ATOM   1268 N  N   . GLN A 1 165 ? -11.405 -6.043  1.789   1.00 21.95  ? 165 GLN A N   1 
ATOM   1269 C  CA  . GLN A 1 165 ? -12.579 -5.191  1.782   1.00 25.85  ? 165 GLN A CA  1 
ATOM   1270 C  C   . GLN A 1 165 ? -12.296 -3.952  2.655   1.00 27.18  ? 165 GLN A C   1 
ATOM   1271 O  O   . GLN A 1 165 ? -11.766 -4.053  3.762   1.00 23.60  ? 165 GLN A O   1 
ATOM   1272 C  CB  . GLN A 1 165 ? -13.775 -5.971  2.331   1.00 29.88  ? 165 GLN A CB  1 
ATOM   1273 C  CG  . GLN A 1 165 ? -14.098 -7.216  1.495   1.00 32.83  ? 165 GLN A CG  1 
ATOM   1274 C  CD  . GLN A 1 165 ? -15.202 -8.070  2.101   1.00 38.84  ? 165 GLN A CD  1 
ATOM   1275 O  OE1 . GLN A 1 165 ? -15.009 -8.804  3.064   1.00 39.54  ? 165 GLN A OE1 1 
ATOM   1276 N  NE2 . GLN A 1 165 ? -16.372 -7.996  1.495   1.00 41.76  ? 165 GLN A NE2 1 
ATOM   1277 N  N   . LEU A 1 166 ? -12.697 -2.803  2.158   1.00 25.67  ? 166 LEU A N   1 
ATOM   1278 C  CA  . LEU A 1 166 ? -12.713 -1.612  2.966   1.00 28.58  ? 166 LEU A CA  1 
ATOM   1279 C  C   . LEU A 1 166 ? -14.097 -0.953  2.811   1.00 27.57  ? 166 LEU A C   1 
ATOM   1280 O  O   . LEU A 1 166 ? -14.695 -1.037  1.756   1.00 31.32  ? 166 LEU A O   1 
ATOM   1281 C  CB  . LEU A 1 166 ? -11.612 -0.656  2.443   1.00 27.07  ? 166 LEU A CB  1 
ATOM   1282 C  CG  . LEU A 1 166 ? -10.158 -1.158  2.433   1.00 28.18  ? 166 LEU A CG  1 
ATOM   1283 C  CD1 . LEU A 1 166 ? -9.194  -0.181  1.736   1.00 28.47  ? 166 LEU A CD1 1 
ATOM   1284 C  CD2 . LEU A 1 166 ? -9.700  -1.442  3.839   1.00 27.22  ? 166 LEU A CD2 1 
ATOM   1285 N  N   . SER A 1 167 ? -14.596 -0.305  3.844   1.00 35.11  ? 167 SER A N   1 
ATOM   1286 C  CA  . SER A 1 167 ? -15.925 0.338   3.810   1.00 41.00  ? 167 SER A CA  1 
ATOM   1287 C  C   . SER A 1 167 ? -16.196 1.158   2.539   1.00 42.95  ? 167 SER A C   1 
ATOM   1288 O  O   . SER A 1 167 ? -17.272 1.027   1.924   1.00 41.42  ? 167 SER A O   1 
ATOM   1289 C  CB  . SER A 1 167 ? -16.085 1.325   4.985   1.00 42.09  ? 167 SER A CB  1 
ATOM   1290 O  OG  . SER A 1 167 ? -15.815 0.700   6.219   1.00 49.42  ? 167 SER A OG  1 
ATOM   1291 N  N   . GLU A 1 168 ? -15.218 2.006   2.203   1.00 38.04  ? 168 GLU A N   1 
ATOM   1292 C  CA  . GLU A 1 168 ? -15.313 2.997   1.146   1.00 39.24  ? 168 GLU A CA  1 
ATOM   1293 C  C   . GLU A 1 168 ? -15.564 2.293   -0.174  1.00 44.49  ? 168 GLU A C   1 
ATOM   1294 O  O   . GLU A 1 168 ? -15.930 2.947   -1.165  1.00 55.12  ? 168 GLU A O   1 
ATOM   1295 C  CB  . GLU A 1 168 ? -13.999 3.851   1.004   1.00 36.95  ? 168 GLU A CB  1 
ATOM   1296 C  CG  . GLU A 1 168 ? -13.404 4.593   2.235   1.00 38.71  ? 168 GLU A CG  1 
ATOM   1297 C  CD  . GLU A 1 168 ? -12.394 3.782   3.068   1.00 39.75  ? 168 GLU A CD  1 
ATOM   1298 O  OE1 . GLU A 1 168 ? -12.630 2.573   3.168   1.00 37.20  ? 168 GLU A OE1 1 
ATOM   1299 O  OE2 . GLU A 1 168 ? -11.421 4.337   3.674   1.00 38.64  ? 168 GLU A OE2 1 
ATOM   1300 N  N   . VAL A 1 169 ? -15.286 0.993   -0.233  1.00 46.23  ? 169 VAL A N   1 
ATOM   1301 C  CA  . VAL A 1 169 ? -15.397 0.237   -1.494  1.00 53.53  ? 169 VAL A CA  1 
ATOM   1302 C  C   . VAL A 1 169 ? -16.351 -0.991  -1.412  1.00 53.65  ? 169 VAL A C   1 
ATOM   1303 O  O   . VAL A 1 169 ? -16.896 -1.384  -2.442  1.00 57.64  ? 169 VAL A O   1 
ATOM   1304 C  CB  . VAL A 1 169 ? -13.990 -0.124  -2.091  1.00 54.63  ? 169 VAL A CB  1 
ATOM   1305 C  CG1 . VAL A 1 169 ? -13.098 1.101   -2.120  1.00 54.65  ? 169 VAL A CG1 1 
ATOM   1306 C  CG2 . VAL A 1 169 ? -13.294 -1.235  -1.324  1.00 58.75  ? 169 VAL A CG2 1 
ATOM   1307 N  N   . ASP A 1 170 ? -16.578 -1.531  -0.196  1.00 54.33  ? 170 ASP A N   1 
ATOM   1308 C  CA  . ASP A 1 170 ? -17.384 -2.756  0.072   1.00 48.10  ? 170 ASP A CA  1 
ATOM   1309 C  C   . ASP A 1 170 ? -18.447 -2.580  1.146   1.00 53.66  ? 170 ASP A C   1 
ATOM   1310 O  O   . ASP A 1 170 ? -19.246 -3.508  1.397   1.00 54.47  ? 170 ASP A O   1 
ATOM   1311 C  CB  . ASP A 1 170 ? -16.463 -3.879  0.581   1.00 50.30  ? 170 ASP A CB  1 
ATOM   1312 C  CG  . ASP A 1 170 ? -15.440 -4.291  -0.435  1.00 49.90  ? 170 ASP A CG  1 
ATOM   1313 O  OD1 . ASP A 1 170 ? -15.780 -5.179  -1.222  1.00 57.04  ? 170 ASP A OD1 1 
ATOM   1314 O  OD2 . ASP A 1 170 ? -14.305 -3.745  -0.448  1.00 52.45  ? 170 ASP A OD2 1 
ATOM   1315 N  N   . GLY A 1 171 ? -18.453 -1.434  1.826   1.00 48.82  ? 171 GLY A N   1 
ATOM   1316 C  CA  . GLY A 1 171 ? -19.330 -1.260  2.982   1.00 48.19  ? 171 GLY A CA  1 
ATOM   1317 C  C   . GLY A 1 171 ? -18.968 -2.127  4.178   1.00 42.40  ? 171 GLY A C   1 
ATOM   1318 O  O   . GLY A 1 171 ? -19.762 -2.206  5.146   1.00 34.78  ? 171 GLY A O   1 
ATOM   1319 N  N   . GLN A 1 172 ? -17.790 -2.785  4.093   1.00 41.89  ? 172 GLN A N   1 
ATOM   1320 C  CA  . GLN A 1 172 ? -17.141 -3.479  5.226   1.00 41.21  ? 172 GLN A CA  1 
ATOM   1321 C  C   . GLN A 1 172 ? -15.569 -3.420  5.165   1.00 34.61  ? 172 GLN A C   1 
ATOM   1322 O  O   . GLN A 1 172 ? -14.999 -3.395  4.092   1.00 33.75  ? 172 GLN A O   1 
ATOM   1323 C  CB  . GLN A 1 172 ? -17.586 -4.943  5.281   1.00 43.11  ? 172 GLN A CB  1 
ATOM   1324 C  CG  . GLN A 1 172 ? -17.225 -5.556  6.605   1.00 47.05  ? 172 GLN A CG  1 
ATOM   1325 C  CD  . GLN A 1 172 ? -17.464 -7.053  6.665   1.00 55.98  ? 172 GLN A CD  1 
ATOM   1326 O  OE1 . GLN A 1 172 ? -17.647 -7.733  5.649   1.00 52.86  ? 172 GLN A OE1 1 
ATOM   1327 N  NE2 . GLN A 1 172 ? -17.431 -7.576  7.880   1.00 64.16  ? 172 GLN A NE2 1 
ATOM   1328 N  N   . ASP A 1 173 ? -14.939 -3.353  6.338   1.00 31.08  ? 173 ASP A N   1 
ATOM   1329 C  CA  . ASP A 1 173 ? -13.496 -3.517  6.521   1.00 30.19  ? 173 ASP A CA  1 
ATOM   1330 C  C   . ASP A 1 173 ? -13.119 -4.937  6.930   1.00 27.29  ? 173 ASP A C   1 
ATOM   1331 O  O   . ASP A 1 173 ? -13.478 -5.344  8.034   1.00 26.51  ? 173 ASP A O   1 
ATOM   1332 C  CB  . ASP A 1 173 ? -13.071 -2.653  7.668   1.00 29.30  ? 173 ASP A CB  1 
ATOM   1333 C  CG  . ASP A 1 173 ? -12.769 -1.204  7.265   1.00 34.24  ? 173 ASP A CG  1 
ATOM   1334 O  OD1 . ASP A 1 173 ? -12.947 -0.820  6.083   1.00 35.58  ? 173 ASP A OD1 1 
ATOM   1335 O  OD2 . ASP A 1 173 ? -12.302 -0.437  8.177   1.00 34.32  ? 173 ASP A OD2 1 
ATOM   1336 N  N   . ARG A 1 174 ? -12.369 -5.681  6.090   1.00 25.26  ? 174 ARG A N   1 
ATOM   1337 C  CA  . ARG A 1 174 ? -11.944 -7.044  6.426   1.00 23.94  ? 174 ARG A CA  1 
ATOM   1338 C  C   . ARG A 1 174 ? -10.908 -7.557  5.427   1.00 25.98  ? 174 ARG A C   1 
ATOM   1339 O  O   . ARG A 1 174 ? -11.063 -7.352  4.220   1.00 24.16  ? 174 ARG A O   1 
ATOM   1340 C  CB  . ARG A 1 174 ? -13.176 -7.988  6.315   1.00 31.05  ? 174 ARG A CB  1 
ATOM   1341 C  CG  . ARG A 1 174 ? -12.899 -9.459  6.571   1.00 31.04  ? 174 ARG A CG  1 
ATOM   1342 C  CD  . ARG A 1 174 ? -14.179 -10.303 6.463   1.00 30.72  ? 174 ARG A CD  1 
ATOM   1343 N  NE  . ARG A 1 174 ? -14.884 -10.187 7.724   1.00 38.69  ? 174 ARG A NE  1 
ATOM   1344 C  CZ  . ARG A 1 174 ? -16.031 -10.776 8.024   1.00 47.20  ? 174 ARG A CZ  1 
ATOM   1345 N  NH1 . ARG A 1 174 ? -16.652 -11.538 7.114   1.00 49.16  ? 174 ARG A NH1 1 
ATOM   1346 N  NH2 . ARG A 1 174 ? -16.557 -10.588 9.240   1.00 44.11  ? 174 ARG A NH2 1 
ATOM   1347 N  N   . VAL A 1 175 ? -9.882  -8.256  5.900   1.00 21.49  ? 175 VAL A N   1 
ATOM   1348 C  CA  . VAL A 1 175 ? -8.967  -8.933  5.014   1.00 22.25  ? 175 VAL A CA  1 
ATOM   1349 C  C   . VAL A 1 175 ? -9.068  -10.435 5.246   1.00 23.76  ? 175 VAL A C   1 
ATOM   1350 O  O   . VAL A 1 175 ? -8.954  -10.890 6.396   1.00 23.51  ? 175 VAL A O   1 
ATOM   1351 C  CB  . VAL A 1 175 ? -7.501  -8.531  5.258   1.00 21.62  ? 175 VAL A CB  1 
ATOM   1352 C  CG1 . VAL A 1 175 ? -6.613  -9.218  4.251   1.00 23.98  ? 175 VAL A CG1 1 
ATOM   1353 C  CG2 . VAL A 1 175 ? -7.338  -7.013  5.188   1.00 21.98  ? 175 VAL A CG2 1 
ATOM   1354 N  N   . SER A 1 176 ? -9.294  -11.186 4.164   1.00 21.60  ? 176 SER A N   1 
ATOM   1355 C  CA  . SER A 1 176 ? -9.511  -12.626 4.235   1.00 23.65  ? 176 SER A CA  1 
ATOM   1356 C  C   . SER A 1 176 ? -8.564  -13.340 3.291   1.00 23.55  ? 176 SER A C   1 
ATOM   1357 O  O   . SER A 1 176 ? -8.058  -12.742 2.326   1.00 22.87  ? 176 SER A O   1 
ATOM   1358 C  CB  . SER A 1 176 ? -10.958 -12.995 3.812   1.00 24.06  ? 176 SER A CB  1 
ATOM   1359 O  OG  . SER A 1 176 ? -11.962 -12.305 4.569   1.00 25.97  ? 176 SER A OG  1 
ATOM   1360 N  N   . ILE A 1 177 ? -8.373  -14.648 3.550   1.00 24.24  ? 177 ILE A N   1 
ATOM   1361 C  CA  . ILE A 1 177 ? -7.582  -15.540 2.739   1.00 22.15  ? 177 ILE A CA  1 
ATOM   1362 C  C   . ILE A 1 177 ? -8.473  -16.738 2.340   1.00 25.62  ? 177 ILE A C   1 
ATOM   1363 O  O   . ILE A 1 177 ? -9.273  -17.210 3.137   1.00 21.79  ? 177 ILE A O   1 
ATOM   1364 C  CB  . ILE A 1 177 ? -6.307  -15.965 3.495   1.00 22.60  ? 177 ILE A CB  1 
ATOM   1365 C  CG1 . ILE A 1 177 ? -5.371  -16.789 2.594   1.00 25.03  ? 177 ILE A CG1 1 
ATOM   1366 C  CG2 . ILE A 1 177 ? -6.638  -16.735 4.761   1.00 24.33  ? 177 ILE A CG2 1 
ATOM   1367 C  CD1 . ILE A 1 177 ? -3.978  -16.905 3.189   1.00 26.11  ? 177 ILE A CD1 1 
ATOM   1368 N  N   . TYR A 1 178 ? -8.384  -17.158 1.081   1.00 28.17  ? 178 TYR A N   1 
ATOM   1369 C  CA  . TYR A 1 178 ? -9.098  -18.275 0.491   1.00 34.14  ? 178 TYR A CA  1 
ATOM   1370 C  C   . TYR A 1 178 ? -8.138  -19.156 -0.275  1.00 33.96  ? 178 TYR A C   1 
ATOM   1371 O  O   . TYR A 1 178 ? -7.144  -18.681 -0.850  1.00 29.10  ? 178 TYR A O   1 
ATOM   1372 C  CB  . TYR A 1 178 ? -10.040 -17.811 -0.616  1.00 44.16  ? 178 TYR A CB  1 
ATOM   1373 C  CG  . TYR A 1 178 ? -11.168 -16.948 -0.237  1.00 62.70  ? 178 TYR A CG  1 
ATOM   1374 C  CD1 . TYR A 1 178 ? -12.347 -17.518 0.222   1.00 80.48  ? 178 TYR A CD1 1 
ATOM   1375 C  CD2 . TYR A 1 178 ? -11.119 -15.564 -0.396  1.00 70.43  ? 178 TYR A CD2 1 
ATOM   1376 C  CE1 . TYR A 1 178 ? -13.446 -16.739 0.558   1.00 82.72  ? 178 TYR A CE1 1 
ATOM   1377 C  CE2 . TYR A 1 178 ? -12.222 -14.769 -0.051  1.00 77.98  ? 178 TYR A CE2 1 
ATOM   1378 C  CZ  . TYR A 1 178 ? -13.387 -15.370 0.429   1.00 78.82  ? 178 TYR A CZ  1 
ATOM   1379 O  OH  . TYR A 1 178 ? -14.504 -14.642 0.775   1.00 81.62  ? 178 TYR A OH  1 
ATOM   1380 N  N   . GLU A 1 179 ? -8.525  -20.424 -0.432  1.00 32.63  ? 179 GLU A N   1 
ATOM   1381 C  CA  . GLU A 1 179 ? -7.732  -21.383 -1.178  1.00 39.05  ? 179 GLU A CA  1 
ATOM   1382 C  C   . GLU A 1 179 ? -8.321  -21.444 -2.596  1.00 44.09  ? 179 GLU A C   1 
ATOM   1383 O  O   . GLU A 1 179 ? -9.553  -21.398 -2.743  1.00 43.19  ? 179 GLU A O   1 
ATOM   1384 C  CB  . GLU A 1 179 ? -7.761  -22.752 -0.442  1.00 38.84  ? 179 GLU A CB  1 
ATOM   1385 C  CG  . GLU A 1 179 ? -7.065  -23.852 -1.178  1.00 42.07  ? 179 GLU A CG  1 
ATOM   1386 C  CD  . GLU A 1 179 ? -5.579  -23.623 -1.416  1.00 40.59  ? 179 GLU A CD  1 
ATOM   1387 O  OE1 . GLU A 1 179 ? -4.900  -23.031 -0.554  1.00 41.25  ? 179 GLU A OE1 1 
ATOM   1388 O  OE2 . GLU A 1 179 ? -5.092  -24.133 -2.459  1.00 46.95  ? 179 GLU A OE2 1 
ATOM   1389 N  N   . LYS A 1 180 ? -7.452  -21.428 -3.619  1.00 53.50  ? 180 LYS A N   1 
ATOM   1390 C  CA  . LYS A 1 180 ? -7.824  -21.667 -5.035  1.00 67.37  ? 180 LYS A CA  1 
ATOM   1391 C  C   . LYS A 1 180 ? -7.724  -20.377 -5.833  1.00 68.29  ? 180 LYS A C   1 
ATOM   1392 O  O   . LYS A 1 180 ? -6.626  -19.946 -6.184  1.00 75.74  ? 180 LYS A O   1 
ATOM   1393 C  CB  . LYS A 1 180 ? -9.232  -22.271 -5.176  1.00 75.35  ? 180 LYS A CB  1 
ATOM   1394 C  CG  . LYS A 1 180 ? -9.527  -22.936 -6.517  1.00 82.82  ? 180 LYS A CG  1 
ATOM   1395 C  CD  . LYS A 1 180 ? -10.976 -23.433 -6.654  1.00 84.50  ? 180 LYS A CD  1 
ATOM   1396 C  CE  . LYS A 1 180 ? -11.152 -24.963 -6.581  1.00 88.85  ? 180 LYS A CE  1 
ATOM   1397 N  NZ  . LYS A 1 180 ? -10.160 -25.720 -7.401  1.00 88.18  ? 180 LYS A NZ  1 
HETATM 1398 S  S   . SO4 B 2 .   ? 2.803   -5.814  -5.331  1.00 15.86  ? 201 SO4 A S   1 
HETATM 1399 O  O1  . SO4 B 2 .   ? 1.700   -5.038  -4.708  1.00 15.70  ? 201 SO4 A O1  1 
HETATM 1400 O  O2  . SO4 B 2 .   ? 2.297   -6.354  -6.636  1.00 16.77  ? 201 SO4 A O2  1 
HETATM 1401 O  O3  . SO4 B 2 .   ? 3.945   -4.928  -5.634  1.00 16.35  ? 201 SO4 A O3  1 
HETATM 1402 O  O4  . SO4 B 2 .   ? 3.263   -6.976  -4.554  1.00 13.44  ? 201 SO4 A O4  1 
HETATM 1403 S  S   . SO4 C 2 .   ? -15.416 -8.472  12.557  1.00 55.83  ? 202 SO4 A S   1 
HETATM 1404 O  O1  . SO4 C 2 .   ? -16.581 -7.808  13.154  1.00 54.08  ? 202 SO4 A O1  1 
HETATM 1405 O  O2  . SO4 C 2 .   ? -15.833 -9.623  11.711  1.00 55.75  ? 202 SO4 A O2  1 
HETATM 1406 O  O3  . SO4 C 2 .   ? -14.695 -7.503  11.685  1.00 52.85  ? 202 SO4 A O3  1 
HETATM 1407 O  O4  . SO4 C 2 .   ? -14.563 -8.873  13.710  1.00 58.88  ? 202 SO4 A O4  1 
HETATM 1408 NA NA  . NA  D 3 .   ? -5.793  -3.281  -4.534  1.00 42.09  ? 203 NA  A NA  1 
HETATM 1409 O  OH2 . 1PE E 4 .   ? -4.644  21.224  -0.492  1.00 83.53  ? 204 1PE A OH2 1 
HETATM 1410 C  C12 . 1PE E 4 .   ? -4.789  20.112  -1.395  1.00 87.02  ? 204 1PE A C12 1 
HETATM 1411 C  C22 . 1PE E 4 .   ? -4.217  18.826  -0.798  1.00 83.76  ? 204 1PE A C22 1 
HETATM 1412 O  OH3 . 1PE E 4 .   ? -2.794  18.737  -0.957  1.00 76.22  ? 204 1PE A OH3 1 
HETATM 1413 C  C13 . 1PE E 4 .   ? -1.794  20.974  -0.951  1.00 83.77  ? 204 1PE A C13 1 
HETATM 1414 C  C23 . 1PE E 4 .   ? -2.074  19.690  -0.173  1.00 82.74  ? 204 1PE A C23 1 
HETATM 1415 O  OH4 . 1PE E 4 .   ? -1.368  21.985  -0.026  1.00 85.91  ? 204 1PE A OH4 1 
HETATM 1416 C  C14 . 1PE E 4 .   ? 0.448   23.075  -1.160  1.00 72.99  ? 204 1PE A C14 1 
HETATM 1417 C  C24 . 1PE E 4 .   ? 0.050   22.166  0.002   1.00 77.40  ? 204 1PE A C24 1 
HETATM 1418 O  OH5 . 1PE E 4 .   ? 1.808   23.455  -1.002  1.00 69.07  ? 204 1PE A OH5 1 
HETATM 1419 C  C15 . 1PE E 4 .   ? 4.101   22.571  -0.876  1.00 47.79  ? 204 1PE A C15 1 
HETATM 1420 C  C25 . 1PE E 4 .   ? 2.733   22.505  -1.557  1.00 60.33  ? 204 1PE A C25 1 
HETATM 1421 O  OH6 . 1PE E 4 .   ? 5.055   22.147  -1.814  1.00 40.79  ? 204 1PE A OH6 1 
HETATM 1422 C  C16 . 1PE E 4 .   ? 7.415   22.291  -2.395  1.00 49.68  ? 204 1PE A C16 1 
HETATM 1423 C  C26 . 1PE E 4 .   ? 6.351   22.319  -1.311  1.00 41.68  ? 204 1PE A C26 1 
HETATM 1424 O  OH7 . 1PE E 4 .   ? 6.826   21.769  -3.577  1.00 55.13  ? 204 1PE A OH7 1 
HETATM 1425 O  O   . HOH F 5 .   ? 5.086   13.140  17.539  1.00 32.22  ? 301 HOH A O   1 
HETATM 1426 O  O   . HOH F 5 .   ? 5.846   -14.952 -20.320 1.00 51.18  ? 302 HOH A O   1 
HETATM 1427 O  O   . HOH F 5 .   ? -13.944 -7.719  9.571   1.00 43.23  ? 303 HOH A O   1 
HETATM 1428 O  O   . HOH F 5 .   ? 13.466  -1.400  2.238   1.00 48.30  ? 304 HOH A O   1 
HETATM 1429 O  O   . HOH F 5 .   ? -11.263 4.525   11.364  1.00 49.40  ? 305 HOH A O   1 
HETATM 1430 O  O   . HOH F 5 .   ? -2.041  -21.310 4.157   1.00 38.15  ? 306 HOH A O   1 
HETATM 1431 O  O   . HOH F 5 .   ? 10.983  1.050   -10.431 1.00 29.06  ? 307 HOH A O   1 
HETATM 1432 O  O   . HOH F 5 .   ? 8.688   21.665  2.967   1.00 50.64  ? 308 HOH A O   1 
HETATM 1433 O  O   . HOH F 5 .   ? 0.204   -7.021  19.229  1.00 50.80  ? 309 HOH A O   1 
HETATM 1434 O  O   . HOH F 5 .   ? -10.961 -0.343  10.358  1.00 36.74  ? 310 HOH A O   1 
HETATM 1435 O  O   . HOH F 5 .   ? -6.993  3.413   15.607  1.00 45.40  ? 311 HOH A O   1 
HETATM 1436 O  O   . HOH F 5 .   ? 13.762  1.056   2.664   1.00 22.07  ? 312 HOH A O   1 
HETATM 1437 O  O   . HOH F 5 .   ? -10.186 -8.716  17.071  1.00 38.08  ? 313 HOH A O   1 
HETATM 1438 O  O   . HOH F 5 .   ? 0.127   13.551  -12.566 1.00 31.38  ? 314 HOH A O   1 
HETATM 1439 O  O   . HOH F 5 .   ? -7.224  11.788  5.150   1.00 45.23  ? 315 HOH A O   1 
HETATM 1440 O  O   . HOH F 5 .   ? 16.066  15.063  -5.987  1.00 33.05  ? 316 HOH A O   1 
HETATM 1441 O  O   . HOH F 5 .   ? 10.068  -15.283 -3.191  1.00 31.05  ? 317 HOH A O   1 
HETATM 1442 O  O   . HOH F 5 .   ? 1.562   3.763   -18.768 1.00 39.22  ? 318 HOH A O   1 
HETATM 1443 O  O   . HOH F 5 .   ? 7.032   4.964   -16.588 1.00 45.72  ? 319 HOH A O   1 
HETATM 1444 O  O   . HOH F 5 .   ? 13.306  3.340   1.385   1.00 22.91  ? 320 HOH A O   1 
HETATM 1445 O  O   . HOH F 5 .   ? 4.524   8.352   17.022  1.00 25.81  ? 321 HOH A O   1 
HETATM 1446 O  O   . HOH F 5 .   ? 11.273  18.553  -10.147 1.00 28.45  ? 322 HOH A O   1 
HETATM 1447 O  O   . HOH F 5 .   ? -10.189 6.748   3.280   1.00 32.32  ? 323 HOH A O   1 
HETATM 1448 O  O   . HOH F 5 .   ? -9.473  1.953   9.996   1.00 32.59  ? 324 HOH A O   1 
HETATM 1449 O  O   . HOH F 5 .   ? 6.189   -9.926  -16.385 1.00 26.10  ? 325 HOH A O   1 
HETATM 1450 O  O   . HOH F 5 .   ? 14.576  10.476  -6.835  1.00 25.07  ? 326 HOH A O   1 
HETATM 1451 O  O   . HOH F 5 .   ? 7.999   23.161  -5.662  1.00 36.99  ? 327 HOH A O   1 
HETATM 1452 O  O   . HOH F 5 .   ? 14.604  5.305   2.912   1.00 25.84  ? 328 HOH A O   1 
HETATM 1453 O  O   . HOH F 5 .   ? 4.162   15.289  -7.909  1.00 24.98  ? 329 HOH A O   1 
HETATM 1454 O  O   . HOH F 5 .   ? 6.542   16.456  -8.586  1.00 20.53  ? 330 HOH A O   1 
HETATM 1455 O  O   . HOH F 5 .   ? 5.124   16.499  -11.579 1.00 30.61  ? 331 HOH A O   1 
HETATM 1456 O  O   . HOH F 5 .   ? -5.463  13.782  -4.843  1.00 58.73  ? 332 HOH A O   1 
HETATM 1457 O  O   . HOH F 5 .   ? 15.225  1.292   4.940   1.00 33.10  ? 333 HOH A O   1 
HETATM 1458 O  O   . HOH F 5 .   ? 5.402   23.662  -5.131  1.00 25.47  ? 334 HOH A O   1 
HETATM 1459 O  O   . HOH F 5 .   ? 0.794   22.023  -4.637  1.00 20.77  ? 335 HOH A O   1 
HETATM 1460 O  O   . HOH F 5 .   ? 13.333  11.263  -11.830 1.00 33.94  ? 336 HOH A O   1 
HETATM 1461 O  O   . HOH F 5 .   ? 8.840   -6.721  3.268   1.00 27.81  ? 337 HOH A O   1 
HETATM 1462 O  O   . HOH F 5 .   ? 6.150   -6.908  -13.719 1.00 31.96  ? 338 HOH A O   1 
HETATM 1463 O  O   . HOH F 5 .   ? -8.685  -1.019  16.922  1.00 36.28  ? 339 HOH A O   1 
HETATM 1464 O  O   . HOH F 5 .   ? 4.974   -11.420 -18.293 1.00 31.83  ? 340 HOH A O   1 
HETATM 1465 O  O   . HOH F 5 .   ? -13.283 -6.219  14.505  1.00 30.50  ? 341 HOH A O   1 
HETATM 1466 O  O   . HOH F 5 .   ? 9.743   -5.809  6.136   1.00 43.51  ? 342 HOH A O   1 
HETATM 1467 O  O   . HOH F 5 .   ? -2.779  7.015   18.275  1.00 20.23  ? 343 HOH A O   1 
HETATM 1468 O  O   . HOH F 5 .   ? -5.651  -6.562  17.220  1.00 24.60  ? 344 HOH A O   1 
HETATM 1469 O  O   . HOH F 5 .   ? -20.063 1.159   0.789   1.00 46.38  ? 345 HOH A O   1 
HETATM 1470 O  O   . HOH F 5 .   ? 4.276   -16.448 -18.562 1.00 58.10  ? 346 HOH A O   1 
HETATM 1471 O  O   . HOH F 5 .   ? 3.584   21.796  -4.799  1.00 21.26  ? 347 HOH A O   1 
HETATM 1472 O  O   . HOH F 5 .   ? 9.588   -13.042 -0.379  1.00 32.83  ? 348 HOH A O   1 
HETATM 1473 O  O   . HOH F 5 .   ? -8.282  7.109   13.370  1.00 49.58  ? 349 HOH A O   1 
HETATM 1474 O  O   . HOH F 5 .   ? 0.328   14.431  -10.502 1.00 30.46  ? 350 HOH A O   1 
HETATM 1475 O  O   . HOH F 5 .   ? -0.265  10.565  -15.619 1.00 47.07  ? 351 HOH A O   1 
HETATM 1476 O  O   . HOH F 5 .   ? 8.091   -16.665 -10.103 1.00 43.93  ? 352 HOH A O   1 
HETATM 1477 O  O   . HOH F 5 .   ? -4.815  -10.356 -18.059 1.00 23.66  ? 353 HOH A O   1 
HETATM 1478 O  O   . HOH F 5 .   ? -2.615  16.807  17.890  1.00 48.66  ? 354 HOH A O   1 
HETATM 1479 O  O   . HOH F 5 .   ? 15.162  -6.774  4.201   1.00 49.13  ? 355 HOH A O   1 
HETATM 1480 O  O   . HOH F 5 .   ? -2.681  11.308  -15.079 1.00 35.86  ? 356 HOH A O   1 
HETATM 1481 O  O   . HOH F 5 .   ? -8.841  -0.588  -16.738 1.00 53.02  ? 357 HOH A O   1 
HETATM 1482 O  O   . HOH F 5 .   ? 13.058  15.069  -13.230 1.00 42.43  ? 358 HOH A O   1 
HETATM 1483 O  O   . HOH F 5 .   ? 8.130   -11.416 3.622   1.00 49.37  ? 359 HOH A O   1 
HETATM 1484 O  O   . HOH F 5 .   ? -1.978  15.988  -10.488 1.00 30.86  ? 360 HOH A O   1 
HETATM 1485 O  O   . HOH F 5 .   ? -3.416  21.251  -4.595  1.00 52.08  ? 361 HOH A O   1 
HETATM 1486 O  O   . HOH F 5 .   ? -15.353 -2.944  16.448  1.00 46.91  ? 362 HOH A O   1 
HETATM 1487 O  O   . HOH F 5 .   ? -13.438 -1.633  15.731  0.50 42.81  ? 363 HOH A O   1 
HETATM 1488 O  O   . HOH F 5 .   ? 2.603   15.519  -9.920  1.00 27.51  ? 364 HOH A O   1 
HETATM 1489 O  O   . HOH F 5 .   ? 5.941   9.925   -18.133 1.00 52.99  ? 365 HOH A O   1 
HETATM 1490 O  O   . HOH F 5 .   ? -7.013  1.090   17.048  1.00 36.28  ? 366 HOH A O   1 
HETATM 1491 O  O   . HOH F 5 .   ? 17.024  9.576   7.024   1.00 43.27  ? 367 HOH A O   1 
HETATM 1492 O  O   . HOH F 5 .   ? 8.939   2.754   15.119  1.00 49.92  ? 368 HOH A O   1 
HETATM 1493 O  O   . HOH F 5 .   ? 3.517   10.703  -15.751 1.00 42.26  ? 369 HOH A O   1 
HETATM 1494 O  O   . HOH F 5 .   ? 1.800   -8.955  -6.787  1.00 18.34  ? 370 HOH A O   1 
HETATM 1495 O  O   . HOH F 5 .   ? -0.794  -5.394  -4.333  1.00 24.21  ? 371 HOH A O   1 
HETATM 1496 O  O   . HOH F 5 .   ? 13.713  10.369  7.101   1.00 28.01  ? 372 HOH A O   1 
HETATM 1497 O  O   . HOH F 5 .   ? 6.281   -2.355  10.518  1.00 20.07  ? 373 HOH A O   1 
HETATM 1498 O  O   . HOH F 5 .   ? 10.644  14.073  7.932   1.00 24.69  ? 374 HOH A O   1 
HETATM 1499 O  O   . HOH F 5 .   ? -3.779  16.015  0.149   1.00 23.51  ? 375 HOH A O   1 
HETATM 1500 O  O   . HOH F 5 .   ? -3.064  -1.324  -2.993  1.00 22.71  ? 376 HOH A O   1 
HETATM 1501 O  O   . HOH F 5 .   ? -2.606  -10.952 -3.147  1.00 30.00  ? 377 HOH A O   1 
HETATM 1502 O  O   . HOH F 5 .   ? 4.280   -16.322 2.724   1.00 25.50  ? 378 HOH A O   1 
HETATM 1503 O  O   . HOH F 5 .   ? -7.936  -1.567  -5.252  1.00 33.57  ? 379 HOH A O   1 
HETATM 1504 O  O   . HOH F 5 .   ? 2.818   -9.717  11.772  1.00 24.64  ? 380 HOH A O   1 
HETATM 1505 O  O   . HOH F 5 .   ? -12.264 -9.901  2.970   1.00 31.21  ? 381 HOH A O   1 
HETATM 1506 O  O   . HOH F 5 .   ? -8.228  -0.074  -8.634  1.00 47.24  ? 382 HOH A O   1 
HETATM 1507 O  O   . HOH F 5 .   ? -0.981  -8.089  -4.522  1.00 37.43  ? 383 HOH A O   1 
HETATM 1508 O  O   . HOH F 5 .   ? 3.221   -2.497  12.320  1.00 27.95  ? 384 HOH A O   1 
HETATM 1509 O  O   . HOH F 5 .   ? 6.656   17.105  11.737  1.00 35.92  ? 385 HOH A O   1 
HETATM 1510 O  O   . HOH F 5 .   ? 7.761   -17.734 -3.904  1.00 34.03  ? 386 HOH A O   1 
HETATM 1511 O  O   . HOH F 5 .   ? -2.095  -3.161  -4.993  1.00 32.88  ? 387 HOH A O   1 
HETATM 1512 O  O   . HOH F 5 .   ? 5.032   17.421  2.868   1.00 29.32  ? 388 HOH A O   1 
HETATM 1513 O  O   . HOH F 5 .   ? 4.522   18.724  0.406   1.00 29.76  ? 389 HOH A O   1 
HETATM 1514 O  O   . HOH F 5 .   ? 6.886   -4.562  -12.358 1.00 29.81  ? 390 HOH A O   1 
HETATM 1515 O  O   . HOH F 5 .   ? 9.711   19.984  -4.073  1.00 33.12  ? 391 HOH A O   1 
HETATM 1516 O  O   . HOH F 5 .   ? 15.538  12.545  2.826   1.00 42.15  ? 392 HOH A O   1 
HETATM 1517 O  O   . HOH F 5 .   ? 3.606   -21.769 -2.978  1.00 40.28  ? 393 HOH A O   1 
HETATM 1518 O  O   . HOH F 5 .   ? 11.170  1.369   8.899   1.00 40.97  ? 394 HOH A O   1 
HETATM 1519 O  O   . HOH F 5 .   ? 1.457   -4.233  13.141  1.00 34.76  ? 395 HOH A O   1 
HETATM 1520 O  O   . HOH F 5 .   ? -4.701  -4.812  -11.182 1.00 36.03  ? 396 HOH A O   1 
HETATM 1521 O  O   . HOH F 5 .   ? 0.893   -23.293 -3.871  1.00 50.32  ? 397 HOH A O   1 
HETATM 1522 O  O   . HOH F 5 .   ? -9.064  -7.424  -2.932  1.00 47.14  ? 398 HOH A O   1 
HETATM 1523 O  O   . HOH F 5 .   ? 11.867  20.177  0.334   1.00 43.29  ? 399 HOH A O   1 
HETATM 1524 O  O   . HOH F 5 .   ? -3.464  -6.521  -3.453  1.00 33.21  ? 400 HOH A O   1 
HETATM 1525 O  O   . HOH F 5 .   ? 13.366  15.185  1.922   1.00 43.43  ? 401 HOH A O   1 
HETATM 1526 O  O   . HOH F 5 .   ? -4.009  15.313  3.471   1.00 39.99  ? 402 HOH A O   1 
HETATM 1527 O  O   . HOH F 5 .   ? 5.128   -14.570 4.721   1.00 49.14  ? 403 HOH A O   1 
HETATM 1528 O  O   . HOH F 5 .   ? 10.076  15.694  10.293  1.00 38.80  ? 404 HOH A O   1 
HETATM 1529 O  O   . HOH F 5 .   ? 5.969   -12.155 5.131   1.00 42.03  ? 405 HOH A O   1 
HETATM 1530 O  O   . HOH F 5 .   ? -4.625  -8.842  -2.615  1.00 40.01  ? 406 HOH A O   1 
HETATM 1531 O  O   . HOH F 5 .   ? -5.369  14.675  -1.430  1.00 39.69  ? 407 HOH A O   1 
HETATM 1532 O  O   . HOH F 5 .   ? 0.386   -14.238 10.657  1.00 50.00  ? 408 HOH A O   1 
HETATM 1533 O  O   . HOH F 5 .   ? -3.712  14.853  7.102   1.00 49.24  ? 409 HOH A O   1 
HETATM 1534 O  O   . HOH F 5 .   ? 14.407  6.687   7.079   1.00 52.05  ? 410 HOH A O   1 
HETATM 1535 O  O   . HOH F 5 .   ? -4.711  -12.593 -4.394  1.00 40.94  ? 411 HOH A O   1 
HETATM 1536 O  O   . HOH F 5 .   ? 7.609   -8.337  6.549   1.00 39.12  ? 412 HOH A O   1 
HETATM 1537 O  O   . HOH F 5 .   ? 8.231   -15.564 0.796   1.00 41.21  ? 413 HOH A O   1 
HETATM 1538 O  O   . HOH F 5 .   ? -7.038  13.422  0.222   1.00 45.42  ? 414 HOH A O   1 
HETATM 1539 O  O   . HOH F 5 .   ? 8.283   -14.407 3.766   1.00 44.42  ? 415 HOH A O   1 
HETATM 1540 O  O   . HOH F 5 .   ? -3.060  -14.618 -5.472  1.00 48.57  ? 416 HOH A O   1 
HETATM 1541 O  O   . HOH F 5 .   ? 4.219   -21.736 -0.514  1.00 52.73  ? 417 HOH A O   1 
HETATM 1542 O  O   . HOH F 5 .   ? 2.337   8.522   -15.678 1.00 53.06  ? 418 HOH A O   1 
HETATM 1543 O  O   . HOH F 5 .   ? 13.367  -2.464  5.838   1.00 52.04  ? 419 HOH A O   1 
HETATM 1544 O  O   . HOH F 5 .   ? 14.071  13.839  9.500   1.00 48.43  ? 420 HOH A O   1 
HETATM 1545 O  O   . HOH F 5 .   ? 9.740   3.405   12.893  1.00 41.61  ? 421 HOH A O   1 
HETATM 1546 O  O   . HOH F 5 .   ? 1.582   -12.343 11.858  1.00 44.88  ? 422 HOH A O   1 
HETATM 1547 O  O   . HOH F 5 .   ? 9.171   0.100   12.836  1.00 52.15  ? 423 HOH A O   1 
HETATM 1548 O  O   . HOH F 5 .   ? -5.719  9.351   -10.465 1.00 41.05  ? 424 HOH A O   1 
HETATM 1549 O  O   . HOH F 5 .   ? 5.337   -15.291 -6.204  1.00 38.31  ? 425 HOH A O   1 
HETATM 1550 O  O   . HOH F 5 .   ? 3.335   -17.922 -10.099 1.00 48.21  ? 426 HOH A O   1 
HETATM 1551 O  O   . HOH F 5 .   ? 0.223   -10.199 -8.530  1.00 34.18  ? 427 HOH A O   1 
HETATM 1552 O  O   . HOH F 5 .   ? -1.553  -5.329  -7.055  1.00 34.03  ? 428 HOH A O   1 
HETATM 1553 O  O   . HOH F 5 .   ? -2.090  -14.391 -8.774  1.00 51.82  ? 429 HOH A O   1 
HETATM 1554 O  O   . HOH F 5 .   ? 13.049  16.393  13.269  1.00 47.68  ? 430 HOH A O   1 
HETATM 1555 O  O   . HOH F 5 .   ? 9.423   -4.127  8.572   1.00 47.08  ? 431 HOH A O   1 
HETATM 1556 O  O   . HOH F 5 .   ? 14.507  20.210  1.450   1.00 55.85  ? 432 HOH A O   1 
HETATM 1557 O  O   . HOH F 5 .   ? 15.677  14.916  6.388   1.00 60.24  ? 433 HOH A O   1 
HETATM 1558 O  O   . HOH F 5 .   ? -6.346  -14.191 -9.883  1.00 63.47  ? 434 HOH A O   1 
HETATM 1559 O  O   . HOH F 5 .   ? 4.879   -6.528  11.408  1.00 47.63  ? 435 HOH A O   1 
HETATM 1560 O  O   . HOH F 5 .   ? 16.059  16.296  0.788   1.00 54.30  ? 436 HOH A O   1 
HETATM 1561 O  O   . HOH F 5 .   ? 17.100  18.803  0.054   1.00 57.59  ? 437 HOH A O   1 
# 
